data_2PZ9
# 
_entry.id   2PZ9 
# 
_audit.revision_id     1 
_audit.creation_date   2007-05-17 
_audit.update_record   'initial release' 
# 
_audit_conform.dict_name       mmcif_pdbx.dic 
_audit_conform.dict_version    5.397 
_audit_conform.dict_location   http://mmcif.pdb.org/dictionaries/ascii/mmcif_pdbx.dic 
# 
loop_
_database_2.database_id 
_database_2.database_code 
_database_2.pdbx_database_accession 
_database_2.pdbx_DOI 
PDB   2PZ9         pdb_00002pz9 10.2210/pdb2pz9/pdb 
RCSB  RCSB042950   ?            ?                   
WWPDB D_1000042950 ?            ?                   
# 
loop_
_pdbx_audit_revision_history.ordinal 
_pdbx_audit_revision_history.data_content_type 
_pdbx_audit_revision_history.major_revision 
_pdbx_audit_revision_history.minor_revision 
_pdbx_audit_revision_history.revision_date 
1 'Structure model' 1 0 2007-06-19 
2 'Structure model' 1 1 2007-11-14 
3 'Structure model' 1 2 2011-07-13 
4 'Structure model' 1 3 2022-04-13 
5 'Structure model' 1 4 2024-10-30 
# 
_pdbx_audit_revision_details.ordinal             1 
_pdbx_audit_revision_details.revision_ordinal    1 
_pdbx_audit_revision_details.data_content_type   'Structure model' 
_pdbx_audit_revision_details.provider            repository 
_pdbx_audit_revision_details.type                'Initial release' 
_pdbx_audit_revision_details.description         ? 
_pdbx_audit_revision_details.details             ? 
# 
loop_
_pdbx_audit_revision_group.ordinal 
_pdbx_audit_revision_group.revision_ordinal 
_pdbx_audit_revision_group.data_content_type 
_pdbx_audit_revision_group.group 
1 2 'Structure model' 'Version format compliance' 
2 3 'Structure model' Advisory                    
3 3 'Structure model' 'Derived calculations'      
4 3 'Structure model' 'Version format compliance' 
5 4 'Structure model' 'Database references'       
6 4 'Structure model' 'Derived calculations'      
7 4 'Structure model' 'Structure summary'         
8 5 'Structure model' 'Data collection'           
9 5 'Structure model' 'Structure summary'         
# 
loop_
_pdbx_audit_revision_category.ordinal 
_pdbx_audit_revision_category.revision_ordinal 
_pdbx_audit_revision_category.data_content_type 
_pdbx_audit_revision_category.category 
1 4 'Structure model' audit_author              
2 4 'Structure model' citation_author           
3 4 'Structure model' database_2                
4 4 'Structure model' struct_conn               
5 4 'Structure model' struct_site               
6 5 'Structure model' chem_comp_atom            
7 5 'Structure model' chem_comp_bond            
8 5 'Structure model' pdbx_entry_details        
9 5 'Structure model' pdbx_modification_feature 
# 
loop_
_pdbx_audit_revision_item.ordinal 
_pdbx_audit_revision_item.revision_ordinal 
_pdbx_audit_revision_item.data_content_type 
_pdbx_audit_revision_item.item 
1 4 'Structure model' '_audit_author.identifier_ORCID'      
2 4 'Structure model' '_citation_author.identifier_ORCID'   
3 4 'Structure model' '_database_2.pdbx_DOI'                
4 4 'Structure model' '_database_2.pdbx_database_accession' 
5 4 'Structure model' '_struct_conn.pdbx_leaving_atom_flag' 
6 4 'Structure model' '_struct_site.pdbx_auth_asym_id'      
7 4 'Structure model' '_struct_site.pdbx_auth_comp_id'      
8 4 'Structure model' '_struct_site.pdbx_auth_seq_id'       
# 
_pdbx_database_status.entry_id                        2PZ9 
_pdbx_database_status.deposit_site                    RCSB 
_pdbx_database_status.process_site                    RCSB 
_pdbx_database_status.recvd_initial_deposition_date   2007-05-17 
_pdbx_database_status.status_code                     REL 
_pdbx_database_status.status_code_sf                  REL 
_pdbx_database_status.status_code_mr                  ? 
_pdbx_database_status.SG_entry                        Y 
_pdbx_database_status.status_code_cs                  ? 
_pdbx_database_status.pdb_format_compatible           Y 
_pdbx_database_status.status_code_nmr_data            ? 
_pdbx_database_status.methods_development_category    ? 
# 
_pdbx_database_related.db_name        TargetDB 
_pdbx_database_related.db_id          APC6284 
_pdbx_database_related.details        . 
_pdbx_database_related.content_type   unspecified 
# 
loop_
_audit_author.name 
_audit_author.pdbx_ordinal 
_audit_author.identifier_ORCID 
'Filippova, E.V.'                               1  ?                   
'Chruszcz, M.'                                  2  ?                   
'Xu, X.'                                        3  ?                   
'Zheng, H.'                                     4  ?                   
'Cymborowski, M.'                               5  ?                   
'Savchenko, A.'                                 6  ?                   
'Edwards, A.'                                   7  ?                   
'Joachimiak, A.'                                8  ?                   
'Minor, W.'                                     9  0000-0001-7075-7090 
'Midwest Center for Structural Genomics (MCSG)' 10 ?                   
# 
_citation.id                        primary 
_citation.title                     'In situ proteolysis for protein crystallization and structure determination.' 
_citation.journal_abbrev            Nat.Methods 
_citation.journal_volume            4 
_citation.page_first                1019 
_citation.page_last                 1021 
_citation.year                      2007 
_citation.journal_id_ASTM           ? 
_citation.country                   US 
_citation.journal_id_ISSN           1548-7091 
_citation.journal_id_CSD            ? 
_citation.book_publisher            ? 
_citation.pdbx_database_id_PubMed   17982461 
_citation.pdbx_database_id_DOI      10.1038/nmeth1118 
# 
loop_
_citation_author.citation_id 
_citation_author.name 
_citation_author.ordinal 
_citation_author.identifier_ORCID 
primary 'Dong, A.'        1  ?                   
primary 'Xu, X.'          2  ?                   
primary 'Edwards, A.M.'   3  ?                   
primary 'Chang, C.'       4  ?                   
primary 'Chruszcz, M.'    5  ?                   
primary 'Cuff, M.'        6  ?                   
primary 'Cymborowski, M.' 7  ?                   
primary 'Di Leo, R.'      8  ?                   
primary 'Egorova, O.'     9  ?                   
primary 'Evdokimova, E.'  10 ?                   
primary 'Filippova, E.'   11 ?                   
primary 'Gu, J.'          12 ?                   
primary 'Guthrie, J.'     13 ?                   
primary 'Ignatchenko, A.' 14 ?                   
primary 'Joachimiak, A.'  15 ?                   
primary 'Klostermann, N.' 16 ?                   
primary 'Kim, Y.'         17 ?                   
primary 'Korniyenko, Y.'  18 ?                   
primary 'Minor, W.'       19 0000-0001-7075-7090 
primary 'Que, Q.'         20 ?                   
primary 'Savchenko, A.'   21 ?                   
primary 'Skarina, T.'     22 ?                   
primary 'Tan, K.'         23 ?                   
primary 'Yakunin, A.'     24 ?                   
primary 'Yee, A.'         25 ?                   
primary 'Yim, V.'         26 ?                   
primary 'Zhang, R.'       27 ?                   
primary 'Zheng, H.'       28 ?                   
primary 'Akutsu, M.'      29 ?                   
primary 'Arrowsmith, C.'  30 ?                   
primary 'Avvakumov, G.V.' 31 ?                   
primary 'Bochkarev, A.'   32 ?                   
primary 'Dahlgren, L.G.'  33 ?                   
primary 'Dhe-Paganon, S.' 34 ?                   
primary 'Dimov, S.'       35 ?                   
primary 'Dombrovski, L.'  36 ?                   
primary 'Finerty, P.'     37 ?                   
primary 'Flodin, S.'      38 ?                   
primary 'Flores, A.'      39 ?                   
primary 'Graslund, S.'    40 ?                   
primary 'Hammerstrom, M.' 41 ?                   
primary 'Herman, M.D.'    42 ?                   
primary 'Hong, B.S.'      43 ?                   
primary 'Hui, R.'         44 ?                   
primary 'Johansson, I.'   45 ?                   
primary 'Liu, Y.'         46 ?                   
primary 'Nilsson, M.'     47 ?                   
primary 'Nedyalkova, L.'  48 ?                   
primary 'Nordlund, P.'    49 ?                   
primary 'Nyman, T.'       50 ?                   
primary 'Min, J.'         51 ?                   
primary 'Ouyang, H.'      52 ?                   
primary 'Park, H.W.'      53 ?                   
primary 'Qi, C.'          54 ?                   
primary 'Rabeh, W.'       55 ?                   
primary 'Shen, L.'        56 ?                   
primary 'Shen, Y.'        57 ?                   
primary 'Sukumard, D.'    58 ?                   
primary 'Tempel, W.'      59 ?                   
primary 'Tong, Y.'        60 ?                   
primary 'Tresagues, L.'   61 ?                   
primary 'Vedadi, M.'      62 ?                   
primary 'Walker, J.R.'    63 ?                   
primary 'Weigelt, J.'     64 ?                   
primary 'Welin, M.'       65 ?                   
primary 'Wu, H.'          66 ?                   
primary 'Xiao, T.'        67 ?                   
primary 'Zeng, H.'        68 ?                   
primary 'Zhu, H.'         69 ?                   
# 
loop_
_entity.id 
_entity.type 
_entity.src_method 
_entity.pdbx_description 
_entity.formula_weight 
_entity.pdbx_number_of_molecules 
_entity.pdbx_ec 
_entity.pdbx_mutation 
_entity.pdbx_fragment 
_entity.details 
1 polymer     man 'Putative regulatory protein' 24736.199 1  ? ? ? ? 
2 non-polymer syn 'SULFATE ION'                 96.063    4  ? ? ? ? 
3 water       nat water                         18.015    10 ? ? ? ? 
# 
_entity_poly.entity_id                      1 
_entity_poly.type                           'polypeptide(L)' 
_entity_poly.nstd_linkage                   no 
_entity_poly.nstd_monomer                   yes 
_entity_poly.pdbx_seq_one_letter_code       
;(MSE)VAYPGP(MSE)PRSPSPGQTPDAPTSGGGSTDSTRQRIVAAAKEEFARHGIAGARVDRIAKQARTSKERVYAYFR
SKEALYAHVAERETTALIEATQLDPADLPGYAGILFDHFAARPDHYRLITWGRLELAESADNTSGPLQATIAGKLDKLRD
AQRIGLLDPAWDPVDVLALINQIA(MSE)TWAGQPEIAAAAADQAVDPSVTARRAALVTAVEH(MSE)FPRPDRDQRPNR
LT
;
_entity_poly.pdbx_seq_one_letter_code_can   
;MVAYPGPMPRSPSPGQTPDAPTSGGGSTDSTRQRIVAAAKEEFARHGIAGARVDRIAKQARTSKERVYAYFRSKEALYAH
VAERETTALIEATQLDPADLPGYAGILFDHFAARPDHYRLITWGRLELAESADNTSGPLQATIAGKLDKLRDAQRIGLLD
PAWDPVDVLALINQIAMTWAGQPEIAAAAADQAVDPSVTARRAALVTAVEHMFPRPDRDQRPNRLT
;
_entity_poly.pdbx_strand_id                 A 
_entity_poly.pdbx_target_identifier         APC6284 
# 
loop_
_pdbx_entity_nonpoly.entity_id 
_pdbx_entity_nonpoly.name 
_pdbx_entity_nonpoly.comp_id 
2 'SULFATE ION' SO4 
3 water         HOH 
# 
loop_
_entity_poly_seq.entity_id 
_entity_poly_seq.num 
_entity_poly_seq.mon_id 
_entity_poly_seq.hetero 
1 1   MSE n 
1 2   VAL n 
1 3   ALA n 
1 4   TYR n 
1 5   PRO n 
1 6   GLY n 
1 7   PRO n 
1 8   MSE n 
1 9   PRO n 
1 10  ARG n 
1 11  SER n 
1 12  PRO n 
1 13  SER n 
1 14  PRO n 
1 15  GLY n 
1 16  GLN n 
1 17  THR n 
1 18  PRO n 
1 19  ASP n 
1 20  ALA n 
1 21  PRO n 
1 22  THR n 
1 23  SER n 
1 24  GLY n 
1 25  GLY n 
1 26  GLY n 
1 27  SER n 
1 28  THR n 
1 29  ASP n 
1 30  SER n 
1 31  THR n 
1 32  ARG n 
1 33  GLN n 
1 34  ARG n 
1 35  ILE n 
1 36  VAL n 
1 37  ALA n 
1 38  ALA n 
1 39  ALA n 
1 40  LYS n 
1 41  GLU n 
1 42  GLU n 
1 43  PHE n 
1 44  ALA n 
1 45  ARG n 
1 46  HIS n 
1 47  GLY n 
1 48  ILE n 
1 49  ALA n 
1 50  GLY n 
1 51  ALA n 
1 52  ARG n 
1 53  VAL n 
1 54  ASP n 
1 55  ARG n 
1 56  ILE n 
1 57  ALA n 
1 58  LYS n 
1 59  GLN n 
1 60  ALA n 
1 61  ARG n 
1 62  THR n 
1 63  SER n 
1 64  LYS n 
1 65  GLU n 
1 66  ARG n 
1 67  VAL n 
1 68  TYR n 
1 69  ALA n 
1 70  TYR n 
1 71  PHE n 
1 72  ARG n 
1 73  SER n 
1 74  LYS n 
1 75  GLU n 
1 76  ALA n 
1 77  LEU n 
1 78  TYR n 
1 79  ALA n 
1 80  HIS n 
1 81  VAL n 
1 82  ALA n 
1 83  GLU n 
1 84  ARG n 
1 85  GLU n 
1 86  THR n 
1 87  THR n 
1 88  ALA n 
1 89  LEU n 
1 90  ILE n 
1 91  GLU n 
1 92  ALA n 
1 93  THR n 
1 94  GLN n 
1 95  LEU n 
1 96  ASP n 
1 97  PRO n 
1 98  ALA n 
1 99  ASP n 
1 100 LEU n 
1 101 PRO n 
1 102 GLY n 
1 103 TYR n 
1 104 ALA n 
1 105 GLY n 
1 106 ILE n 
1 107 LEU n 
1 108 PHE n 
1 109 ASP n 
1 110 HIS n 
1 111 PHE n 
1 112 ALA n 
1 113 ALA n 
1 114 ARG n 
1 115 PRO n 
1 116 ASP n 
1 117 HIS n 
1 118 TYR n 
1 119 ARG n 
1 120 LEU n 
1 121 ILE n 
1 122 THR n 
1 123 TRP n 
1 124 GLY n 
1 125 ARG n 
1 126 LEU n 
1 127 GLU n 
1 128 LEU n 
1 129 ALA n 
1 130 GLU n 
1 131 SER n 
1 132 ALA n 
1 133 ASP n 
1 134 ASN n 
1 135 THR n 
1 136 SER n 
1 137 GLY n 
1 138 PRO n 
1 139 LEU n 
1 140 GLN n 
1 141 ALA n 
1 142 THR n 
1 143 ILE n 
1 144 ALA n 
1 145 GLY n 
1 146 LYS n 
1 147 LEU n 
1 148 ASP n 
1 149 LYS n 
1 150 LEU n 
1 151 ARG n 
1 152 ASP n 
1 153 ALA n 
1 154 GLN n 
1 155 ARG n 
1 156 ILE n 
1 157 GLY n 
1 158 LEU n 
1 159 LEU n 
1 160 ASP n 
1 161 PRO n 
1 162 ALA n 
1 163 TRP n 
1 164 ASP n 
1 165 PRO n 
1 166 VAL n 
1 167 ASP n 
1 168 VAL n 
1 169 LEU n 
1 170 ALA n 
1 171 LEU n 
1 172 ILE n 
1 173 ASN n 
1 174 GLN n 
1 175 ILE n 
1 176 ALA n 
1 177 MSE n 
1 178 THR n 
1 179 TRP n 
1 180 ALA n 
1 181 GLY n 
1 182 GLN n 
1 183 PRO n 
1 184 GLU n 
1 185 ILE n 
1 186 ALA n 
1 187 ALA n 
1 188 ALA n 
1 189 ALA n 
1 190 ALA n 
1 191 ASP n 
1 192 GLN n 
1 193 ALA n 
1 194 VAL n 
1 195 ASP n 
1 196 PRO n 
1 197 SER n 
1 198 VAL n 
1 199 THR n 
1 200 ALA n 
1 201 ARG n 
1 202 ARG n 
1 203 ALA n 
1 204 ALA n 
1 205 LEU n 
1 206 VAL n 
1 207 THR n 
1 208 ALA n 
1 209 VAL n 
1 210 GLU n 
1 211 HIS n 
1 212 MSE n 
1 213 PHE n 
1 214 PRO n 
1 215 ARG n 
1 216 PRO n 
1 217 ASP n 
1 218 ARG n 
1 219 ASP n 
1 220 GLN n 
1 221 ARG n 
1 222 PRO n 
1 223 ASN n 
1 224 ARG n 
1 225 LEU n 
1 226 THR n 
# 
_entity_src_gen.entity_id                          1 
_entity_src_gen.pdbx_src_id                        1 
_entity_src_gen.pdbx_alt_source_flag               sample 
_entity_src_gen.pdbx_seq_type                      ? 
_entity_src_gen.pdbx_beg_seq_num                   ? 
_entity_src_gen.pdbx_end_seq_num                   ? 
_entity_src_gen.gene_src_common_name               ? 
_entity_src_gen.gene_src_genus                     Streptomyces 
_entity_src_gen.pdbx_gene_src_gene                 'SCO4942, 2SCK31.02c' 
_entity_src_gen.gene_src_species                   'Streptomyces coelicolor' 
_entity_src_gen.gene_src_strain                    'A3(2), M145' 
_entity_src_gen.gene_src_tissue                    ? 
_entity_src_gen.gene_src_tissue_fraction           ? 
_entity_src_gen.gene_src_details                   ? 
_entity_src_gen.pdbx_gene_src_fragment             ? 
_entity_src_gen.pdbx_gene_src_scientific_name      'Streptomyces coelicolor A3(2)' 
_entity_src_gen.pdbx_gene_src_ncbi_taxonomy_id     100226 
_entity_src_gen.pdbx_gene_src_variant              ? 
_entity_src_gen.pdbx_gene_src_cell_line            ? 
_entity_src_gen.pdbx_gene_src_atcc                 BAA-471 
_entity_src_gen.pdbx_gene_src_organ                ? 
_entity_src_gen.pdbx_gene_src_organelle            ? 
_entity_src_gen.pdbx_gene_src_cell                 ? 
_entity_src_gen.pdbx_gene_src_cellular_location    ? 
_entity_src_gen.host_org_common_name               ? 
_entity_src_gen.pdbx_host_org_scientific_name      'Escherichia coli' 
_entity_src_gen.pdbx_host_org_ncbi_taxonomy_id     562 
_entity_src_gen.host_org_genus                     Escherichia 
_entity_src_gen.pdbx_host_org_gene                 ? 
_entity_src_gen.pdbx_host_org_organ                ? 
_entity_src_gen.host_org_species                   ? 
_entity_src_gen.pdbx_host_org_tissue               ? 
_entity_src_gen.pdbx_host_org_tissue_fraction      ? 
_entity_src_gen.pdbx_host_org_strain               'BL21(DE3) GOLD MAGIC' 
_entity_src_gen.pdbx_host_org_variant              ? 
_entity_src_gen.pdbx_host_org_cell_line            ? 
_entity_src_gen.pdbx_host_org_atcc                 ? 
_entity_src_gen.pdbx_host_org_culture_collection   ? 
_entity_src_gen.pdbx_host_org_cell                 ? 
_entity_src_gen.pdbx_host_org_organelle            ? 
_entity_src_gen.pdbx_host_org_cellular_location    ? 
_entity_src_gen.pdbx_host_org_vector_type          Plasmid 
_entity_src_gen.pdbx_host_org_vector               ? 
_entity_src_gen.host_org_details                   ? 
_entity_src_gen.expression_system_id               ? 
_entity_src_gen.plasmid_name                       'p15TV LIC' 
_entity_src_gen.plasmid_details                    ? 
_entity_src_gen.pdbx_description                   ? 
# 
loop_
_chem_comp.id 
_chem_comp.type 
_chem_comp.mon_nstd_flag 
_chem_comp.name 
_chem_comp.pdbx_synonyms 
_chem_comp.formula 
_chem_comp.formula_weight 
ALA 'L-peptide linking' y ALANINE          ? 'C3 H7 N O2'     89.093  
ARG 'L-peptide linking' y ARGININE         ? 'C6 H15 N4 O2 1' 175.209 
ASN 'L-peptide linking' y ASPARAGINE       ? 'C4 H8 N2 O3'    132.118 
ASP 'L-peptide linking' y 'ASPARTIC ACID'  ? 'C4 H7 N O4'     133.103 
GLN 'L-peptide linking' y GLUTAMINE        ? 'C5 H10 N2 O3'   146.144 
GLU 'L-peptide linking' y 'GLUTAMIC ACID'  ? 'C5 H9 N O4'     147.129 
GLY 'peptide linking'   y GLYCINE          ? 'C2 H5 N O2'     75.067  
HIS 'L-peptide linking' y HISTIDINE        ? 'C6 H10 N3 O2 1' 156.162 
HOH non-polymer         . WATER            ? 'H2 O'           18.015  
ILE 'L-peptide linking' y ISOLEUCINE       ? 'C6 H13 N O2'    131.173 
LEU 'L-peptide linking' y LEUCINE          ? 'C6 H13 N O2'    131.173 
LYS 'L-peptide linking' y LYSINE           ? 'C6 H15 N2 O2 1' 147.195 
MSE 'L-peptide linking' n SELENOMETHIONINE ? 'C5 H11 N O2 Se' 196.106 
PHE 'L-peptide linking' y PHENYLALANINE    ? 'C9 H11 N O2'    165.189 
PRO 'L-peptide linking' y PROLINE          ? 'C5 H9 N O2'     115.130 
SER 'L-peptide linking' y SERINE           ? 'C3 H7 N O3'     105.093 
SO4 non-polymer         . 'SULFATE ION'    ? 'O4 S -2'        96.063  
THR 'L-peptide linking' y THREONINE        ? 'C4 H9 N O3'     119.119 
TRP 'L-peptide linking' y TRYPTOPHAN       ? 'C11 H12 N2 O2'  204.225 
TYR 'L-peptide linking' y TYROSINE         ? 'C9 H11 N O3'    181.189 
VAL 'L-peptide linking' y VALINE           ? 'C5 H11 N O2'    117.146 
# 
loop_
_pdbx_poly_seq_scheme.asym_id 
_pdbx_poly_seq_scheme.entity_id 
_pdbx_poly_seq_scheme.seq_id 
_pdbx_poly_seq_scheme.mon_id 
_pdbx_poly_seq_scheme.ndb_seq_num 
_pdbx_poly_seq_scheme.pdb_seq_num 
_pdbx_poly_seq_scheme.auth_seq_num 
_pdbx_poly_seq_scheme.pdb_mon_id 
_pdbx_poly_seq_scheme.auth_mon_id 
_pdbx_poly_seq_scheme.pdb_strand_id 
_pdbx_poly_seq_scheme.pdb_ins_code 
_pdbx_poly_seq_scheme.hetero 
A 1 1   MSE 1   1   ?   ?   ?   A . n 
A 1 2   VAL 2   2   ?   ?   ?   A . n 
A 1 3   ALA 3   3   ?   ?   ?   A . n 
A 1 4   TYR 4   4   ?   ?   ?   A . n 
A 1 5   PRO 5   5   ?   ?   ?   A . n 
A 1 6   GLY 6   6   ?   ?   ?   A . n 
A 1 7   PRO 7   7   ?   ?   ?   A . n 
A 1 8   MSE 8   8   ?   ?   ?   A . n 
A 1 9   PRO 9   9   ?   ?   ?   A . n 
A 1 10  ARG 10  10  ?   ?   ?   A . n 
A 1 11  SER 11  11  ?   ?   ?   A . n 
A 1 12  PRO 12  12  ?   ?   ?   A . n 
A 1 13  SER 13  13  ?   ?   ?   A . n 
A 1 14  PRO 14  14  ?   ?   ?   A . n 
A 1 15  GLY 15  15  ?   ?   ?   A . n 
A 1 16  GLN 16  16  ?   ?   ?   A . n 
A 1 17  THR 17  17  ?   ?   ?   A . n 
A 1 18  PRO 18  18  ?   ?   ?   A . n 
A 1 19  ASP 19  19  ?   ?   ?   A . n 
A 1 20  ALA 20  20  ?   ?   ?   A . n 
A 1 21  PRO 21  21  ?   ?   ?   A . n 
A 1 22  THR 22  22  ?   ?   ?   A . n 
A 1 23  SER 23  23  ?   ?   ?   A . n 
A 1 24  GLY 24  24  ?   ?   ?   A . n 
A 1 25  GLY 25  25  ?   ?   ?   A . n 
A 1 26  GLY 26  26  ?   ?   ?   A . n 
A 1 27  SER 27  27  ?   ?   ?   A . n 
A 1 28  THR 28  28  ?   ?   ?   A . n 
A 1 29  ASP 29  29  ?   ?   ?   A . n 
A 1 30  SER 30  30  30  SER SER A . n 
A 1 31  THR 31  31  31  THR THR A . n 
A 1 32  ARG 32  32  32  ARG ARG A . n 
A 1 33  GLN 33  33  33  GLN GLN A . n 
A 1 34  ARG 34  34  34  ARG ARG A . n 
A 1 35  ILE 35  35  35  ILE ILE A . n 
A 1 36  VAL 36  36  36  VAL VAL A . n 
A 1 37  ALA 37  37  37  ALA ALA A . n 
A 1 38  ALA 38  38  38  ALA ALA A . n 
A 1 39  ALA 39  39  39  ALA ALA A . n 
A 1 40  LYS 40  40  40  LYS LYS A . n 
A 1 41  GLU 41  41  41  GLU GLU A . n 
A 1 42  GLU 42  42  42  GLU GLU A . n 
A 1 43  PHE 43  43  43  PHE PHE A . n 
A 1 44  ALA 44  44  44  ALA ALA A . n 
A 1 45  ARG 45  45  45  ARG ARG A . n 
A 1 46  HIS 46  46  46  HIS HIS A . n 
A 1 47  GLY 47  47  47  GLY GLY A . n 
A 1 48  ILE 48  48  48  ILE ILE A . n 
A 1 49  ALA 49  49  49  ALA ALA A . n 
A 1 50  GLY 50  50  50  GLY GLY A . n 
A 1 51  ALA 51  51  51  ALA ALA A . n 
A 1 52  ARG 52  52  52  ARG ARG A . n 
A 1 53  VAL 53  53  53  VAL VAL A . n 
A 1 54  ASP 54  54  54  ASP ASP A . n 
A 1 55  ARG 55  55  55  ARG ARG A . n 
A 1 56  ILE 56  56  56  ILE ILE A . n 
A 1 57  ALA 57  57  57  ALA ALA A . n 
A 1 58  LYS 58  58  58  LYS LYS A . n 
A 1 59  GLN 59  59  59  GLN GLN A . n 
A 1 60  ALA 60  60  60  ALA ALA A . n 
A 1 61  ARG 61  61  61  ARG ARG A . n 
A 1 62  THR 62  62  62  THR THR A . n 
A 1 63  SER 63  63  63  SER SER A . n 
A 1 64  LYS 64  64  64  LYS LYS A . n 
A 1 65  GLU 65  65  65  GLU GLU A . n 
A 1 66  ARG 66  66  66  ARG ARG A . n 
A 1 67  VAL 67  67  67  VAL VAL A . n 
A 1 68  TYR 68  68  68  TYR TYR A . n 
A 1 69  ALA 69  69  69  ALA ALA A . n 
A 1 70  TYR 70  70  70  TYR TYR A . n 
A 1 71  PHE 71  71  71  PHE PHE A . n 
A 1 72  ARG 72  72  72  ARG ARG A . n 
A 1 73  SER 73  73  73  SER SER A . n 
A 1 74  LYS 74  74  74  LYS LYS A . n 
A 1 75  GLU 75  75  75  GLU GLU A . n 
A 1 76  ALA 76  76  76  ALA ALA A . n 
A 1 77  LEU 77  77  77  LEU LEU A . n 
A 1 78  TYR 78  78  78  TYR TYR A . n 
A 1 79  ALA 79  79  79  ALA ALA A . n 
A 1 80  HIS 80  80  80  HIS HIS A . n 
A 1 81  VAL 81  81  81  VAL VAL A . n 
A 1 82  ALA 82  82  82  ALA ALA A . n 
A 1 83  GLU 83  83  83  GLU GLU A . n 
A 1 84  ARG 84  84  84  ARG ARG A . n 
A 1 85  GLU 85  85  85  GLU GLU A . n 
A 1 86  THR 86  86  86  THR THR A . n 
A 1 87  THR 87  87  87  THR THR A . n 
A 1 88  ALA 88  88  88  ALA ALA A . n 
A 1 89  LEU 89  89  89  LEU LEU A . n 
A 1 90  ILE 90  90  90  ILE ILE A . n 
A 1 91  GLU 91  91  91  GLU GLU A . n 
A 1 92  ALA 92  92  92  ALA ALA A . n 
A 1 93  THR 93  93  93  THR THR A . n 
A 1 94  GLN 94  94  94  GLN GLN A . n 
A 1 95  LEU 95  95  95  LEU LEU A . n 
A 1 96  ASP 96  96  96  ASP ASP A . n 
A 1 97  PRO 97  97  97  PRO PRO A . n 
A 1 98  ALA 98  98  98  ALA ALA A . n 
A 1 99  ASP 99  99  99  ASP ASP A . n 
A 1 100 LEU 100 100 100 LEU LEU A . n 
A 1 101 PRO 101 101 101 PRO PRO A . n 
A 1 102 GLY 102 102 102 GLY GLY A . n 
A 1 103 TYR 103 103 103 TYR TYR A . n 
A 1 104 ALA 104 104 104 ALA ALA A . n 
A 1 105 GLY 105 105 105 GLY GLY A . n 
A 1 106 ILE 106 106 106 ILE ILE A . n 
A 1 107 LEU 107 107 107 LEU LEU A . n 
A 1 108 PHE 108 108 108 PHE PHE A . n 
A 1 109 ASP 109 109 109 ASP ASP A . n 
A 1 110 HIS 110 110 110 HIS HIS A . n 
A 1 111 PHE 111 111 111 PHE PHE A . n 
A 1 112 ALA 112 112 112 ALA ALA A . n 
A 1 113 ALA 113 113 113 ALA ALA A . n 
A 1 114 ARG 114 114 114 ARG ARG A . n 
A 1 115 PRO 115 115 115 PRO PRO A . n 
A 1 116 ASP 116 116 116 ASP ASP A . n 
A 1 117 HIS 117 117 117 HIS HIS A . n 
A 1 118 TYR 118 118 118 TYR TYR A . n 
A 1 119 ARG 119 119 119 ARG ARG A . n 
A 1 120 LEU 120 120 120 LEU LEU A . n 
A 1 121 ILE 121 121 121 ILE ILE A . n 
A 1 122 THR 122 122 122 THR THR A . n 
A 1 123 TRP 123 123 123 TRP TRP A . n 
A 1 124 GLY 124 124 124 GLY GLY A . n 
A 1 125 ARG 125 125 125 ARG ARG A . n 
A 1 126 LEU 126 126 126 LEU LEU A . n 
A 1 127 GLU 127 127 127 GLU GLU A . n 
A 1 128 LEU 128 128 128 LEU LEU A . n 
A 1 129 ALA 129 129 129 ALA ALA A . n 
A 1 130 GLU 130 130 ?   ?   ?   A . n 
A 1 131 SER 131 131 ?   ?   ?   A . n 
A 1 132 ALA 132 132 ?   ?   ?   A . n 
A 1 133 ASP 133 133 ?   ?   ?   A . n 
A 1 134 ASN 134 134 ?   ?   ?   A . n 
A 1 135 THR 135 135 ?   ?   ?   A . n 
A 1 136 SER 136 136 ?   ?   ?   A . n 
A 1 137 GLY 137 137 ?   ?   ?   A . n 
A 1 138 PRO 138 138 138 PRO PRO A . n 
A 1 139 LEU 139 139 139 LEU LEU A . n 
A 1 140 GLN 140 140 140 GLN GLN A . n 
A 1 141 ALA 141 141 141 ALA ALA A . n 
A 1 142 THR 142 142 142 THR THR A . n 
A 1 143 ILE 143 143 143 ILE ILE A . n 
A 1 144 ALA 144 144 144 ALA ALA A . n 
A 1 145 GLY 145 145 145 GLY GLY A . n 
A 1 146 LYS 146 146 146 LYS LYS A . n 
A 1 147 LEU 147 147 147 LEU LEU A . n 
A 1 148 ASP 148 148 148 ASP ASP A . n 
A 1 149 LYS 149 149 149 LYS LYS A . n 
A 1 150 LEU 150 150 150 LEU LEU A . n 
A 1 151 ARG 151 151 151 ARG ARG A . n 
A 1 152 ASP 152 152 152 ASP ASP A . n 
A 1 153 ALA 153 153 153 ALA ALA A . n 
A 1 154 GLN 154 154 154 GLN GLN A . n 
A 1 155 ARG 155 155 155 ARG ARG A . n 
A 1 156 ILE 156 156 156 ILE ILE A . n 
A 1 157 GLY 157 157 157 GLY GLY A . n 
A 1 158 LEU 158 158 158 LEU LEU A . n 
A 1 159 LEU 159 159 159 LEU LEU A . n 
A 1 160 ASP 160 160 160 ASP ASP A . n 
A 1 161 PRO 161 161 161 PRO PRO A . n 
A 1 162 ALA 162 162 162 ALA ALA A . n 
A 1 163 TRP 163 163 163 TRP TRP A . n 
A 1 164 ASP 164 164 164 ASP ASP A . n 
A 1 165 PRO 165 165 165 PRO PRO A . n 
A 1 166 VAL 166 166 166 VAL VAL A . n 
A 1 167 ASP 167 167 167 ASP ASP A . n 
A 1 168 VAL 168 168 168 VAL VAL A . n 
A 1 169 LEU 169 169 169 LEU LEU A . n 
A 1 170 ALA 170 170 170 ALA ALA A . n 
A 1 171 LEU 171 171 171 LEU LEU A . n 
A 1 172 ILE 172 172 172 ILE ILE A . n 
A 1 173 ASN 173 173 173 ASN ASN A . n 
A 1 174 GLN 174 174 174 GLN GLN A . n 
A 1 175 ILE 175 175 175 ILE ILE A . n 
A 1 176 ALA 176 176 176 ALA ALA A . n 
A 1 177 MSE 177 177 177 MSE MSE A . n 
A 1 178 THR 178 178 178 THR THR A . n 
A 1 179 TRP 179 179 179 TRP TRP A . n 
A 1 180 ALA 180 180 180 ALA ALA A . n 
A 1 181 GLY 181 181 181 GLY GLY A . n 
A 1 182 GLN 182 182 182 GLN GLN A . n 
A 1 183 PRO 183 183 183 PRO PRO A . n 
A 1 184 GLU 184 184 184 GLU GLU A . n 
A 1 185 ILE 185 185 185 ILE ILE A . n 
A 1 186 ALA 186 186 186 ALA ALA A . n 
A 1 187 ALA 187 187 187 ALA ALA A . n 
A 1 188 ALA 188 188 188 ALA ALA A . n 
A 1 189 ALA 189 189 189 ALA ALA A . n 
A 1 190 ALA 190 190 190 ALA ALA A . n 
A 1 191 ASP 191 191 191 ASP ASP A . n 
A 1 192 GLN 192 192 192 GLN GLN A . n 
A 1 193 ALA 193 193 193 ALA ALA A . n 
A 1 194 VAL 194 194 194 VAL VAL A . n 
A 1 195 ASP 195 195 195 ASP ASP A . n 
A 1 196 PRO 196 196 196 PRO PRO A . n 
A 1 197 SER 197 197 197 SER SER A . n 
A 1 198 VAL 198 198 198 VAL VAL A . n 
A 1 199 THR 199 199 199 THR THR A . n 
A 1 200 ALA 200 200 200 ALA ALA A . n 
A 1 201 ARG 201 201 201 ARG ARG A . n 
A 1 202 ARG 202 202 202 ARG ARG A . n 
A 1 203 ALA 203 203 203 ALA ALA A . n 
A 1 204 ALA 204 204 204 ALA ALA A . n 
A 1 205 LEU 205 205 205 LEU LEU A . n 
A 1 206 VAL 206 206 206 VAL VAL A . n 
A 1 207 THR 207 207 207 THR THR A . n 
A 1 208 ALA 208 208 208 ALA ALA A . n 
A 1 209 VAL 209 209 209 VAL VAL A . n 
A 1 210 GLU 210 210 210 GLU GLU A . n 
A 1 211 HIS 211 211 211 HIS HIS A . n 
A 1 212 MSE 212 212 212 MSE MSE A . n 
A 1 213 PHE 213 213 213 PHE PHE A . n 
A 1 214 PRO 214 214 214 PRO PRO A . n 
A 1 215 ARG 215 215 215 ARG ARG A . n 
A 1 216 PRO 216 216 216 PRO PRO A . n 
A 1 217 ASP 217 217 ?   ?   ?   A . n 
A 1 218 ARG 218 218 ?   ?   ?   A . n 
A 1 219 ASP 219 219 ?   ?   ?   A . n 
A 1 220 GLN 220 220 ?   ?   ?   A . n 
A 1 221 ARG 221 221 ?   ?   ?   A . n 
A 1 222 PRO 222 222 ?   ?   ?   A . n 
A 1 223 ASN 223 223 ?   ?   ?   A . n 
A 1 224 ARG 224 224 ?   ?   ?   A . n 
A 1 225 LEU 225 225 ?   ?   ?   A . n 
A 1 226 THR 226 226 ?   ?   ?   A . n 
# 
loop_
_pdbx_nonpoly_scheme.asym_id 
_pdbx_nonpoly_scheme.entity_id 
_pdbx_nonpoly_scheme.mon_id 
_pdbx_nonpoly_scheme.ndb_seq_num 
_pdbx_nonpoly_scheme.pdb_seq_num 
_pdbx_nonpoly_scheme.auth_seq_num 
_pdbx_nonpoly_scheme.pdb_mon_id 
_pdbx_nonpoly_scheme.auth_mon_id 
_pdbx_nonpoly_scheme.pdb_strand_id 
_pdbx_nonpoly_scheme.pdb_ins_code 
B 2 SO4 1  227 1  SO4 SO4 A . 
C 2 SO4 1  228 2  SO4 SO4 A . 
D 2 SO4 1  229 3  SO4 SO4 A . 
E 2 SO4 1  230 4  SO4 SO4 A . 
F 3 HOH 1  231 5  HOH HOH A . 
F 3 HOH 2  232 6  HOH HOH A . 
F 3 HOH 3  233 7  HOH HOH A . 
F 3 HOH 4  234 8  HOH HOH A . 
F 3 HOH 5  235 9  HOH HOH A . 
F 3 HOH 6  236 10 HOH HOH A . 
F 3 HOH 7  237 11 HOH HOH A . 
F 3 HOH 8  238 12 HOH HOH A . 
F 3 HOH 9  239 13 HOH HOH A . 
F 3 HOH 10 240 14 HOH HOH A . 
# 
_pdbx_unobs_or_zero_occ_atoms.id               1 
_pdbx_unobs_or_zero_occ_atoms.PDB_model_num    1 
_pdbx_unobs_or_zero_occ_atoms.polymer_flag     Y 
_pdbx_unobs_or_zero_occ_atoms.occupancy_flag   1 
_pdbx_unobs_or_zero_occ_atoms.auth_asym_id     A 
_pdbx_unobs_or_zero_occ_atoms.auth_comp_id     ALA 
_pdbx_unobs_or_zero_occ_atoms.auth_seq_id      129 
_pdbx_unobs_or_zero_occ_atoms.PDB_ins_code     ? 
_pdbx_unobs_or_zero_occ_atoms.auth_atom_id     CB 
_pdbx_unobs_or_zero_occ_atoms.label_alt_id     ? 
_pdbx_unobs_or_zero_occ_atoms.label_asym_id    A 
_pdbx_unobs_or_zero_occ_atoms.label_comp_id    ALA 
_pdbx_unobs_or_zero_occ_atoms.label_seq_id     129 
_pdbx_unobs_or_zero_occ_atoms.label_atom_id    CB 
# 
loop_
_software.name 
_software.classification 
_software.version 
_software.citation_id 
_software.pdbx_ordinal 
HKL-2000 'data collection' .        ? 1  
HKL-2000 'data reduction'  .        ? 2  
HKL-3000 phasing           .        ? 3  
MLPHARE  phasing           .        ? 4  
DM       'model building'  .        ? 5  
SHELXD   phasing           .        ? 6  
O        'model building'  .        ? 7  
SOLVE    phasing           .        ? 8  
SHELXE   'model building'  .        ? 9  
RESOLVE  'model building'  .        ? 10 
Coot     'model building'  .        ? 11 
CCP4     'model building'  .        ? 12 
REFMAC   refinement        5.2.0005 ? 13 
ADSC     'data collection' Quantum  ? 14 
HKL-2000 'data scaling'    .        ? 15 
DM       phasing           .        ? 16 
RESOLVE  phasing           .        ? 17 
CCP4     phasing           .        ? 18 
# 
_cell.entry_id           2PZ9 
_cell.length_a           66.960 
_cell.length_b           66.960 
_cell.length_c           104.345 
_cell.angle_alpha        90.00 
_cell.angle_beta         90.00 
_cell.angle_gamma        120.00 
_cell.Z_PDB              6 
_cell.pdbx_unique_axis   ? 
_cell.length_a_esd       ? 
_cell.length_b_esd       ? 
_cell.length_c_esd       ? 
_cell.angle_alpha_esd    ? 
_cell.angle_beta_esd     ? 
_cell.angle_gamma_esd    ? 
# 
_symmetry.entry_id                         2PZ9 
_symmetry.space_group_name_H-M             'P 32 2 1' 
_symmetry.pdbx_full_space_group_name_H-M   ? 
_symmetry.cell_setting                     ? 
_symmetry.Int_Tables_number                154 
_symmetry.space_group_name_Hall            ? 
# 
_exptl.entry_id          2PZ9 
_exptl.method            'X-RAY DIFFRACTION' 
_exptl.crystals_number   1 
# 
_exptl_crystal.id                    1 
_exptl_crystal.density_meas          ? 
_exptl_crystal.density_Matthews      2.76 
_exptl_crystal.density_percent_sol   55.43 
_exptl_crystal.description           ? 
_exptl_crystal.F_000                 ? 
_exptl_crystal.preparation           ? 
# 
_exptl_crystal_grow.crystal_id      1 
_exptl_crystal_grow.method          'VAPOR DIFFUSION, HANGING DROP' 
_exptl_crystal_grow.temp            277 
_exptl_crystal_grow.temp_details    ? 
_exptl_crystal_grow.pH              8.5 
_exptl_crystal_grow.pdbx_details    '0.1M Tris-HCl pH 8.5, 2.5M Ammonium sulfate, VAPOR DIFFUSION, HANGING DROP, temperature 277K' 
_exptl_crystal_grow.pdbx_pH_range   . 
# 
_diffrn.id                     1 
_diffrn.ambient_temp           100.0 
_diffrn.ambient_temp_details   ? 
_diffrn.crystal_id             1 
# 
_diffrn_detector.diffrn_id              1 
_diffrn_detector.detector               CCD 
_diffrn_detector.type                   'ADSC QUANTUM 315' 
_diffrn_detector.pdbx_collection_date   2007-02-09 
_diffrn_detector.details                MIRROR 
# 
_diffrn_radiation.diffrn_id                        1 
_diffrn_radiation.wavelength_id                    1 
_diffrn_radiation.pdbx_monochromatic_or_laue_m_l   M 
_diffrn_radiation.monochromator                    'SI-111 CHANNEL' 
_diffrn_radiation.pdbx_diffrn_protocol             MAD 
_diffrn_radiation.pdbx_scattering_type             x-ray 
# 
loop_
_diffrn_radiation_wavelength.id 
_diffrn_radiation_wavelength.wavelength 
_diffrn_radiation_wavelength.wt 
1 0.9792 1.0 
2 0.9794 1.0 
# 
_diffrn_source.pdbx_wavelength             ? 
_diffrn_source.pdbx_wavelength_list        '0.9792, 0.9794' 
_diffrn_source.diffrn_id                   1 
_diffrn_source.source                      SYNCHROTRON 
_diffrn_source.type                        'APS BEAMLINE 19-ID' 
_diffrn_source.pdbx_synchrotron_site       APS 
_diffrn_source.pdbx_synchrotron_beamline   19-ID 
# 
_reflns.entry_id                     2PZ9 
_reflns.observed_criterion_sigma_I   -3.000 
_reflns.observed_criterion_sigma_F   ? 
_reflns.d_resolution_low             38.780 
_reflns.d_resolution_high            2.800 
_reflns.number_obs                   7016 
_reflns.number_all                   ? 
_reflns.percent_possible_obs         99.6 
_reflns.pdbx_Rmerge_I_obs            0.084 
_reflns.pdbx_Rsym_value              0.084 
_reflns.pdbx_netI_over_sigmaI        46.9850 
_reflns.B_iso_Wilson_estimate        84.38 
_reflns.pdbx_redundancy              10.700 
_reflns.R_free_details               ? 
_reflns.limit_h_max                  ? 
_reflns.limit_h_min                  ? 
_reflns.limit_k_max                  ? 
_reflns.limit_k_min                  ? 
_reflns.limit_l_max                  ? 
_reflns.limit_l_min                  ? 
_reflns.observed_criterion_F_max     ? 
_reflns.observed_criterion_F_min     ? 
_reflns.pdbx_chi_squared             ? 
_reflns.pdbx_scaling_rejects         ? 
_reflns.pdbx_ordinal                 1 
_reflns.pdbx_diffrn_id               1 
# 
_reflns_shell.d_res_high             2.80 
_reflns_shell.d_res_low              2.90 
_reflns_shell.percent_possible_all   96.4 
_reflns_shell.Rmerge_I_obs           0.299 
_reflns_shell.pdbx_Rsym_value        0.299 
_reflns_shell.meanI_over_sigI_obs    5.300 
_reflns_shell.pdbx_redundancy        7.60 
_reflns_shell.percent_possible_obs   ? 
_reflns_shell.number_unique_all      ? 
_reflns_shell.number_measured_all    ? 
_reflns_shell.number_measured_obs    ? 
_reflns_shell.number_unique_obs      ? 
_reflns_shell.pdbx_chi_squared       ? 
_reflns_shell.pdbx_ordinal           1 
_reflns_shell.pdbx_diffrn_id         1 
# 
_refine.entry_id                                 2PZ9 
_refine.ls_number_reflns_obs                     7004 
_refine.ls_number_reflns_all                     ? 
_refine.pdbx_ls_sigma_I                          ? 
_refine.pdbx_ls_sigma_F                          0.000 
_refine.pdbx_data_cutoff_high_absF               ? 
_refine.pdbx_data_cutoff_low_absF                ? 
_refine.pdbx_data_cutoff_high_rms_absF           ? 
_refine.ls_d_res_low                             38.78 
_refine.ls_d_res_high                            2.80 
_refine.ls_percent_reflns_obs                    100.0 
_refine.ls_R_factor_obs                          0.216 
_refine.ls_R_factor_all                          ? 
_refine.ls_R_factor_R_work                       0.213 
_refine.ls_R_factor_R_free                       0.269 
_refine.ls_R_factor_R_free_error                 ? 
_refine.ls_R_factor_R_free_error_details         ? 
_refine.ls_percent_reflns_R_free                 4.800 
_refine.ls_number_reflns_R_free                  337 
_refine.ls_number_parameters                     ? 
_refine.ls_number_restraints                     ? 
_refine.occupancy_min                            ? 
_refine.occupancy_max                            ? 
_refine.correlation_coeff_Fo_to_Fc               0.951 
_refine.correlation_coeff_Fo_to_Fc_free          0.933 
_refine.B_iso_mean                               64.00 
_refine.aniso_B[1][1]                            1.43000 
_refine.aniso_B[2][2]                            1.43000 
_refine.aniso_B[3][3]                            -2.14000 
_refine.aniso_B[1][2]                            0.71000 
_refine.aniso_B[1][3]                            0.00000 
_refine.aniso_B[2][3]                            0.00000 
_refine.solvent_model_details                    MASK 
_refine.solvent_model_param_ksol                 ? 
_refine.solvent_model_param_bsol                 ? 
_refine.pdbx_solvent_vdw_probe_radii             1.20 
_refine.pdbx_solvent_ion_probe_radii             0.80 
_refine.pdbx_solvent_shrinkage_radii             0.80 
_refine.pdbx_ls_cross_valid_method               THROUGHOUT 
_refine.details                                  'HYDROGENS HAVE BEEN ADDED IN THE RIDING POSITIONS' 
_refine.pdbx_starting_model                      ? 
_refine.pdbx_method_to_determine_struct          MAD 
_refine.pdbx_isotropic_thermal_model             ? 
_refine.pdbx_stereochemistry_target_values       'MAXIMUM LIKELIHOOD' 
_refine.pdbx_stereochem_target_val_spec_case     ? 
_refine.pdbx_R_Free_selection_details            RANDOM 
_refine.pdbx_overall_ESU_R                       0.742 
_refine.pdbx_overall_ESU_R_Free                  0.355 
_refine.overall_SU_ML                            0.281 
_refine.overall_SU_B                             32.030 
_refine.ls_redundancy_reflns_obs                 ? 
_refine.B_iso_min                                ? 
_refine.B_iso_max                                ? 
_refine.overall_SU_R_Cruickshank_DPI             ? 
_refine.overall_SU_R_free                        ? 
_refine.ls_wR_factor_R_free                      ? 
_refine.ls_wR_factor_R_work                      ? 
_refine.overall_FOM_free_R_set                   ? 
_refine.overall_FOM_work_R_set                   ? 
_refine.pdbx_overall_phase_error                 ? 
_refine.pdbx_refine_id                           'X-RAY DIFFRACTION' 
_refine.pdbx_TLS_residual_ADP_flag               'LIKELY RESIDUAL' 
_refine.pdbx_diffrn_id                           1 
_refine.pdbx_overall_SU_R_free_Cruickshank_DPI   ? 
_refine.pdbx_overall_SU_R_Blow_DPI               ? 
_refine.pdbx_overall_SU_R_free_Blow_DPI          ? 
# 
_refine_hist.pdbx_refine_id                   'X-RAY DIFFRACTION' 
_refine_hist.cycle_id                         LAST 
_refine_hist.pdbx_number_atoms_protein        1391 
_refine_hist.pdbx_number_atoms_nucleic_acid   0 
_refine_hist.pdbx_number_atoms_ligand         20 
_refine_hist.number_atoms_solvent             10 
_refine_hist.number_atoms_total               1421 
_refine_hist.d_res_high                       2.80 
_refine_hist.d_res_low                        38.78 
# 
loop_
_refine_ls_restr.type 
_refine_ls_restr.dev_ideal 
_refine_ls_restr.dev_ideal_target 
_refine_ls_restr.weight 
_refine_ls_restr.number 
_refine_ls_restr.pdbx_refine_id 
_refine_ls_restr.pdbx_restraint_function 
r_bond_refined_d             0.016  0.022  ? 1442 'X-RAY DIFFRACTION' ? 
r_bond_other_d               ?      ?      ? ?    'X-RAY DIFFRACTION' ? 
r_angle_refined_deg          1.486  1.963  ? 1961 'X-RAY DIFFRACTION' ? 
r_angle_other_deg            ?      ?      ? ?    'X-RAY DIFFRACTION' ? 
r_dihedral_angle_1_deg       6.041  5.000  ? 177  'X-RAY DIFFRACTION' ? 
r_dihedral_angle_2_deg       32.669 22.353 ? 68   'X-RAY DIFFRACTION' ? 
r_dihedral_angle_3_deg       21.891 15.000 ? 228  'X-RAY DIFFRACTION' ? 
r_dihedral_angle_4_deg       16.628 15.000 ? 17   'X-RAY DIFFRACTION' ? 
r_chiral_restr               0.089  0.200  ? 217  'X-RAY DIFFRACTION' ? 
r_gen_planes_refined         0.004  0.020  ? 1096 'X-RAY DIFFRACTION' ? 
r_gen_planes_other           ?      ?      ? ?    'X-RAY DIFFRACTION' ? 
r_nbd_refined                0.251  0.200  ? 687  'X-RAY DIFFRACTION' ? 
r_nbd_other                  ?      ?      ? ?    'X-RAY DIFFRACTION' ? 
r_nbtor_refined              0.308  0.200  ? 988  'X-RAY DIFFRACTION' ? 
r_nbtor_other                ?      ?      ? ?    'X-RAY DIFFRACTION' ? 
r_xyhbond_nbd_refined        0.145  0.200  ? 50   'X-RAY DIFFRACTION' ? 
r_xyhbond_nbd_other          ?      ?      ? ?    'X-RAY DIFFRACTION' ? 
r_metal_ion_refined          ?      ?      ? ?    'X-RAY DIFFRACTION' ? 
r_metal_ion_other            ?      ?      ? ?    'X-RAY DIFFRACTION' ? 
r_symmetry_vdw_refined       0.242  0.200  ? 51   'X-RAY DIFFRACTION' ? 
r_symmetry_vdw_other         ?      ?      ? ?    'X-RAY DIFFRACTION' ? 
r_symmetry_hbond_refined     0.193  0.200  ? 9    'X-RAY DIFFRACTION' ? 
r_symmetry_hbond_other       ?      ?      ? ?    'X-RAY DIFFRACTION' ? 
r_symmetry_metal_ion_refined ?      ?      ? ?    'X-RAY DIFFRACTION' ? 
r_symmetry_metal_ion_other   ?      ?      ? ?    'X-RAY DIFFRACTION' ? 
r_mcbond_it                  0.874  1.500  ? 914  'X-RAY DIFFRACTION' ? 
r_mcbond_other               ?      ?      ? ?    'X-RAY DIFFRACTION' ? 
r_mcangle_it                 1.198  2.000  ? 1426 'X-RAY DIFFRACTION' ? 
r_scbond_it                  1.724  3.000  ? 590  'X-RAY DIFFRACTION' ? 
r_scangle_it                 2.790  4.500  ? 535  'X-RAY DIFFRACTION' ? 
r_rigid_bond_restr           ?      ?      ? ?    'X-RAY DIFFRACTION' ? 
r_sphericity_free            ?      ?      ? ?    'X-RAY DIFFRACTION' ? 
r_sphericity_bonded          ?      ?      ? ?    'X-RAY DIFFRACTION' ? 
# 
_refine_ls_shell.pdbx_total_number_of_bins_used   20 
_refine_ls_shell.d_res_high                       2.80 
_refine_ls_shell.d_res_low                        2.87 
_refine_ls_shell.number_reflns_R_work             460 
_refine_ls_shell.R_factor_R_work                  0.271 
_refine_ls_shell.percent_reflns_obs               96.41 
_refine_ls_shell.R_factor_R_free                  0.274 
_refine_ls_shell.R_factor_R_free_error            ? 
_refine_ls_shell.percent_reflns_R_free            ? 
_refine_ls_shell.number_reflns_R_free             24 
_refine_ls_shell.number_reflns_obs                ? 
_refine_ls_shell.redundancy_reflns_obs            ? 
_refine_ls_shell.number_reflns_all                ? 
_refine_ls_shell.R_factor_all                     ? 
_refine_ls_shell.pdbx_refine_id                   'X-RAY DIFFRACTION' 
# 
_struct.entry_id                  2PZ9 
_struct.title                     'Crystal structure of putative transcriptional regulator SCO4942 from Streptomyces coelicolor' 
_struct.pdbx_model_details        ? 
_struct.pdbx_CASP_flag            ? 
_struct.pdbx_model_type_details   ? 
# 
_struct_keywords.entry_id        2PZ9 
_struct_keywords.pdbx_keywords   TRANSCRIPTION 
_struct_keywords.text            
;STRUCTURAL GENOMICS, TRANSCRIPTIONAL REGULATOR, STREPTOMYCES COELICOLOR A3(2), PSI, PROTEIN STRUCTURE INITIATIVE, MIDWEST CENTER FOR STRUCTURAL GENOMICS, MCSG, TRANSCRIPTION
;
# 
loop_
_struct_asym.id 
_struct_asym.pdbx_blank_PDB_chainid_flag 
_struct_asym.pdbx_modified 
_struct_asym.entity_id 
_struct_asym.details 
A N N 1 ? 
B N N 2 ? 
C N N 2 ? 
D N N 2 ? 
E N N 2 ? 
F N N 3 ? 
# 
_struct_ref.id                         1 
_struct_ref.db_name                    UNP 
_struct_ref.db_code                    Q9EWE9_STRCO 
_struct_ref.pdbx_db_accession          Q9EWE9 
_struct_ref.entity_id                  1 
_struct_ref.pdbx_seq_one_letter_code   
;MVAYPGPMPRSPSPGQTPDAPTSGGGSTDSTRQRIVAAAKEEFARHGIAGARVDRIAKQARTSKERVYAYFRSKEALYAH
VAERETTALIEATQLDPADLPGYAGILFDHFAARPDHYRLITWGRLELAESADNTSGPLQATIAGKLDKLRDAQRIGLLD
PAWDPVDVLALINQIAMTWAGQPEIAAAAADQAVDPSVTARRAALVTAVEHMFPRPDRDQRPNRLT
;
_struct_ref.pdbx_align_begin           1 
_struct_ref.pdbx_db_isoform            ? 
# 
_struct_ref_seq.align_id                      1 
_struct_ref_seq.ref_id                        1 
_struct_ref_seq.pdbx_PDB_id_code              2PZ9 
_struct_ref_seq.pdbx_strand_id                A 
_struct_ref_seq.seq_align_beg                 1 
_struct_ref_seq.pdbx_seq_align_beg_ins_code   ? 
_struct_ref_seq.seq_align_end                 226 
_struct_ref_seq.pdbx_seq_align_end_ins_code   ? 
_struct_ref_seq.pdbx_db_accession             Q9EWE9 
_struct_ref_seq.db_align_beg                  1 
_struct_ref_seq.pdbx_db_align_beg_ins_code    ? 
_struct_ref_seq.db_align_end                  226 
_struct_ref_seq.pdbx_db_align_end_ins_code    ? 
_struct_ref_seq.pdbx_auth_seq_align_beg       1 
_struct_ref_seq.pdbx_auth_seq_align_end       226 
# 
_pdbx_struct_assembly.id                   1 
_pdbx_struct_assembly.details              author_and_software_defined_assembly 
_pdbx_struct_assembly.method_details       PISA,PQS 
_pdbx_struct_assembly.oligomeric_details   dimeric 
_pdbx_struct_assembly.oligomeric_count     2 
# 
loop_
_pdbx_struct_assembly_prop.biol_id 
_pdbx_struct_assembly_prop.type 
_pdbx_struct_assembly_prop.value 
_pdbx_struct_assembly_prop.details 
1 'ABSA (A^2)' 5340  ? 
1 MORE         -121  ? 
1 'SSA (A^2)'  17380 ? 
# 
_pdbx_struct_assembly_gen.assembly_id       1 
_pdbx_struct_assembly_gen.oper_expression   1,2 
_pdbx_struct_assembly_gen.asym_id_list      A,B,C,D,E,F 
# 
loop_
_pdbx_struct_oper_list.id 
_pdbx_struct_oper_list.type 
_pdbx_struct_oper_list.name 
_pdbx_struct_oper_list.symmetry_operation 
_pdbx_struct_oper_list.matrix[1][1] 
_pdbx_struct_oper_list.matrix[1][2] 
_pdbx_struct_oper_list.matrix[1][3] 
_pdbx_struct_oper_list.vector[1] 
_pdbx_struct_oper_list.matrix[2][1] 
_pdbx_struct_oper_list.matrix[2][2] 
_pdbx_struct_oper_list.matrix[2][3] 
_pdbx_struct_oper_list.vector[2] 
_pdbx_struct_oper_list.matrix[3][1] 
_pdbx_struct_oper_list.matrix[3][2] 
_pdbx_struct_oper_list.matrix[3][3] 
_pdbx_struct_oper_list.vector[3] 
1 'identity operation'         1_555 x,y,z         1.0000000000  0.0000000000 0.0000000000 0.0000000000  0.0000000000 1.0000000000  0.0000000000 0.0000000000   0.0000000000 0.0000000000 1.0000000000  0.0000000000 
2 'crystal symmetry operation' 5_555 x-y,-y,-z+1/3 -0.0706759357 0.5352538899 0.8417292828 10.1447704167 0.5352538899 -0.6917149382 0.4848027616 -18.3186280634 0.8417292828 0.4848027616 -0.2376091261 0.4482886126 
# 
_struct_biol.id        1 
_struct_biol.details   ? 
# 
loop_
_struct_conf.conf_type_id 
_struct_conf.id 
_struct_conf.pdbx_PDB_helix_id 
_struct_conf.beg_label_comp_id 
_struct_conf.beg_label_asym_id 
_struct_conf.beg_label_seq_id 
_struct_conf.pdbx_beg_PDB_ins_code 
_struct_conf.end_label_comp_id 
_struct_conf.end_label_asym_id 
_struct_conf.end_label_seq_id 
_struct_conf.pdbx_end_PDB_ins_code 
_struct_conf.beg_auth_comp_id 
_struct_conf.beg_auth_asym_id 
_struct_conf.beg_auth_seq_id 
_struct_conf.end_auth_comp_id 
_struct_conf.end_auth_asym_id 
_struct_conf.end_auth_seq_id 
_struct_conf.pdbx_PDB_helix_class 
_struct_conf.details 
_struct_conf.pdbx_PDB_helix_length 
HELX_P HELX_P1  1  THR A 31  ? ALA A 51  ? THR A 31  ALA A 51  1 ? 21 
HELX_P HELX_P2  2  ARG A 52  ? ALA A 60  ? ARG A 52  ALA A 60  1 ? 9  
HELX_P HELX_P3  3  SER A 63  ? PHE A 71  ? SER A 63  PHE A 71  1 ? 9  
HELX_P HELX_P4  4  SER A 73  ? THR A 93  ? SER A 73  THR A 93  1 ? 21 
HELX_P HELX_P5  5  ASP A 99  ? ARG A 114 ? ASP A 99  ARG A 114 1 ? 16 
HELX_P HELX_P6  6  ARG A 114 ? LEU A 128 ? ARG A 114 LEU A 128 1 ? 15 
HELX_P HELX_P7  7  PRO A 138 ? ILE A 156 ? PRO A 138 ILE A 156 1 ? 19 
HELX_P HELX_P8  8  ASP A 164 ? MSE A 177 ? ASP A 164 MSE A 177 1 ? 14 
HELX_P HELX_P9  9  MSE A 177 ? GLN A 182 ? MSE A 177 GLN A 182 1 ? 6  
HELX_P HELX_P10 10 GLN A 182 ? ALA A 193 ? GLN A 182 ALA A 193 1 ? 12 
HELX_P HELX_P11 11 SER A 197 ? PHE A 213 ? SER A 197 PHE A 213 1 ? 17 
# 
_struct_conf_type.id          HELX_P 
_struct_conf_type.criteria    ? 
_struct_conf_type.reference   ? 
# 
loop_
_struct_conn.id 
_struct_conn.conn_type_id 
_struct_conn.pdbx_leaving_atom_flag 
_struct_conn.pdbx_PDB_id 
_struct_conn.ptnr1_label_asym_id 
_struct_conn.ptnr1_label_comp_id 
_struct_conn.ptnr1_label_seq_id 
_struct_conn.ptnr1_label_atom_id 
_struct_conn.pdbx_ptnr1_label_alt_id 
_struct_conn.pdbx_ptnr1_PDB_ins_code 
_struct_conn.pdbx_ptnr1_standard_comp_id 
_struct_conn.ptnr1_symmetry 
_struct_conn.ptnr2_label_asym_id 
_struct_conn.ptnr2_label_comp_id 
_struct_conn.ptnr2_label_seq_id 
_struct_conn.ptnr2_label_atom_id 
_struct_conn.pdbx_ptnr2_label_alt_id 
_struct_conn.pdbx_ptnr2_PDB_ins_code 
_struct_conn.ptnr1_auth_asym_id 
_struct_conn.ptnr1_auth_comp_id 
_struct_conn.ptnr1_auth_seq_id 
_struct_conn.ptnr2_auth_asym_id 
_struct_conn.ptnr2_auth_comp_id 
_struct_conn.ptnr2_auth_seq_id 
_struct_conn.ptnr2_symmetry 
_struct_conn.pdbx_ptnr3_label_atom_id 
_struct_conn.pdbx_ptnr3_label_seq_id 
_struct_conn.pdbx_ptnr3_label_comp_id 
_struct_conn.pdbx_ptnr3_label_asym_id 
_struct_conn.pdbx_ptnr3_label_alt_id 
_struct_conn.pdbx_ptnr3_PDB_ins_code 
_struct_conn.details 
_struct_conn.pdbx_dist_value 
_struct_conn.pdbx_value_order 
_struct_conn.pdbx_role 
covale1 covale both ? A ALA 176 C ? ? ? 1_555 A MSE 177 N ? ? A ALA 176 A MSE 177 1_555 ? ? ? ? ? ? ? 1.328 ? ? 
covale2 covale both ? A MSE 177 C ? ? ? 1_555 A THR 178 N ? ? A MSE 177 A THR 178 1_555 ? ? ? ? ? ? ? 1.322 ? ? 
covale3 covale both ? A HIS 211 C ? ? ? 1_555 A MSE 212 N ? ? A HIS 211 A MSE 212 1_555 ? ? ? ? ? ? ? 1.324 ? ? 
covale4 covale both ? A MSE 212 C ? ? ? 1_555 A PHE 213 N ? ? A MSE 212 A PHE 213 1_555 ? ? ? ? ? ? ? 1.328 ? ? 
# 
_struct_conn_type.id          covale 
_struct_conn_type.criteria    ? 
_struct_conn_type.reference   ? 
# 
loop_
_pdbx_modification_feature.ordinal 
_pdbx_modification_feature.label_comp_id 
_pdbx_modification_feature.label_asym_id 
_pdbx_modification_feature.label_seq_id 
_pdbx_modification_feature.label_alt_id 
_pdbx_modification_feature.modified_residue_label_comp_id 
_pdbx_modification_feature.modified_residue_label_asym_id 
_pdbx_modification_feature.modified_residue_label_seq_id 
_pdbx_modification_feature.modified_residue_label_alt_id 
_pdbx_modification_feature.auth_comp_id 
_pdbx_modification_feature.auth_asym_id 
_pdbx_modification_feature.auth_seq_id 
_pdbx_modification_feature.PDB_ins_code 
_pdbx_modification_feature.symmetry 
_pdbx_modification_feature.modified_residue_auth_comp_id 
_pdbx_modification_feature.modified_residue_auth_asym_id 
_pdbx_modification_feature.modified_residue_auth_seq_id 
_pdbx_modification_feature.modified_residue_PDB_ins_code 
_pdbx_modification_feature.modified_residue_symmetry 
_pdbx_modification_feature.comp_id_linking_atom 
_pdbx_modification_feature.modified_residue_id_linking_atom 
_pdbx_modification_feature.modified_residue_id 
_pdbx_modification_feature.ref_pcm_id 
_pdbx_modification_feature.ref_comp_id 
_pdbx_modification_feature.type 
_pdbx_modification_feature.category 
1 MSE A 177 ? . . . . MSE A 177 ? 1_555 . . . . . . . MET 1 MSE Selenomethionine 'Named protein modification' 
2 MSE A 212 ? . . . . MSE A 212 ? 1_555 . . . . . . . MET 1 MSE Selenomethionine 'Named protein modification' 
# 
loop_
_struct_site.id 
_struct_site.pdbx_evidence_code 
_struct_site.pdbx_auth_asym_id 
_struct_site.pdbx_auth_comp_id 
_struct_site.pdbx_auth_seq_id 
_struct_site.pdbx_auth_ins_code 
_struct_site.pdbx_num_residues 
_struct_site.details 
AC1 Software A SO4 227 ? 5 'BINDING SITE FOR RESIDUE SO4 A 227' 
AC2 Software A SO4 228 ? 3 'BINDING SITE FOR RESIDUE SO4 A 228' 
AC3 Software A SO4 229 ? 3 'BINDING SITE FOR RESIDUE SO4 A 229' 
AC4 Software A SO4 230 ? 4 'BINDING SITE FOR RESIDUE SO4 A 230' 
# 
loop_
_struct_site_gen.id 
_struct_site_gen.site_id 
_struct_site_gen.pdbx_num_res 
_struct_site_gen.label_comp_id 
_struct_site_gen.label_asym_id 
_struct_site_gen.label_seq_id 
_struct_site_gen.pdbx_auth_ins_code 
_struct_site_gen.auth_comp_id 
_struct_site_gen.auth_asym_id 
_struct_site_gen.auth_seq_id 
_struct_site_gen.label_atom_id 
_struct_site_gen.label_alt_id 
_struct_site_gen.symmetry 
_struct_site_gen.details 
1  AC1 5 HIS A 80  ? HIS A 80  . ? 4_545 ? 
2  AC1 5 ARG A 84  ? ARG A 84  . ? 4_545 ? 
3  AC1 5 SER A 197 ? SER A 197 . ? 1_555 ? 
4  AC1 5 VAL A 198 ? VAL A 198 . ? 1_555 ? 
5  AC1 5 THR A 199 ? THR A 199 . ? 1_555 ? 
6  AC2 3 ARG A 32  ? ARG A 32  . ? 1_555 ? 
7  AC2 3 GLN A 33  ? GLN A 33  . ? 1_555 ? 
8  AC2 3 ARG A 84  ? ARG A 84  . ? 1_555 ? 
9  AC3 3 THR A 31  ? THR A 31  . ? 1_555 ? 
10 AC3 3 ARG A 66  ? ARG A 66  . ? 1_555 ? 
11 AC3 3 TYR A 70  ? TYR A 70  . ? 1_555 ? 
12 AC4 4 ARG A 52  ? ARG A 52  . ? 1_555 ? 
13 AC4 4 VAL A 53  ? VAL A 53  . ? 1_555 ? 
14 AC4 4 ASP A 54  ? ASP A 54  . ? 1_555 ? 
15 AC4 4 LYS A 64  ? LYS A 64  . ? 1_555 ? 
# 
_pdbx_entry_details.entry_id                   2PZ9 
_pdbx_entry_details.compound_details           ? 
_pdbx_entry_details.source_details             ? 
_pdbx_entry_details.nonpolymer_details         ? 
_pdbx_entry_details.sequence_details           ? 
_pdbx_entry_details.has_ligand_of_interest     ? 
_pdbx_entry_details.has_protein_modification   Y 
# 
loop_
_pdbx_validate_torsion.id 
_pdbx_validate_torsion.PDB_model_num 
_pdbx_validate_torsion.auth_comp_id 
_pdbx_validate_torsion.auth_asym_id 
_pdbx_validate_torsion.auth_seq_id 
_pdbx_validate_torsion.PDB_ins_code 
_pdbx_validate_torsion.label_alt_id 
_pdbx_validate_torsion.phi 
_pdbx_validate_torsion.psi 
1 1 ASP A 54  ? ? -36.89  -70.27 
2 1 GLN A 94  ? ? -38.50  118.77 
3 1 ARG A 114 ? ? -113.44 75.36  
4 1 LEU A 128 ? ? -99.23  -68.53 
5 1 ASP A 160 ? ? -37.48  122.57 
6 1 ALA A 190 ? ? -31.56  -77.86 
7 1 SER A 197 ? ? -36.08  118.30 
# 
_pdbx_SG_project.id                    1 
_pdbx_SG_project.project_name          'PSI, Protein Structure Initiative' 
_pdbx_SG_project.full_name_of_center   'Midwest Center for Structural Genomics' 
_pdbx_SG_project.initial_of_center     MCSG 
# 
loop_
_pdbx_struct_mod_residue.id 
_pdbx_struct_mod_residue.label_asym_id 
_pdbx_struct_mod_residue.label_comp_id 
_pdbx_struct_mod_residue.label_seq_id 
_pdbx_struct_mod_residue.auth_asym_id 
_pdbx_struct_mod_residue.auth_comp_id 
_pdbx_struct_mod_residue.auth_seq_id 
_pdbx_struct_mod_residue.PDB_ins_code 
_pdbx_struct_mod_residue.parent_comp_id 
_pdbx_struct_mod_residue.details 
1 A MSE 177 A MSE 177 ? MET SELENOMETHIONINE 
2 A MSE 212 A MSE 212 ? MET SELENOMETHIONINE 
# 
loop_
_pdbx_refine_tls.id 
_pdbx_refine_tls.details 
_pdbx_refine_tls.method 
_pdbx_refine_tls.origin_x 
_pdbx_refine_tls.origin_y 
_pdbx_refine_tls.origin_z 
_pdbx_refine_tls.T[1][1] 
_pdbx_refine_tls.T[2][2] 
_pdbx_refine_tls.T[3][3] 
_pdbx_refine_tls.T[1][2] 
_pdbx_refine_tls.T[1][3] 
_pdbx_refine_tls.T[2][3] 
_pdbx_refine_tls.L[1][1] 
_pdbx_refine_tls.L[2][2] 
_pdbx_refine_tls.L[3][3] 
_pdbx_refine_tls.L[1][2] 
_pdbx_refine_tls.L[1][3] 
_pdbx_refine_tls.L[2][3] 
_pdbx_refine_tls.S[1][1] 
_pdbx_refine_tls.S[1][2] 
_pdbx_refine_tls.S[1][3] 
_pdbx_refine_tls.S[2][1] 
_pdbx_refine_tls.S[2][2] 
_pdbx_refine_tls.S[2][3] 
_pdbx_refine_tls.S[3][1] 
_pdbx_refine_tls.S[3][2] 
_pdbx_refine_tls.S[3][3] 
_pdbx_refine_tls.pdbx_refine_id 
1 ? refined 12.1890 14.3451 10.0723 0.1132 0.1260 0.1368 -0.1257 0.1069 -0.0751 4.7998 9.6193 7.9813 -2.9093 1.4789 2.6752 0.0612  0.3385  0.4093 -0.2900 0.3564 -0.5509 -0.6730 0.9175  -0.4176 'X-RAY DIFFRACTION' 
2 ? refined -3.8226 -4.3161 -2.8283 0.0658 0.1217 0.1233 -0.0290 0.0172 -0.0019 1.3370 1.6110 1.1049 0.1957  0.3678 0.5205 -0.0789 -0.0841 0.2872 -0.0550 0.0632 0.2791  -0.1330 -0.0684 0.0156  'X-RAY DIFFRACTION' 
# 
loop_
_pdbx_refine_tls_group.id 
_pdbx_refine_tls_group.refine_tls_id 
_pdbx_refine_tls_group.beg_label_asym_id 
_pdbx_refine_tls_group.beg_label_seq_id 
_pdbx_refine_tls_group.end_label_asym_id 
_pdbx_refine_tls_group.end_label_seq_id 
_pdbx_refine_tls_group.selection 
_pdbx_refine_tls_group.beg_auth_asym_id 
_pdbx_refine_tls_group.beg_auth_seq_id 
_pdbx_refine_tls_group.end_auth_asym_id 
_pdbx_refine_tls_group.end_auth_seq_id 
_pdbx_refine_tls_group.pdbx_refine_id 
_pdbx_refine_tls_group.selection_details 
1 1 A 30 A 72  ? A 30 A 72  'X-RAY DIFFRACTION' ? 
2 2 A 73 A 216 ? A 73 A 216 'X-RAY DIFFRACTION' ? 
# 
loop_
_pdbx_unobs_or_zero_occ_residues.id 
_pdbx_unobs_or_zero_occ_residues.PDB_model_num 
_pdbx_unobs_or_zero_occ_residues.polymer_flag 
_pdbx_unobs_or_zero_occ_residues.occupancy_flag 
_pdbx_unobs_or_zero_occ_residues.auth_asym_id 
_pdbx_unobs_or_zero_occ_residues.auth_comp_id 
_pdbx_unobs_or_zero_occ_residues.auth_seq_id 
_pdbx_unobs_or_zero_occ_residues.PDB_ins_code 
_pdbx_unobs_or_zero_occ_residues.label_asym_id 
_pdbx_unobs_or_zero_occ_residues.label_comp_id 
_pdbx_unobs_or_zero_occ_residues.label_seq_id 
1  1 Y 1 A MSE 1   ? A MSE 1   
2  1 Y 1 A VAL 2   ? A VAL 2   
3  1 Y 1 A ALA 3   ? A ALA 3   
4  1 Y 1 A TYR 4   ? A TYR 4   
5  1 Y 1 A PRO 5   ? A PRO 5   
6  1 Y 1 A GLY 6   ? A GLY 6   
7  1 Y 1 A PRO 7   ? A PRO 7   
8  1 Y 1 A MSE 8   ? A MSE 8   
9  1 Y 1 A PRO 9   ? A PRO 9   
10 1 Y 1 A ARG 10  ? A ARG 10  
11 1 Y 1 A SER 11  ? A SER 11  
12 1 Y 1 A PRO 12  ? A PRO 12  
13 1 Y 1 A SER 13  ? A SER 13  
14 1 Y 1 A PRO 14  ? A PRO 14  
15 1 Y 1 A GLY 15  ? A GLY 15  
16 1 Y 1 A GLN 16  ? A GLN 16  
17 1 Y 1 A THR 17  ? A THR 17  
18 1 Y 1 A PRO 18  ? A PRO 18  
19 1 Y 1 A ASP 19  ? A ASP 19  
20 1 Y 1 A ALA 20  ? A ALA 20  
21 1 Y 1 A PRO 21  ? A PRO 21  
22 1 Y 1 A THR 22  ? A THR 22  
23 1 Y 1 A SER 23  ? A SER 23  
24 1 Y 1 A GLY 24  ? A GLY 24  
25 1 Y 1 A GLY 25  ? A GLY 25  
26 1 Y 1 A GLY 26  ? A GLY 26  
27 1 Y 1 A SER 27  ? A SER 27  
28 1 Y 1 A THR 28  ? A THR 28  
29 1 Y 1 A ASP 29  ? A ASP 29  
30 1 Y 1 A GLU 130 ? A GLU 130 
31 1 Y 1 A SER 131 ? A SER 131 
32 1 Y 1 A ALA 132 ? A ALA 132 
33 1 Y 1 A ASP 133 ? A ASP 133 
34 1 Y 1 A ASN 134 ? A ASN 134 
35 1 Y 1 A THR 135 ? A THR 135 
36 1 Y 1 A SER 136 ? A SER 136 
37 1 Y 1 A GLY 137 ? A GLY 137 
38 1 Y 1 A ASP 217 ? A ASP 217 
39 1 Y 1 A ARG 218 ? A ARG 218 
40 1 Y 1 A ASP 219 ? A ASP 219 
41 1 Y 1 A GLN 220 ? A GLN 220 
42 1 Y 1 A ARG 221 ? A ARG 221 
43 1 Y 1 A PRO 222 ? A PRO 222 
44 1 Y 1 A ASN 223 ? A ASN 223 
45 1 Y 1 A ARG 224 ? A ARG 224 
46 1 Y 1 A LEU 225 ? A LEU 225 
47 1 Y 1 A THR 226 ? A THR 226 
# 
loop_
_chem_comp_atom.comp_id 
_chem_comp_atom.atom_id 
_chem_comp_atom.type_symbol 
_chem_comp_atom.pdbx_aromatic_flag 
_chem_comp_atom.pdbx_stereo_config 
_chem_comp_atom.pdbx_ordinal 
ALA N    N  N N 1   
ALA CA   C  N S 2   
ALA C    C  N N 3   
ALA O    O  N N 4   
ALA CB   C  N N 5   
ALA OXT  O  N N 6   
ALA H    H  N N 7   
ALA H2   H  N N 8   
ALA HA   H  N N 9   
ALA HB1  H  N N 10  
ALA HB2  H  N N 11  
ALA HB3  H  N N 12  
ALA HXT  H  N N 13  
ARG N    N  N N 14  
ARG CA   C  N S 15  
ARG C    C  N N 16  
ARG O    O  N N 17  
ARG CB   C  N N 18  
ARG CG   C  N N 19  
ARG CD   C  N N 20  
ARG NE   N  N N 21  
ARG CZ   C  N N 22  
ARG NH1  N  N N 23  
ARG NH2  N  N N 24  
ARG OXT  O  N N 25  
ARG H    H  N N 26  
ARG H2   H  N N 27  
ARG HA   H  N N 28  
ARG HB2  H  N N 29  
ARG HB3  H  N N 30  
ARG HG2  H  N N 31  
ARG HG3  H  N N 32  
ARG HD2  H  N N 33  
ARG HD3  H  N N 34  
ARG HE   H  N N 35  
ARG HH11 H  N N 36  
ARG HH12 H  N N 37  
ARG HH21 H  N N 38  
ARG HH22 H  N N 39  
ARG HXT  H  N N 40  
ASN N    N  N N 41  
ASN CA   C  N S 42  
ASN C    C  N N 43  
ASN O    O  N N 44  
ASN CB   C  N N 45  
ASN CG   C  N N 46  
ASN OD1  O  N N 47  
ASN ND2  N  N N 48  
ASN OXT  O  N N 49  
ASN H    H  N N 50  
ASN H2   H  N N 51  
ASN HA   H  N N 52  
ASN HB2  H  N N 53  
ASN HB3  H  N N 54  
ASN HD21 H  N N 55  
ASN HD22 H  N N 56  
ASN HXT  H  N N 57  
ASP N    N  N N 58  
ASP CA   C  N S 59  
ASP C    C  N N 60  
ASP O    O  N N 61  
ASP CB   C  N N 62  
ASP CG   C  N N 63  
ASP OD1  O  N N 64  
ASP OD2  O  N N 65  
ASP OXT  O  N N 66  
ASP H    H  N N 67  
ASP H2   H  N N 68  
ASP HA   H  N N 69  
ASP HB2  H  N N 70  
ASP HB3  H  N N 71  
ASP HD2  H  N N 72  
ASP HXT  H  N N 73  
GLN N    N  N N 74  
GLN CA   C  N S 75  
GLN C    C  N N 76  
GLN O    O  N N 77  
GLN CB   C  N N 78  
GLN CG   C  N N 79  
GLN CD   C  N N 80  
GLN OE1  O  N N 81  
GLN NE2  N  N N 82  
GLN OXT  O  N N 83  
GLN H    H  N N 84  
GLN H2   H  N N 85  
GLN HA   H  N N 86  
GLN HB2  H  N N 87  
GLN HB3  H  N N 88  
GLN HG2  H  N N 89  
GLN HG3  H  N N 90  
GLN HE21 H  N N 91  
GLN HE22 H  N N 92  
GLN HXT  H  N N 93  
GLU N    N  N N 94  
GLU CA   C  N S 95  
GLU C    C  N N 96  
GLU O    O  N N 97  
GLU CB   C  N N 98  
GLU CG   C  N N 99  
GLU CD   C  N N 100 
GLU OE1  O  N N 101 
GLU OE2  O  N N 102 
GLU OXT  O  N N 103 
GLU H    H  N N 104 
GLU H2   H  N N 105 
GLU HA   H  N N 106 
GLU HB2  H  N N 107 
GLU HB3  H  N N 108 
GLU HG2  H  N N 109 
GLU HG3  H  N N 110 
GLU HE2  H  N N 111 
GLU HXT  H  N N 112 
GLY N    N  N N 113 
GLY CA   C  N N 114 
GLY C    C  N N 115 
GLY O    O  N N 116 
GLY OXT  O  N N 117 
GLY H    H  N N 118 
GLY H2   H  N N 119 
GLY HA2  H  N N 120 
GLY HA3  H  N N 121 
GLY HXT  H  N N 122 
HIS N    N  N N 123 
HIS CA   C  N S 124 
HIS C    C  N N 125 
HIS O    O  N N 126 
HIS CB   C  N N 127 
HIS CG   C  Y N 128 
HIS ND1  N  Y N 129 
HIS CD2  C  Y N 130 
HIS CE1  C  Y N 131 
HIS NE2  N  Y N 132 
HIS OXT  O  N N 133 
HIS H    H  N N 134 
HIS H2   H  N N 135 
HIS HA   H  N N 136 
HIS HB2  H  N N 137 
HIS HB3  H  N N 138 
HIS HD1  H  N N 139 
HIS HD2  H  N N 140 
HIS HE1  H  N N 141 
HIS HE2  H  N N 142 
HIS HXT  H  N N 143 
HOH O    O  N N 144 
HOH H1   H  N N 145 
HOH H2   H  N N 146 
ILE N    N  N N 147 
ILE CA   C  N S 148 
ILE C    C  N N 149 
ILE O    O  N N 150 
ILE CB   C  N S 151 
ILE CG1  C  N N 152 
ILE CG2  C  N N 153 
ILE CD1  C  N N 154 
ILE OXT  O  N N 155 
ILE H    H  N N 156 
ILE H2   H  N N 157 
ILE HA   H  N N 158 
ILE HB   H  N N 159 
ILE HG12 H  N N 160 
ILE HG13 H  N N 161 
ILE HG21 H  N N 162 
ILE HG22 H  N N 163 
ILE HG23 H  N N 164 
ILE HD11 H  N N 165 
ILE HD12 H  N N 166 
ILE HD13 H  N N 167 
ILE HXT  H  N N 168 
LEU N    N  N N 169 
LEU CA   C  N S 170 
LEU C    C  N N 171 
LEU O    O  N N 172 
LEU CB   C  N N 173 
LEU CG   C  N N 174 
LEU CD1  C  N N 175 
LEU CD2  C  N N 176 
LEU OXT  O  N N 177 
LEU H    H  N N 178 
LEU H2   H  N N 179 
LEU HA   H  N N 180 
LEU HB2  H  N N 181 
LEU HB3  H  N N 182 
LEU HG   H  N N 183 
LEU HD11 H  N N 184 
LEU HD12 H  N N 185 
LEU HD13 H  N N 186 
LEU HD21 H  N N 187 
LEU HD22 H  N N 188 
LEU HD23 H  N N 189 
LEU HXT  H  N N 190 
LYS N    N  N N 191 
LYS CA   C  N S 192 
LYS C    C  N N 193 
LYS O    O  N N 194 
LYS CB   C  N N 195 
LYS CG   C  N N 196 
LYS CD   C  N N 197 
LYS CE   C  N N 198 
LYS NZ   N  N N 199 
LYS OXT  O  N N 200 
LYS H    H  N N 201 
LYS H2   H  N N 202 
LYS HA   H  N N 203 
LYS HB2  H  N N 204 
LYS HB3  H  N N 205 
LYS HG2  H  N N 206 
LYS HG3  H  N N 207 
LYS HD2  H  N N 208 
LYS HD3  H  N N 209 
LYS HE2  H  N N 210 
LYS HE3  H  N N 211 
LYS HZ1  H  N N 212 
LYS HZ2  H  N N 213 
LYS HZ3  H  N N 214 
LYS HXT  H  N N 215 
MSE N    N  N N 216 
MSE CA   C  N S 217 
MSE C    C  N N 218 
MSE O    O  N N 219 
MSE OXT  O  N N 220 
MSE CB   C  N N 221 
MSE CG   C  N N 222 
MSE SE   SE N N 223 
MSE CE   C  N N 224 
MSE H    H  N N 225 
MSE H2   H  N N 226 
MSE HA   H  N N 227 
MSE HXT  H  N N 228 
MSE HB2  H  N N 229 
MSE HB3  H  N N 230 
MSE HG2  H  N N 231 
MSE HG3  H  N N 232 
MSE HE1  H  N N 233 
MSE HE2  H  N N 234 
MSE HE3  H  N N 235 
PHE N    N  N N 236 
PHE CA   C  N S 237 
PHE C    C  N N 238 
PHE O    O  N N 239 
PHE CB   C  N N 240 
PHE CG   C  Y N 241 
PHE CD1  C  Y N 242 
PHE CD2  C  Y N 243 
PHE CE1  C  Y N 244 
PHE CE2  C  Y N 245 
PHE CZ   C  Y N 246 
PHE OXT  O  N N 247 
PHE H    H  N N 248 
PHE H2   H  N N 249 
PHE HA   H  N N 250 
PHE HB2  H  N N 251 
PHE HB3  H  N N 252 
PHE HD1  H  N N 253 
PHE HD2  H  N N 254 
PHE HE1  H  N N 255 
PHE HE2  H  N N 256 
PHE HZ   H  N N 257 
PHE HXT  H  N N 258 
PRO N    N  N N 259 
PRO CA   C  N S 260 
PRO C    C  N N 261 
PRO O    O  N N 262 
PRO CB   C  N N 263 
PRO CG   C  N N 264 
PRO CD   C  N N 265 
PRO OXT  O  N N 266 
PRO H    H  N N 267 
PRO HA   H  N N 268 
PRO HB2  H  N N 269 
PRO HB3  H  N N 270 
PRO HG2  H  N N 271 
PRO HG3  H  N N 272 
PRO HD2  H  N N 273 
PRO HD3  H  N N 274 
PRO HXT  H  N N 275 
SER N    N  N N 276 
SER CA   C  N S 277 
SER C    C  N N 278 
SER O    O  N N 279 
SER CB   C  N N 280 
SER OG   O  N N 281 
SER OXT  O  N N 282 
SER H    H  N N 283 
SER H2   H  N N 284 
SER HA   H  N N 285 
SER HB2  H  N N 286 
SER HB3  H  N N 287 
SER HG   H  N N 288 
SER HXT  H  N N 289 
SO4 S    S  N N 290 
SO4 O1   O  N N 291 
SO4 O2   O  N N 292 
SO4 O3   O  N N 293 
SO4 O4   O  N N 294 
THR N    N  N N 295 
THR CA   C  N S 296 
THR C    C  N N 297 
THR O    O  N N 298 
THR CB   C  N R 299 
THR OG1  O  N N 300 
THR CG2  C  N N 301 
THR OXT  O  N N 302 
THR H    H  N N 303 
THR H2   H  N N 304 
THR HA   H  N N 305 
THR HB   H  N N 306 
THR HG1  H  N N 307 
THR HG21 H  N N 308 
THR HG22 H  N N 309 
THR HG23 H  N N 310 
THR HXT  H  N N 311 
TRP N    N  N N 312 
TRP CA   C  N S 313 
TRP C    C  N N 314 
TRP O    O  N N 315 
TRP CB   C  N N 316 
TRP CG   C  Y N 317 
TRP CD1  C  Y N 318 
TRP CD2  C  Y N 319 
TRP NE1  N  Y N 320 
TRP CE2  C  Y N 321 
TRP CE3  C  Y N 322 
TRP CZ2  C  Y N 323 
TRP CZ3  C  Y N 324 
TRP CH2  C  Y N 325 
TRP OXT  O  N N 326 
TRP H    H  N N 327 
TRP H2   H  N N 328 
TRP HA   H  N N 329 
TRP HB2  H  N N 330 
TRP HB3  H  N N 331 
TRP HD1  H  N N 332 
TRP HE1  H  N N 333 
TRP HE3  H  N N 334 
TRP HZ2  H  N N 335 
TRP HZ3  H  N N 336 
TRP HH2  H  N N 337 
TRP HXT  H  N N 338 
TYR N    N  N N 339 
TYR CA   C  N S 340 
TYR C    C  N N 341 
TYR O    O  N N 342 
TYR CB   C  N N 343 
TYR CG   C  Y N 344 
TYR CD1  C  Y N 345 
TYR CD2  C  Y N 346 
TYR CE1  C  Y N 347 
TYR CE2  C  Y N 348 
TYR CZ   C  Y N 349 
TYR OH   O  N N 350 
TYR OXT  O  N N 351 
TYR H    H  N N 352 
TYR H2   H  N N 353 
TYR HA   H  N N 354 
TYR HB2  H  N N 355 
TYR HB3  H  N N 356 
TYR HD1  H  N N 357 
TYR HD2  H  N N 358 
TYR HE1  H  N N 359 
TYR HE2  H  N N 360 
TYR HH   H  N N 361 
TYR HXT  H  N N 362 
VAL N    N  N N 363 
VAL CA   C  N S 364 
VAL C    C  N N 365 
VAL O    O  N N 366 
VAL CB   C  N N 367 
VAL CG1  C  N N 368 
VAL CG2  C  N N 369 
VAL OXT  O  N N 370 
VAL H    H  N N 371 
VAL H2   H  N N 372 
VAL HA   H  N N 373 
VAL HB   H  N N 374 
VAL HG11 H  N N 375 
VAL HG12 H  N N 376 
VAL HG13 H  N N 377 
VAL HG21 H  N N 378 
VAL HG22 H  N N 379 
VAL HG23 H  N N 380 
VAL HXT  H  N N 381 
# 
loop_
_chem_comp_bond.comp_id 
_chem_comp_bond.atom_id_1 
_chem_comp_bond.atom_id_2 
_chem_comp_bond.value_order 
_chem_comp_bond.pdbx_aromatic_flag 
_chem_comp_bond.pdbx_stereo_config 
_chem_comp_bond.pdbx_ordinal 
ALA N   CA   sing N N 1   
ALA N   H    sing N N 2   
ALA N   H2   sing N N 3   
ALA CA  C    sing N N 4   
ALA CA  CB   sing N N 5   
ALA CA  HA   sing N N 6   
ALA C   O    doub N N 7   
ALA C   OXT  sing N N 8   
ALA CB  HB1  sing N N 9   
ALA CB  HB2  sing N N 10  
ALA CB  HB3  sing N N 11  
ALA OXT HXT  sing N N 12  
ARG N   CA   sing N N 13  
ARG N   H    sing N N 14  
ARG N   H2   sing N N 15  
ARG CA  C    sing N N 16  
ARG CA  CB   sing N N 17  
ARG CA  HA   sing N N 18  
ARG C   O    doub N N 19  
ARG C   OXT  sing N N 20  
ARG CB  CG   sing N N 21  
ARG CB  HB2  sing N N 22  
ARG CB  HB3  sing N N 23  
ARG CG  CD   sing N N 24  
ARG CG  HG2  sing N N 25  
ARG CG  HG3  sing N N 26  
ARG CD  NE   sing N N 27  
ARG CD  HD2  sing N N 28  
ARG CD  HD3  sing N N 29  
ARG NE  CZ   sing N N 30  
ARG NE  HE   sing N N 31  
ARG CZ  NH1  sing N N 32  
ARG CZ  NH2  doub N N 33  
ARG NH1 HH11 sing N N 34  
ARG NH1 HH12 sing N N 35  
ARG NH2 HH21 sing N N 36  
ARG NH2 HH22 sing N N 37  
ARG OXT HXT  sing N N 38  
ASN N   CA   sing N N 39  
ASN N   H    sing N N 40  
ASN N   H2   sing N N 41  
ASN CA  C    sing N N 42  
ASN CA  CB   sing N N 43  
ASN CA  HA   sing N N 44  
ASN C   O    doub N N 45  
ASN C   OXT  sing N N 46  
ASN CB  CG   sing N N 47  
ASN CB  HB2  sing N N 48  
ASN CB  HB3  sing N N 49  
ASN CG  OD1  doub N N 50  
ASN CG  ND2  sing N N 51  
ASN ND2 HD21 sing N N 52  
ASN ND2 HD22 sing N N 53  
ASN OXT HXT  sing N N 54  
ASP N   CA   sing N N 55  
ASP N   H    sing N N 56  
ASP N   H2   sing N N 57  
ASP CA  C    sing N N 58  
ASP CA  CB   sing N N 59  
ASP CA  HA   sing N N 60  
ASP C   O    doub N N 61  
ASP C   OXT  sing N N 62  
ASP CB  CG   sing N N 63  
ASP CB  HB2  sing N N 64  
ASP CB  HB3  sing N N 65  
ASP CG  OD1  doub N N 66  
ASP CG  OD2  sing N N 67  
ASP OD2 HD2  sing N N 68  
ASP OXT HXT  sing N N 69  
GLN N   CA   sing N N 70  
GLN N   H    sing N N 71  
GLN N   H2   sing N N 72  
GLN CA  C    sing N N 73  
GLN CA  CB   sing N N 74  
GLN CA  HA   sing N N 75  
GLN C   O    doub N N 76  
GLN C   OXT  sing N N 77  
GLN CB  CG   sing N N 78  
GLN CB  HB2  sing N N 79  
GLN CB  HB3  sing N N 80  
GLN CG  CD   sing N N 81  
GLN CG  HG2  sing N N 82  
GLN CG  HG3  sing N N 83  
GLN CD  OE1  doub N N 84  
GLN CD  NE2  sing N N 85  
GLN NE2 HE21 sing N N 86  
GLN NE2 HE22 sing N N 87  
GLN OXT HXT  sing N N 88  
GLU N   CA   sing N N 89  
GLU N   H    sing N N 90  
GLU N   H2   sing N N 91  
GLU CA  C    sing N N 92  
GLU CA  CB   sing N N 93  
GLU CA  HA   sing N N 94  
GLU C   O    doub N N 95  
GLU C   OXT  sing N N 96  
GLU CB  CG   sing N N 97  
GLU CB  HB2  sing N N 98  
GLU CB  HB3  sing N N 99  
GLU CG  CD   sing N N 100 
GLU CG  HG2  sing N N 101 
GLU CG  HG3  sing N N 102 
GLU CD  OE1  doub N N 103 
GLU CD  OE2  sing N N 104 
GLU OE2 HE2  sing N N 105 
GLU OXT HXT  sing N N 106 
GLY N   CA   sing N N 107 
GLY N   H    sing N N 108 
GLY N   H2   sing N N 109 
GLY CA  C    sing N N 110 
GLY CA  HA2  sing N N 111 
GLY CA  HA3  sing N N 112 
GLY C   O    doub N N 113 
GLY C   OXT  sing N N 114 
GLY OXT HXT  sing N N 115 
HIS N   CA   sing N N 116 
HIS N   H    sing N N 117 
HIS N   H2   sing N N 118 
HIS CA  C    sing N N 119 
HIS CA  CB   sing N N 120 
HIS CA  HA   sing N N 121 
HIS C   O    doub N N 122 
HIS C   OXT  sing N N 123 
HIS CB  CG   sing N N 124 
HIS CB  HB2  sing N N 125 
HIS CB  HB3  sing N N 126 
HIS CG  ND1  sing Y N 127 
HIS CG  CD2  doub Y N 128 
HIS ND1 CE1  doub Y N 129 
HIS ND1 HD1  sing N N 130 
HIS CD2 NE2  sing Y N 131 
HIS CD2 HD2  sing N N 132 
HIS CE1 NE2  sing Y N 133 
HIS CE1 HE1  sing N N 134 
HIS NE2 HE2  sing N N 135 
HIS OXT HXT  sing N N 136 
HOH O   H1   sing N N 137 
HOH O   H2   sing N N 138 
ILE N   CA   sing N N 139 
ILE N   H    sing N N 140 
ILE N   H2   sing N N 141 
ILE CA  C    sing N N 142 
ILE CA  CB   sing N N 143 
ILE CA  HA   sing N N 144 
ILE C   O    doub N N 145 
ILE C   OXT  sing N N 146 
ILE CB  CG1  sing N N 147 
ILE CB  CG2  sing N N 148 
ILE CB  HB   sing N N 149 
ILE CG1 CD1  sing N N 150 
ILE CG1 HG12 sing N N 151 
ILE CG1 HG13 sing N N 152 
ILE CG2 HG21 sing N N 153 
ILE CG2 HG22 sing N N 154 
ILE CG2 HG23 sing N N 155 
ILE CD1 HD11 sing N N 156 
ILE CD1 HD12 sing N N 157 
ILE CD1 HD13 sing N N 158 
ILE OXT HXT  sing N N 159 
LEU N   CA   sing N N 160 
LEU N   H    sing N N 161 
LEU N   H2   sing N N 162 
LEU CA  C    sing N N 163 
LEU CA  CB   sing N N 164 
LEU CA  HA   sing N N 165 
LEU C   O    doub N N 166 
LEU C   OXT  sing N N 167 
LEU CB  CG   sing N N 168 
LEU CB  HB2  sing N N 169 
LEU CB  HB3  sing N N 170 
LEU CG  CD1  sing N N 171 
LEU CG  CD2  sing N N 172 
LEU CG  HG   sing N N 173 
LEU CD1 HD11 sing N N 174 
LEU CD1 HD12 sing N N 175 
LEU CD1 HD13 sing N N 176 
LEU CD2 HD21 sing N N 177 
LEU CD2 HD22 sing N N 178 
LEU CD2 HD23 sing N N 179 
LEU OXT HXT  sing N N 180 
LYS N   CA   sing N N 181 
LYS N   H    sing N N 182 
LYS N   H2   sing N N 183 
LYS CA  C    sing N N 184 
LYS CA  CB   sing N N 185 
LYS CA  HA   sing N N 186 
LYS C   O    doub N N 187 
LYS C   OXT  sing N N 188 
LYS CB  CG   sing N N 189 
LYS CB  HB2  sing N N 190 
LYS CB  HB3  sing N N 191 
LYS CG  CD   sing N N 192 
LYS CG  HG2  sing N N 193 
LYS CG  HG3  sing N N 194 
LYS CD  CE   sing N N 195 
LYS CD  HD2  sing N N 196 
LYS CD  HD3  sing N N 197 
LYS CE  NZ   sing N N 198 
LYS CE  HE2  sing N N 199 
LYS CE  HE3  sing N N 200 
LYS NZ  HZ1  sing N N 201 
LYS NZ  HZ2  sing N N 202 
LYS NZ  HZ3  sing N N 203 
LYS OXT HXT  sing N N 204 
MSE N   CA   sing N N 205 
MSE N   H    sing N N 206 
MSE N   H2   sing N N 207 
MSE CA  C    sing N N 208 
MSE CA  CB   sing N N 209 
MSE CA  HA   sing N N 210 
MSE C   O    doub N N 211 
MSE C   OXT  sing N N 212 
MSE OXT HXT  sing N N 213 
MSE CB  CG   sing N N 214 
MSE CB  HB2  sing N N 215 
MSE CB  HB3  sing N N 216 
MSE CG  SE   sing N N 217 
MSE CG  HG2  sing N N 218 
MSE CG  HG3  sing N N 219 
MSE SE  CE   sing N N 220 
MSE CE  HE1  sing N N 221 
MSE CE  HE2  sing N N 222 
MSE CE  HE3  sing N N 223 
PHE N   CA   sing N N 224 
PHE N   H    sing N N 225 
PHE N   H2   sing N N 226 
PHE CA  C    sing N N 227 
PHE CA  CB   sing N N 228 
PHE CA  HA   sing N N 229 
PHE C   O    doub N N 230 
PHE C   OXT  sing N N 231 
PHE CB  CG   sing N N 232 
PHE CB  HB2  sing N N 233 
PHE CB  HB3  sing N N 234 
PHE CG  CD1  doub Y N 235 
PHE CG  CD2  sing Y N 236 
PHE CD1 CE1  sing Y N 237 
PHE CD1 HD1  sing N N 238 
PHE CD2 CE2  doub Y N 239 
PHE CD2 HD2  sing N N 240 
PHE CE1 CZ   doub Y N 241 
PHE CE1 HE1  sing N N 242 
PHE CE2 CZ   sing Y N 243 
PHE CE2 HE2  sing N N 244 
PHE CZ  HZ   sing N N 245 
PHE OXT HXT  sing N N 246 
PRO N   CA   sing N N 247 
PRO N   CD   sing N N 248 
PRO N   H    sing N N 249 
PRO CA  C    sing N N 250 
PRO CA  CB   sing N N 251 
PRO CA  HA   sing N N 252 
PRO C   O    doub N N 253 
PRO C   OXT  sing N N 254 
PRO CB  CG   sing N N 255 
PRO CB  HB2  sing N N 256 
PRO CB  HB3  sing N N 257 
PRO CG  CD   sing N N 258 
PRO CG  HG2  sing N N 259 
PRO CG  HG3  sing N N 260 
PRO CD  HD2  sing N N 261 
PRO CD  HD3  sing N N 262 
PRO OXT HXT  sing N N 263 
SER N   CA   sing N N 264 
SER N   H    sing N N 265 
SER N   H2   sing N N 266 
SER CA  C    sing N N 267 
SER CA  CB   sing N N 268 
SER CA  HA   sing N N 269 
SER C   O    doub N N 270 
SER C   OXT  sing N N 271 
SER CB  OG   sing N N 272 
SER CB  HB2  sing N N 273 
SER CB  HB3  sing N N 274 
SER OG  HG   sing N N 275 
SER OXT HXT  sing N N 276 
SO4 S   O1   doub N N 277 
SO4 S   O2   doub N N 278 
SO4 S   O3   sing N N 279 
SO4 S   O4   sing N N 280 
THR N   CA   sing N N 281 
THR N   H    sing N N 282 
THR N   H2   sing N N 283 
THR CA  C    sing N N 284 
THR CA  CB   sing N N 285 
THR CA  HA   sing N N 286 
THR C   O    doub N N 287 
THR C   OXT  sing N N 288 
THR CB  OG1  sing N N 289 
THR CB  CG2  sing N N 290 
THR CB  HB   sing N N 291 
THR OG1 HG1  sing N N 292 
THR CG2 HG21 sing N N 293 
THR CG2 HG22 sing N N 294 
THR CG2 HG23 sing N N 295 
THR OXT HXT  sing N N 296 
TRP N   CA   sing N N 297 
TRP N   H    sing N N 298 
TRP N   H2   sing N N 299 
TRP CA  C    sing N N 300 
TRP CA  CB   sing N N 301 
TRP CA  HA   sing N N 302 
TRP C   O    doub N N 303 
TRP C   OXT  sing N N 304 
TRP CB  CG   sing N N 305 
TRP CB  HB2  sing N N 306 
TRP CB  HB3  sing N N 307 
TRP CG  CD1  doub Y N 308 
TRP CG  CD2  sing Y N 309 
TRP CD1 NE1  sing Y N 310 
TRP CD1 HD1  sing N N 311 
TRP CD2 CE2  doub Y N 312 
TRP CD2 CE3  sing Y N 313 
TRP NE1 CE2  sing Y N 314 
TRP NE1 HE1  sing N N 315 
TRP CE2 CZ2  sing Y N 316 
TRP CE3 CZ3  doub Y N 317 
TRP CE3 HE3  sing N N 318 
TRP CZ2 CH2  doub Y N 319 
TRP CZ2 HZ2  sing N N 320 
TRP CZ3 CH2  sing Y N 321 
TRP CZ3 HZ3  sing N N 322 
TRP CH2 HH2  sing N N 323 
TRP OXT HXT  sing N N 324 
TYR N   CA   sing N N 325 
TYR N   H    sing N N 326 
TYR N   H2   sing N N 327 
TYR CA  C    sing N N 328 
TYR CA  CB   sing N N 329 
TYR CA  HA   sing N N 330 
TYR C   O    doub N N 331 
TYR C   OXT  sing N N 332 
TYR CB  CG   sing N N 333 
TYR CB  HB2  sing N N 334 
TYR CB  HB3  sing N N 335 
TYR CG  CD1  doub Y N 336 
TYR CG  CD2  sing Y N 337 
TYR CD1 CE1  sing Y N 338 
TYR CD1 HD1  sing N N 339 
TYR CD2 CE2  doub Y N 340 
TYR CD2 HD2  sing N N 341 
TYR CE1 CZ   doub Y N 342 
TYR CE1 HE1  sing N N 343 
TYR CE2 CZ   sing Y N 344 
TYR CE2 HE2  sing N N 345 
TYR CZ  OH   sing N N 346 
TYR OH  HH   sing N N 347 
TYR OXT HXT  sing N N 348 
VAL N   CA   sing N N 349 
VAL N   H    sing N N 350 
VAL N   H2   sing N N 351 
VAL CA  C    sing N N 352 
VAL CA  CB   sing N N 353 
VAL CA  HA   sing N N 354 
VAL C   O    doub N N 355 
VAL C   OXT  sing N N 356 
VAL CB  CG1  sing N N 357 
VAL CB  CG2  sing N N 358 
VAL CB  HB   sing N N 359 
VAL CG1 HG11 sing N N 360 
VAL CG1 HG12 sing N N 361 
VAL CG1 HG13 sing N N 362 
VAL CG2 HG21 sing N N 363 
VAL CG2 HG22 sing N N 364 
VAL CG2 HG23 sing N N 365 
VAL OXT HXT  sing N N 366 
# 
_atom_sites.entry_id                    2PZ9 
_atom_sites.fract_transf_matrix[1][1]   0.00548429 
_atom_sites.fract_transf_matrix[1][2]   0.00335207 
_atom_sites.fract_transf_matrix[1][3]   0.01600155 
_atom_sites.fract_transf_matrix[2][1]   -0.00939183 
_atom_sites.fract_transf_matrix[2][2]   -0.00502263 
_atom_sites.fract_transf_matrix[2][3]   0.01356307 
_atom_sites.fract_transf_matrix[3][1]   0.00468280 
_atom_sites.fract_transf_matrix[3][2]   -0.00836080 
_atom_sites.fract_transf_matrix[3][3]   0.00014649 
_atom_sites.fract_transf_vector[1]      0.421310 
_atom_sites.fract_transf_vector[2]      -0.001405 
_atom_sites.fract_transf_vector[3]      0.066309 
# 
loop_
_atom_type.symbol 
C  
N  
O  
S  
SE 
# 
loop_
_atom_site.group_PDB 
_atom_site.id 
_atom_site.type_symbol 
_atom_site.label_atom_id 
_atom_site.label_alt_id 
_atom_site.label_comp_id 
_atom_site.label_asym_id 
_atom_site.label_entity_id 
_atom_site.label_seq_id 
_atom_site.pdbx_PDB_ins_code 
_atom_site.Cartn_x 
_atom_site.Cartn_y 
_atom_site.Cartn_z 
_atom_site.occupancy 
_atom_site.B_iso_or_equiv 
_atom_site.pdbx_formal_charge 
_atom_site.auth_seq_id 
_atom_site.auth_comp_id 
_atom_site.auth_asym_id 
_atom_site.auth_atom_id 
_atom_site.pdbx_PDB_model_num 
ATOM   1    N  N   . SER A 1 30  ? 4.635   24.431  4.271   1.00 63.18  ? 30  SER A N   1 
ATOM   2    C  CA  . SER A 1 30  ? 4.545   24.428  5.777   1.00 64.11  ? 30  SER A CA  1 
ATOM   3    C  C   . SER A 1 30  ? 5.739   23.713  6.428   1.00 64.58  ? 30  SER A C   1 
ATOM   4    O  O   . SER A 1 30  ? 6.707   23.401  5.738   1.00 65.57  ? 30  SER A O   1 
ATOM   5    C  CB  . SER A 1 30  ? 3.203   23.851  6.259   1.00 63.72  ? 30  SER A CB  1 
ATOM   6    O  OG  . SER A 1 30  ? 3.369   22.726  7.099   1.00 63.05  ? 30  SER A OG  1 
ATOM   7    N  N   . THR A 1 31  ? 5.684   23.472  7.738   1.00 64.37  ? 31  THR A N   1 
ATOM   8    C  CA  . THR A 1 31  ? 6.813   22.852  8.446   1.00 64.29  ? 31  THR A CA  1 
ATOM   9    C  C   . THR A 1 31  ? 6.512   21.434  8.962   1.00 63.93  ? 31  THR A C   1 
ATOM   10   O  O   . THR A 1 31  ? 7.351   20.534  8.878   1.00 63.69  ? 31  THR A O   1 
ATOM   11   C  CB  . THR A 1 31  ? 7.301   23.742  9.598   1.00 64.68  ? 31  THR A CB  1 
ATOM   12   O  OG1 . THR A 1 31  ? 7.514   25.078  9.113   1.00 65.22  ? 31  THR A OG1 1 
ATOM   13   C  CG2 . THR A 1 31  ? 8.609   23.207  10.191  1.00 64.78  ? 31  THR A CG2 1 
ATOM   14   N  N   . ARG A 1 32  ? 5.319   21.236  9.507   1.00 63.34  ? 32  ARG A N   1 
ATOM   15   C  CA  . ARG A 1 32  ? 4.864   19.892  9.767   1.00 62.49  ? 32  ARG A CA  1 
ATOM   16   C  C   . ARG A 1 32  ? 4.974   19.116  8.455   1.00 62.07  ? 32  ARG A C   1 
ATOM   17   O  O   . ARG A 1 32  ? 5.549   18.033  8.433   1.00 62.20  ? 32  ARG A O   1 
ATOM   18   C  CB  . ARG A 1 32  ? 3.434   19.885  10.316  1.00 62.38  ? 32  ARG A CB  1 
ATOM   19   C  CG  . ARG A 1 32  ? 3.016   18.565  10.954  1.00 62.83  ? 32  ARG A CG  1 
ATOM   20   C  CD  . ARG A 1 32  ? 1.518   18.514  11.211  1.00 64.63  ? 32  ARG A CD  1 
ATOM   21   N  NE  . ARG A 1 32  ? 0.807   18.961  10.027  1.00 66.64  ? 32  ARG A NE  1 
ATOM   22   C  CZ  . ARG A 1 32  ? 0.650   18.230  8.929   1.00 67.93  ? 32  ARG A CZ  1 
ATOM   23   N  NH1 . ARG A 1 32  ? 1.122   16.985  8.860   1.00 68.33  ? 32  ARG A NH1 1 
ATOM   24   N  NH2 . ARG A 1 32  ? 0.016   18.751  7.895   1.00 68.27  ? 32  ARG A NH2 1 
ATOM   25   N  N   . GLN A 1 33  ? 4.471   19.680  7.353   1.00 61.64  ? 33  GLN A N   1 
ATOM   26   C  CA  . GLN A 1 33  ? 4.454   18.945  6.078   1.00 60.91  ? 33  GLN A CA  1 
ATOM   27   C  C   . GLN A 1 33  ? 5.844   18.569  5.645   1.00 60.39  ? 33  GLN A C   1 
ATOM   28   O  O   . GLN A 1 33  ? 6.095   17.425  5.268   1.00 60.42  ? 33  GLN A O   1 
ATOM   29   C  CB  . GLN A 1 33  ? 3.822   19.755  4.982   1.00 60.68  ? 33  GLN A CB  1 
ATOM   30   C  CG  . GLN A 1 33  ? 2.480   20.261  5.324   1.00 62.23  ? 33  GLN A CG  1 
ATOM   31   C  CD  . GLN A 1 33  ? 1.977   21.207  4.263   1.00 65.04  ? 33  GLN A CD  1 
ATOM   32   O  OE1 . GLN A 1 33  ? 2.737   22.028  3.715   1.00 66.35  ? 33  GLN A OE1 1 
ATOM   33   N  NE2 . GLN A 1 33  ? 0.691   21.104  3.955   1.00 65.25  ? 33  GLN A NE2 1 
ATOM   34   N  N   . ARG A 1 34  ? 6.746   19.543  5.714   1.00 60.09  ? 34  ARG A N   1 
ATOM   35   C  CA  . ARG A 1 34  ? 8.132   19.339  5.337   1.00 59.67  ? 34  ARG A CA  1 
ATOM   36   C  C   . ARG A 1 34  ? 8.812   18.245  6.149   1.00 60.12  ? 34  ARG A C   1 
ATOM   37   O  O   . ARG A 1 34  ? 9.537   17.439  5.575   1.00 60.76  ? 34  ARG A O   1 
ATOM   38   C  CB  . ARG A 1 34  ? 8.917   20.642  5.413   1.00 59.20  ? 34  ARG A CB  1 
ATOM   39   C  CG  . ARG A 1 34  ? 9.040   21.312  4.075   1.00 57.80  ? 34  ARG A CG  1 
ATOM   40   C  CD  . ARG A 1 34  ? 10.085  22.397  4.056   1.00 55.04  ? 34  ARG A CD  1 
ATOM   41   N  NE  . ARG A 1 34  ? 9.614   23.628  4.679   1.00 52.96  ? 34  ARG A NE  1 
ATOM   42   C  CZ  . ARG A 1 34  ? 9.933   24.013  5.912   1.00 52.06  ? 34  ARG A CZ  1 
ATOM   43   N  NH1 . ARG A 1 34  ? 10.727  23.271  6.679   1.00 51.05  ? 34  ARG A NH1 1 
ATOM   44   N  NH2 . ARG A 1 34  ? 9.453   25.147  6.381   1.00 50.96  ? 34  ARG A NH2 1 
ATOM   45   N  N   . ILE A 1 35  ? 8.580   18.215  7.464   1.00 60.04  ? 35  ILE A N   1 
ATOM   46   C  CA  . ILE A 1 35  ? 9.056   17.119  8.336   1.00 59.99  ? 35  ILE A CA  1 
ATOM   47   C  C   . ILE A 1 35  ? 8.455   15.775  7.920   1.00 60.06  ? 35  ILE A C   1 
ATOM   48   O  O   . ILE A 1 35  ? 9.123   14.745  7.928   1.00 60.03  ? 35  ILE A O   1 
ATOM   49   C  CB  . ILE A 1 35  ? 8.684   17.361  9.840   1.00 60.11  ? 35  ILE A CB  1 
ATOM   50   C  CG1 . ILE A 1 35  ? 9.513   18.494  10.455  1.00 59.89  ? 35  ILE A CG1 1 
ATOM   51   C  CG2 . ILE A 1 35  ? 8.838   16.087  10.660  1.00 59.25  ? 35  ILE A CG2 1 
ATOM   52   C  CD1 . ILE A 1 35  ? 8.911   19.067  11.746  1.00 59.55  ? 35  ILE A CD1 1 
ATOM   53   N  N   . VAL A 1 36  ? 7.176   15.790  7.587   1.00 60.25  ? 36  VAL A N   1 
ATOM   54   C  CA  . VAL A 1 36  ? 6.478   14.567  7.240   1.00 60.37  ? 36  VAL A CA  1 
ATOM   55   C  C   . VAL A 1 36  ? 7.000   14.037  5.907   1.00 60.59  ? 36  VAL A C   1 
ATOM   56   O  O   . VAL A 1 36  ? 7.358   12.870  5.805   1.00 60.33  ? 36  VAL A O   1 
ATOM   57   C  CB  . VAL A 1 36  ? 4.953   14.796  7.193   1.00 60.43  ? 36  VAL A CB  1 
ATOM   58   C  CG1 . VAL A 1 36  ? 4.239   13.659  6.412   1.00 60.30  ? 36  VAL A CG1 1 
ATOM   59   C  CG2 . VAL A 1 36  ? 4.422   14.962  8.603   1.00 58.42  ? 36  VAL A CG2 1 
ATOM   60   N  N   . ALA A 1 37  ? 7.063   14.905  4.898   1.00 60.87  ? 37  ALA A N   1 
ATOM   61   C  CA  . ALA A 1 37  ? 7.585   14.517  3.584   1.00 60.75  ? 37  ALA A CA  1 
ATOM   62   C  C   . ALA A 1 37  ? 8.981   13.919  3.712   1.00 60.77  ? 37  ALA A C   1 
ATOM   63   O  O   . ALA A 1 37  ? 9.274   12.889  3.112   1.00 61.11  ? 37  ALA A O   1 
ATOM   64   C  CB  . ALA A 1 37  ? 7.601   15.699  2.648   1.00 60.35  ? 37  ALA A CB  1 
ATOM   65   N  N   . ALA A 1 38  ? 9.826   14.560  4.509   1.00 60.87  ? 38  ALA A N   1 
ATOM   66   C  CA  . ALA A 1 38  ? 11.191  14.100  4.725   1.00 61.46  ? 38  ALA A CA  1 
ATOM   67   C  C   . ALA A 1 38  ? 11.238  12.828  5.558   1.00 61.88  ? 38  ALA A C   1 
ATOM   68   O  O   . ALA A 1 38  ? 12.101  11.978  5.342   1.00 62.59  ? 38  ALA A O   1 
ATOM   69   C  CB  . ALA A 1 38  ? 12.057  15.203  5.361   1.00 61.35  ? 38  ALA A CB  1 
ATOM   70   N  N   . ALA A 1 39  ? 10.320  12.686  6.506   1.00 62.15  ? 39  ALA A N   1 
ATOM   71   C  CA  . ALA A 1 39  ? 10.255  11.454  7.290   1.00 62.63  ? 39  ALA A CA  1 
ATOM   72   C  C   . ALA A 1 39  ? 9.823   10.253  6.425   1.00 62.98  ? 39  ALA A C   1 
ATOM   73   O  O   . ALA A 1 39  ? 10.331  9.150   6.613   1.00 63.52  ? 39  ALA A O   1 
ATOM   74   C  CB  . ALA A 1 39  ? 9.353   11.623  8.518   1.00 62.16  ? 39  ALA A CB  1 
ATOM   75   N  N   . LYS A 1 40  ? 8.905   10.483  5.477   1.00 63.33  ? 40  LYS A N   1 
ATOM   76   C  CA  . LYS A 1 40  ? 8.458   9.482   4.499   1.00 63.26  ? 40  LYS A CA  1 
ATOM   77   C  C   . LYS A 1 40  ? 9.629   8.871   3.756   1.00 63.40  ? 40  LYS A C   1 
ATOM   78   O  O   . LYS A 1 40  ? 9.722   7.653   3.601   1.00 63.96  ? 40  LYS A O   1 
ATOM   79   C  CB  . LYS A 1 40  ? 7.576   10.131  3.449   1.00 63.18  ? 40  LYS A CB  1 
ATOM   80   C  CG  . LYS A 1 40  ? 6.105   9.991   3.647   1.00 65.04  ? 40  LYS A CG  1 
ATOM   81   C  CD  . LYS A 1 40  ? 5.453   9.865   2.255   1.00 69.59  ? 40  LYS A CD  1 
ATOM   82   C  CE  . LYS A 1 40  ? 4.148   10.665  2.106   1.00 71.16  ? 40  LYS A CE  1 
ATOM   83   N  NZ  . LYS A 1 40  ? 4.375   12.140  2.081   1.00 73.86  ? 40  LYS A NZ  1 
ATOM   84   N  N   . GLU A 1 41  ? 10.517  9.730   3.277   1.00 63.20  ? 41  GLU A N   1 
ATOM   85   C  CA  . GLU A 1 41  ? 11.603  9.326   2.406   1.00 62.82  ? 41  GLU A CA  1 
ATOM   86   C  C   . GLU A 1 41  ? 12.680  8.601   3.215   1.00 62.25  ? 41  GLU A C   1 
ATOM   87   O  O   . GLU A 1 41  ? 13.257  7.631   2.736   1.00 61.96  ? 41  GLU A O   1 
ATOM   88   C  CB  . GLU A 1 41  ? 12.146  10.568  1.731   1.00 63.00  ? 41  GLU A CB  1 
ATOM   89   C  CG  . GLU A 1 41  ? 12.804  10.362  0.420   1.00 64.50  ? 41  GLU A CG  1 
ATOM   90   C  CD  . GLU A 1 41  ? 13.988  11.321  0.235   1.00 67.96  ? 41  GLU A CD  1 
ATOM   91   O  OE1 . GLU A 1 41  ? 14.812  11.072  -0.672  1.00 68.10  ? 41  GLU A OE1 1 
ATOM   92   O  OE2 . GLU A 1 41  ? 14.116  12.315  1.007   1.00 69.79  ? 41  GLU A OE2 1 
ATOM   93   N  N   . GLU A 1 42  ? 12.914  9.060   4.449   1.00 61.86  ? 42  GLU A N   1 
ATOM   94   C  CA  . GLU A 1 42  ? 13.842  8.416   5.404   1.00 61.78  ? 42  GLU A CA  1 
ATOM   95   C  C   . GLU A 1 42  ? 13.375  7.079   6.013   1.00 61.71  ? 42  GLU A C   1 
ATOM   96   O  O   . GLU A 1 42  ? 14.195  6.195   6.274   1.00 62.03  ? 42  GLU A O   1 
ATOM   97   C  CB  . GLU A 1 42  ? 14.188  9.377   6.543   1.00 62.10  ? 42  GLU A CB  1 
ATOM   98   C  CG  . GLU A 1 42  ? 15.133  8.805   7.625   1.00 62.28  ? 42  GLU A CG  1 
ATOM   99   C  CD  . GLU A 1 42  ? 16.605  8.826   7.222   1.00 62.75  ? 42  GLU A CD  1 
ATOM   100  O  OE1 . GLU A 1 42  ? 16.954  9.490   6.219   1.00 63.78  ? 42  GLU A OE1 1 
ATOM   101  O  OE2 . GLU A 1 42  ? 17.416  8.178   7.919   1.00 62.44  ? 42  GLU A OE2 1 
ATOM   102  N  N   . PHE A 1 43  ? 12.081  6.940   6.282   1.00 61.54  ? 43  PHE A N   1 
ATOM   103  C  CA  . PHE A 1 43  ? 11.542  5.661   6.739   1.00 61.50  ? 43  PHE A CA  1 
ATOM   104  C  C   . PHE A 1 43  ? 11.544  4.586   5.646   1.00 60.88  ? 43  PHE A C   1 
ATOM   105  O  O   . PHE A 1 43  ? 11.880  3.444   5.910   1.00 60.74  ? 43  PHE A O   1 
ATOM   106  C  CB  . PHE A 1 43  ? 10.139  5.818   7.339   1.00 61.90  ? 43  PHE A CB  1 
ATOM   107  C  CG  . PHE A 1 43  ? 10.113  6.539   8.681   1.00 63.55  ? 43  PHE A CG  1 
ATOM   108  C  CD1 . PHE A 1 43  ? 11.122  6.329   9.638   1.00 64.39  ? 43  PHE A CD1 1 
ATOM   109  C  CD2 . PHE A 1 43  ? 9.059   7.405   9.006   1.00 63.02  ? 43  PHE A CD2 1 
ATOM   110  C  CE1 . PHE A 1 43  ? 11.085  6.994   10.888  1.00 63.72  ? 43  PHE A CE1 1 
ATOM   111  C  CE2 . PHE A 1 43  ? 9.021   8.063   10.245  1.00 62.93  ? 43  PHE A CE2 1 
ATOM   112  C  CZ  . PHE A 1 43  ? 10.039  7.853   11.188  1.00 62.29  ? 43  PHE A CZ  1 
ATOM   113  N  N   . ALA A 1 44  ? 11.188  4.951   4.420   1.00 60.36  ? 44  ALA A N   1 
ATOM   114  C  CA  . ALA A 1 44  ? 11.239  4.001   3.324   1.00 60.41  ? 44  ALA A CA  1 
ATOM   115  C  C   . ALA A 1 44  ? 12.662  3.457   3.117   1.00 60.59  ? 44  ALA A C   1 
ATOM   116  O  O   . ALA A 1 44  ? 12.843  2.268   2.900   1.00 60.60  ? 44  ALA A O   1 
ATOM   117  C  CB  . ALA A 1 44  ? 10.681  4.613   2.043   1.00 60.15  ? 44  ALA A CB  1 
ATOM   118  N  N   . ARG A 1 45  ? 13.661  4.329   3.210   1.00 60.78  ? 45  ARG A N   1 
ATOM   119  C  CA  . ARG A 1 45  ? 15.065  3.951   3.083   1.00 60.75  ? 45  ARG A CA  1 
ATOM   120  C  C   . ARG A 1 45  ? 15.561  3.034   4.185   1.00 60.19  ? 45  ARG A C   1 
ATOM   121  O  O   . ARG A 1 45  ? 16.070  1.959   3.926   1.00 59.96  ? 45  ARG A O   1 
ATOM   122  C  CB  . ARG A 1 45  ? 15.929  5.204   3.105   1.00 61.16  ? 45  ARG A CB  1 
ATOM   123  C  CG  . ARG A 1 45  ? 16.670  5.487   1.834   1.00 63.68  ? 45  ARG A CG  1 
ATOM   124  C  CD  . ARG A 1 45  ? 17.252  6.895   1.870   1.00 68.34  ? 45  ARG A CD  1 
ATOM   125  N  NE  . ARG A 1 45  ? 17.333  7.462   0.525   1.00 71.72  ? 45  ARG A NE  1 
ATOM   126  C  CZ  . ARG A 1 45  ? 16.295  7.952   -0.158  1.00 73.56  ? 45  ARG A CZ  1 
ATOM   127  N  NH1 . ARG A 1 45  ? 15.065  7.951   0.365   1.00 75.16  ? 45  ARG A NH1 1 
ATOM   128  N  NH2 . ARG A 1 45  ? 16.481  8.435   -1.381  1.00 73.53  ? 45  ARG A NH2 1 
ATOM   129  N  N   . HIS A 1 46  ? 15.429  3.476   5.421   1.00 60.08  ? 46  HIS A N   1 
ATOM   130  C  CA  . HIS A 1 46  ? 16.221  2.889   6.486   1.00 60.05  ? 46  HIS A CA  1 
ATOM   131  C  C   . HIS A 1 46  ? 15.378  2.166   7.517   1.00 60.43  ? 46  HIS A C   1 
ATOM   132  O  O   . HIS A 1 46  ? 15.907  1.464   8.384   1.00 60.18  ? 46  HIS A O   1 
ATOM   133  C  CB  . HIS A 1 46  ? 17.049  3.980   7.151   1.00 59.69  ? 46  HIS A CB  1 
ATOM   134  C  CG  . HIS A 1 46  ? 18.016  4.661   6.227   1.00 59.33  ? 46  HIS A CG  1 
ATOM   135  N  ND1 . HIS A 1 46  ? 17.842  5.957   5.787   1.00 59.21  ? 46  HIS A ND1 1 
ATOM   136  C  CD2 . HIS A 1 46  ? 19.172  4.229   5.669   1.00 57.51  ? 46  HIS A CD2 1 
ATOM   137  C  CE1 . HIS A 1 46  ? 18.846  6.294   4.996   1.00 57.01  ? 46  HIS A CE1 1 
ATOM   138  N  NE2 . HIS A 1 46  ? 19.664  5.262   4.907   1.00 56.62  ? 46  HIS A NE2 1 
ATOM   139  N  N   . GLY A 1 47  ? 14.060  2.317   7.399   1.00 60.86  ? 47  GLY A N   1 
ATOM   140  C  CA  . GLY A 1 47  ? 13.127  1.834   8.413   1.00 61.26  ? 47  GLY A CA  1 
ATOM   141  C  C   . GLY A 1 47  ? 13.167  2.729   9.622   1.00 61.76  ? 47  GLY A C   1 
ATOM   142  O  O   . GLY A 1 47  ? 13.703  3.835   9.558   1.00 61.88  ? 47  GLY A O   1 
ATOM   143  N  N   . ILE A 1 48  ? 12.609  2.243   10.727  1.00 62.39  ? 48  ILE A N   1 
ATOM   144  C  CA  . ILE A 1 48  ? 12.551  2.998   11.997  1.00 62.43  ? 48  ILE A CA  1 
ATOM   145  C  C   . ILE A 1 48  ? 13.887  3.042   12.758  1.00 62.40  ? 48  ILE A C   1 
ATOM   146  O  O   . ILE A 1 48  ? 14.465  4.114   12.920  1.00 62.51  ? 48  ILE A O   1 
ATOM   147  C  CB  . ILE A 1 48  ? 11.471  2.439   12.946  1.00 62.61  ? 48  ILE A CB  1 
ATOM   148  C  CG1 . ILE A 1 48  ? 10.123  2.333   12.237  1.00 61.81  ? 48  ILE A CG1 1 
ATOM   149  C  CG2 . ILE A 1 48  ? 11.412  3.272   14.250  1.00 63.05  ? 48  ILE A CG2 1 
ATOM   150  C  CD1 . ILE A 1 48  ? 9.263   1.236   12.792  1.00 63.30  ? 48  ILE A CD1 1 
ATOM   151  N  N   . ALA A 1 49  ? 14.362  1.888   13.235  1.00 62.27  ? 49  ALA A N   1 
ATOM   152  C  CA  . ALA A 1 49  ? 15.665  1.816   13.896  1.00 62.15  ? 49  ALA A CA  1 
ATOM   153  C  C   . ALA A 1 49  ? 16.741  2.472   13.031  1.00 62.11  ? 49  ALA A C   1 
ATOM   154  O  O   . ALA A 1 49  ? 17.566  3.218   13.534  1.00 62.11  ? 49  ALA A O   1 
ATOM   155  C  CB  . ALA A 1 49  ? 16.032  0.372   14.222  1.00 61.88  ? 49  ALA A CB  1 
ATOM   156  N  N   . GLY A 1 50  ? 16.696  2.227   11.724  1.00 62.15  ? 50  GLY A N   1 
ATOM   157  C  CA  . GLY A 1 50  ? 17.657  2.815   10.805  1.00 62.25  ? 50  GLY A CA  1 
ATOM   158  C  C   . GLY A 1 50  ? 17.483  4.283   10.437  1.00 62.69  ? 50  GLY A C   1 
ATOM   159  O  O   . GLY A 1 50  ? 18.397  4.894   9.904   1.00 62.98  ? 50  GLY A O   1 
ATOM   160  N  N   . ALA A 1 51  ? 16.324  4.874   10.676  1.00 63.09  ? 51  ALA A N   1 
ATOM   161  C  CA  . ALA A 1 51  ? 16.164  6.280   10.309  1.00 63.67  ? 51  ALA A CA  1 
ATOM   162  C  C   . ALA A 1 51  ? 16.788  7.233   11.351  1.00 64.27  ? 51  ALA A C   1 
ATOM   163  O  O   . ALA A 1 51  ? 16.773  6.949   12.565  1.00 64.29  ? 51  ALA A O   1 
ATOM   164  C  CB  . ALA A 1 51  ? 14.696  6.616   10.041  1.00 63.19  ? 51  ALA A CB  1 
ATOM   165  N  N   . ARG A 1 52  ? 17.336  8.351   10.864  1.00 64.73  ? 52  ARG A N   1 
ATOM   166  C  CA  . ARG A 1 52  ? 17.917  9.398   11.714  1.00 65.11  ? 52  ARG A CA  1 
ATOM   167  C  C   . ARG A 1 52  ? 17.121  10.710  11.686  1.00 65.30  ? 52  ARG A C   1 
ATOM   168  O  O   . ARG A 1 52  ? 16.888  11.292  10.622  1.00 65.49  ? 52  ARG A O   1 
ATOM   169  C  CB  . ARG A 1 52  ? 19.379  9.657   11.349  1.00 65.01  ? 52  ARG A CB  1 
ATOM   170  C  CG  . ARG A 1 52  ? 20.310  8.553   11.789  1.00 66.95  ? 52  ARG A CG  1 
ATOM   171  C  CD  . ARG A 1 52  ? 21.609  9.119   12.371  1.00 71.09  ? 52  ARG A CD  1 
ATOM   172  N  NE  . ARG A 1 52  ? 22.520  8.045   12.784  1.00 73.89  ? 52  ARG A NE  1 
ATOM   173  C  CZ  . ARG A 1 52  ? 23.491  7.533   12.022  1.00 75.16  ? 52  ARG A CZ  1 
ATOM   174  N  NH1 . ARG A 1 52  ? 23.710  7.997   10.796  1.00 75.88  ? 52  ARG A NH1 1 
ATOM   175  N  NH2 . ARG A 1 52  ? 24.256  6.550   12.484  1.00 75.46  ? 52  ARG A NH2 1 
ATOM   176  N  N   . VAL A 1 53  ? 16.708  11.165  12.871  1.00 65.44  ? 53  VAL A N   1 
ATOM   177  C  CA  . VAL A 1 53  ? 16.084  12.482  13.064  1.00 65.39  ? 53  VAL A CA  1 
ATOM   178  C  C   . VAL A 1 53  ? 17.007  13.614  12.584  1.00 65.28  ? 53  VAL A C   1 
ATOM   179  O  O   . VAL A 1 53  ? 16.537  14.576  11.978  1.00 64.93  ? 53  VAL A O   1 
ATOM   180  C  CB  . VAL A 1 53  ? 15.676  12.679  14.550  1.00 65.78  ? 53  VAL A CB  1 
ATOM   181  C  CG1 . VAL A 1 53  ? 15.130  14.091  14.820  1.00 65.73  ? 53  VAL A CG1 1 
ATOM   182  C  CG2 . VAL A 1 53  ? 14.665  11.605  14.967  1.00 65.70  ? 53  VAL A CG2 1 
ATOM   183  N  N   . ASP A 1 54  ? 18.307  13.483  12.866  1.00 65.49  ? 54  ASP A N   1 
ATOM   184  C  CA  . ASP A 1 54  ? 19.362  14.263  12.193  1.00 66.02  ? 54  ASP A CA  1 
ATOM   185  C  C   . ASP A 1 54  ? 19.047  14.482  10.716  1.00 65.58  ? 54  ASP A C   1 
ATOM   186  O  O   . ASP A 1 54  ? 18.733  15.599  10.307  1.00 65.67  ? 54  ASP A O   1 
ATOM   187  C  CB  . ASP A 1 54  ? 20.723  13.556  12.303  1.00 66.41  ? 54  ASP A CB  1 
ATOM   188  C  CG  . ASP A 1 54  ? 21.421  13.835  13.614  1.00 68.72  ? 54  ASP A CG  1 
ATOM   189  O  OD1 . ASP A 1 54  ? 20.730  14.212  14.593  1.00 71.74  ? 54  ASP A OD1 1 
ATOM   190  O  OD2 . ASP A 1 54  ? 22.668  13.681  13.670  1.00 70.28  ? 54  ASP A OD2 1 
ATOM   191  N  N   . ARG A 1 55  ? 19.120  13.408  9.930   1.00 65.09  ? 55  ARG A N   1 
ATOM   192  C  CA  . ARG A 1 55  ? 18.853  13.482  8.493   1.00 64.85  ? 55  ARG A CA  1 
ATOM   193  C  C   . ARG A 1 55  ? 17.479  14.073  8.189   1.00 63.82  ? 55  ARG A C   1 
ATOM   194  O  O   . ARG A 1 55  ? 17.334  14.870  7.253   1.00 63.89  ? 55  ARG A O   1 
ATOM   195  C  CB  . ARG A 1 55  ? 18.948  12.103  7.836   1.00 65.27  ? 55  ARG A CB  1 
ATOM   196  C  CG  . ARG A 1 55  ? 20.337  11.559  7.607   1.00 66.70  ? 55  ARG A CG  1 
ATOM   197  C  CD  . ARG A 1 55  ? 20.169  10.238  6.891   1.00 69.67  ? 55  ARG A CD  1 
ATOM   198  N  NE  . ARG A 1 55  ? 21.253  9.296   7.154   1.00 72.70  ? 55  ARG A NE  1 
ATOM   199  C  CZ  . ARG A 1 55  ? 21.118  8.140   7.805   1.00 73.65  ? 55  ARG A CZ  1 
ATOM   200  N  NH1 . ARG A 1 55  ? 19.935  7.766   8.285   1.00 72.81  ? 55  ARG A NH1 1 
ATOM   201  N  NH2 . ARG A 1 55  ? 22.179  7.352   7.969   1.00 74.07  ? 55  ARG A NH2 1 
ATOM   202  N  N   . ILE A 1 56  ? 16.475  13.677  8.966   1.00 62.42  ? 56  ILE A N   1 
ATOM   203  C  CA  . ILE A 1 56  ? 15.115  14.113  8.689   1.00 61.37  ? 56  ILE A CA  1 
ATOM   204  C  C   . ILE A 1 56  ? 14.963  15.628  8.821   1.00 61.30  ? 56  ILE A C   1 
ATOM   205  O  O   . ILE A 1 56  ? 14.382  16.260  7.941   1.00 61.17  ? 56  ILE A O   1 
ATOM   206  C  CB  . ILE A 1 56  ? 14.074  13.376  9.549   1.00 61.35  ? 56  ILE A CB  1 
ATOM   207  C  CG1 . ILE A 1 56  ? 13.876  11.946  9.022   1.00 61.04  ? 56  ILE A CG1 1 
ATOM   208  C  CG2 . ILE A 1 56  ? 12.743  14.157  9.569   1.00 59.94  ? 56  ILE A CG2 1 
ATOM   209  C  CD1 . ILE A 1 56  ? 13.115  11.013  9.969   1.00 60.58  ? 56  ILE A CD1 1 
ATOM   210  N  N   . ALA A 1 57  ? 15.480  16.189  9.915   1.00 60.84  ? 57  ALA A N   1 
ATOM   211  C  CA  . ALA A 1 57  ? 15.417  17.616  10.155  1.00 60.48  ? 57  ALA A CA  1 
ATOM   212  C  C   . ALA A 1 57  ? 16.288  18.344  9.131   1.00 60.73  ? 57  ALA A C   1 
ATOM   213  O  O   . ALA A 1 57  ? 15.864  19.354  8.555   1.00 60.81  ? 57  ALA A O   1 
ATOM   214  C  CB  . ALA A 1 57  ? 15.860  17.930  11.554  1.00 60.10  ? 57  ALA A CB  1 
ATOM   215  N  N   . LYS A 1 58  ? 17.492  17.821  8.899   1.00 60.60  ? 58  LYS A N   1 
ATOM   216  C  CA  . LYS A 1 58  ? 18.407  18.385  7.916   1.00 60.78  ? 58  LYS A CA  1 
ATOM   217  C  C   . LYS A 1 58  ? 17.711  18.432  6.550   1.00 60.75  ? 58  LYS A C   1 
ATOM   218  O  O   . LYS A 1 58  ? 17.803  19.426  5.848   1.00 60.57  ? 58  LYS A O   1 
ATOM   219  C  CB  . LYS A 1 58  ? 19.730  17.589  7.904   1.00 60.97  ? 58  LYS A CB  1 
ATOM   220  C  CG  . LYS A 1 58  ? 20.649  17.728  6.684   1.00 61.45  ? 58  LYS A CG  1 
ATOM   221  C  CD  . LYS A 1 58  ? 20.281  16.700  5.580   1.00 63.63  ? 58  LYS A CD  1 
ATOM   222  C  CE  . LYS A 1 58  ? 21.492  15.920  5.007   1.00 64.00  ? 58  LYS A CE  1 
ATOM   223  N  NZ  . LYS A 1 58  ? 22.661  16.773  4.634   1.00 63.70  ? 58  LYS A NZ  1 
ATOM   224  N  N   . GLN A 1 59  ? 16.982  17.376  6.202   1.00 60.90  ? 59  GLN A N   1 
ATOM   225  C  CA  . GLN A 1 59  ? 16.252  17.323  4.930   1.00 61.33  ? 59  GLN A CA  1 
ATOM   226  C  C   . GLN A 1 59  ? 14.985  18.192  4.905   1.00 61.14  ? 59  GLN A C   1 
ATOM   227  O  O   . GLN A 1 59  ? 14.684  18.821  3.899   1.00 61.28  ? 59  GLN A O   1 
ATOM   228  C  CB  . GLN A 1 59  ? 15.923  15.869  4.533   1.00 61.39  ? 59  GLN A CB  1 
ATOM   229  C  CG  . GLN A 1 59  ? 15.765  15.651  3.021   1.00 63.02  ? 59  GLN A CG  1 
ATOM   230  C  CD  . GLN A 1 59  ? 17.033  16.025  2.215   1.00 65.79  ? 59  GLN A CD  1 
ATOM   231  O  OE1 . GLN A 1 59  ? 18.151  16.070  2.753   1.00 67.09  ? 59  GLN A OE1 1 
ATOM   232  N  NE2 . GLN A 1 59  ? 16.855  16.290  0.920   1.00 66.37  ? 59  GLN A NE2 1 
ATOM   233  N  N   . ALA A 1 60  ? 14.248  18.217  6.012   1.00 61.14  ? 60  ALA A N   1 
ATOM   234  C  CA  . ALA A 1 60  ? 13.021  19.012  6.137   1.00 60.81  ? 60  ALA A CA  1 
ATOM   235  C  C   . ALA A 1 60  ? 13.296  20.516  6.277   1.00 60.81  ? 60  ALA A C   1 
ATOM   236  O  O   . ALA A 1 60  ? 12.360  21.300  6.466   1.00 61.02  ? 60  ALA A O   1 
ATOM   237  C  CB  . ALA A 1 60  ? 12.195  18.514  7.326   1.00 60.74  ? 60  ALA A CB  1 
ATOM   238  N  N   . ARG A 1 61  ? 14.573  20.905  6.184   1.00 60.41  ? 61  ARG A N   1 
ATOM   239  C  CA  . ARG A 1 61  ? 15.013  22.290  6.357   1.00 59.72  ? 61  ARG A CA  1 
ATOM   240  C  C   . ARG A 1 61  ? 14.567  22.846  7.711   1.00 59.51  ? 61  ARG A C   1 
ATOM   241  O  O   . ARG A 1 61  ? 14.032  23.953  7.780   1.00 59.30  ? 61  ARG A O   1 
ATOM   242  C  CB  . ARG A 1 61  ? 14.493  23.157  5.209   1.00 59.69  ? 61  ARG A CB  1 
ATOM   243  C  CG  . ARG A 1 61  ? 15.474  24.185  4.708   1.00 59.80  ? 61  ARG A CG  1 
ATOM   244  C  CD  . ARG A 1 61  ? 15.359  24.325  3.207   1.00 60.19  ? 61  ARG A CD  1 
ATOM   245  N  NE  . ARG A 1 61  ? 15.480  23.020  2.548   1.00 60.39  ? 61  ARG A NE  1 
ATOM   246  C  CZ  . ARG A 1 61  ? 15.996  22.822  1.334   1.00 60.94  ? 61  ARG A CZ  1 
ATOM   247  N  NH1 . ARG A 1 61  ? 16.464  23.846  0.614   1.00 60.42  ? 61  ARG A NH1 1 
ATOM   248  N  NH2 . ARG A 1 61  ? 16.060  21.586  0.838   1.00 60.03  ? 61  ARG A NH2 1 
ATOM   249  N  N   . THR A 1 62  ? 14.773  22.056  8.770   1.00 59.32  ? 62  THR A N   1 
ATOM   250  C  CA  . THR A 1 62  ? 14.462  22.449  10.164  1.00 59.21  ? 62  THR A CA  1 
ATOM   251  C  C   . THR A 1 62  ? 15.471  21.871  11.206  1.00 59.10  ? 62  THR A C   1 
ATOM   252  O  O   . THR A 1 62  ? 16.529  21.384  10.821  1.00 59.08  ? 62  THR A O   1 
ATOM   253  C  CB  . THR A 1 62  ? 12.960  22.155  10.524  1.00 59.25  ? 62  THR A CB  1 
ATOM   254  O  OG1 . THR A 1 62  ? 12.615  22.830  11.742  1.00 59.30  ? 62  THR A OG1 1 
ATOM   255  C  CG2 . THR A 1 62  ? 12.667  20.646  10.659  1.00 59.22  ? 62  THR A CG2 1 
ATOM   256  N  N   . SER A 1 63  ? 15.168  21.946  12.506  1.00 59.34  ? 63  SER A N   1 
ATOM   257  C  CA  . SER A 1 63  ? 16.053  21.381  13.561  1.00 59.60  ? 63  SER A CA  1 
ATOM   258  C  C   . SER A 1 63  ? 15.476  20.168  14.313  1.00 60.58  ? 63  SER A C   1 
ATOM   259  O  O   . SER A 1 63  ? 14.248  19.955  14.361  1.00 60.39  ? 63  SER A O   1 
ATOM   260  C  CB  . SER A 1 63  ? 16.479  22.452  14.583  1.00 59.28  ? 63  SER A CB  1 
ATOM   261  O  OG  . SER A 1 63  ? 15.441  22.753  15.497  1.00 57.42  ? 63  SER A OG  1 
ATOM   262  N  N   . LYS A 1 64  ? 16.376  19.384  14.906  1.00 61.52  ? 64  LYS A N   1 
ATOM   263  C  CA  . LYS A 1 64  ? 15.988  18.294  15.795  1.00 62.54  ? 64  LYS A CA  1 
ATOM   264  C  C   . LYS A 1 64  ? 14.983  18.782  16.843  1.00 62.91  ? 64  LYS A C   1 
ATOM   265  O  O   . LYS A 1 64  ? 13.933  18.166  17.000  1.00 62.92  ? 64  LYS A O   1 
ATOM   266  C  CB  . LYS A 1 64  ? 17.210  17.669  16.480  1.00 62.62  ? 64  LYS A CB  1 
ATOM   267  C  CG  . LYS A 1 64  ? 17.972  16.642  15.639  1.00 63.12  ? 64  LYS A CG  1 
ATOM   268  C  CD  . LYS A 1 64  ? 19.074  15.963  16.455  1.00 63.10  ? 64  LYS A CD  1 
ATOM   269  C  CE  . LYS A 1 64  ? 18.499  14.881  17.360  1.00 64.97  ? 64  LYS A CE  1 
ATOM   270  N  NZ  . LYS A 1 64  ? 19.561  14.015  17.939  1.00 65.95  ? 64  LYS A NZ  1 
ATOM   271  N  N   . GLU A 1 65  ? 15.280  19.896  17.530  1.00 63.45  ? 65  GLU A N   1 
ATOM   272  C  CA  . GLU A 1 65  ? 14.374  20.391  18.574  1.00 63.96  ? 65  GLU A CA  1 
ATOM   273  C  C   . GLU A 1 65  ? 12.954  20.635  18.043  1.00 63.67  ? 65  GLU A C   1 
ATOM   274  O  O   . GLU A 1 65  ? 11.970  20.294  18.708  1.00 63.87  ? 65  GLU A O   1 
ATOM   275  C  CB  . GLU A 1 65  ? 14.913  21.626  19.317  1.00 63.75  ? 65  GLU A CB  1 
ATOM   276  C  CG  . GLU A 1 65  ? 14.420  21.670  20.799  1.00 65.12  ? 65  GLU A CG  1 
ATOM   277  C  CD  . GLU A 1 65  ? 14.517  23.054  21.501  1.00 65.00  ? 65  GLU A CD  1 
ATOM   278  O  OE1 . GLU A 1 65  ? 14.703  24.069  20.794  1.00 66.70  ? 65  GLU A OE1 1 
ATOM   279  O  OE2 . GLU A 1 65  ? 14.391  23.123  22.759  1.00 63.99  ? 65  GLU A OE2 1 
ATOM   280  N  N   . ARG A 1 66  ? 12.859  21.194  16.839  1.00 63.53  ? 66  ARG A N   1 
ATOM   281  C  CA  . ARG A 1 66  ? 11.570  21.481  16.204  1.00 63.51  ? 66  ARG A CA  1 
ATOM   282  C  C   . ARG A 1 66  ? 10.763  20.207  15.937  1.00 63.02  ? 66  ARG A C   1 
ATOM   283  O  O   . ARG A 1 66  ? 9.570   20.122  16.272  1.00 62.88  ? 66  ARG A O   1 
ATOM   284  C  CB  . ARG A 1 66  ? 11.789  22.220  14.892  1.00 63.93  ? 66  ARG A CB  1 
ATOM   285  C  CG  . ARG A 1 66  ? 10.815  23.325  14.648  1.00 65.52  ? 66  ARG A CG  1 
ATOM   286  C  CD  . ARG A 1 66  ? 11.492  24.680  14.840  1.00 70.36  ? 66  ARG A CD  1 
ATOM   287  N  NE  . ARG A 1 66  ? 10.630  25.684  15.480  1.00 74.25  ? 66  ARG A NE  1 
ATOM   288  C  CZ  . ARG A 1 66  ? 9.387   25.481  15.943  1.00 75.15  ? 66  ARG A CZ  1 
ATOM   289  N  NH1 . ARG A 1 66  ? 8.785   24.297  15.845  1.00 75.44  ? 66  ARG A NH1 1 
ATOM   290  N  NH2 . ARG A 1 66  ? 8.732   26.486  16.509  1.00 75.11  ? 66  ARG A NH2 1 
ATOM   291  N  N   . VAL A 1 67  ? 11.425  19.222  15.333  1.00 62.26  ? 67  VAL A N   1 
ATOM   292  C  CA  . VAL A 1 67  ? 10.811  17.937  15.042  1.00 61.55  ? 67  VAL A CA  1 
ATOM   293  C  C   . VAL A 1 67  ? 10.128  17.397  16.302  1.00 61.43  ? 67  VAL A C   1 
ATOM   294  O  O   . VAL A 1 67  ? 8.938   17.052  16.288  1.00 61.56  ? 67  VAL A O   1 
ATOM   295  C  CB  . VAL A 1 67  ? 11.853  16.940  14.497  1.00 61.48  ? 67  VAL A CB  1 
ATOM   296  C  CG1 . VAL A 1 67  ? 11.236  15.564  14.261  1.00 60.99  ? 67  VAL A CG1 1 
ATOM   297  C  CG2 . VAL A 1 67  ? 12.486  17.475  13.203  1.00 60.76  ? 67  VAL A CG2 1 
ATOM   298  N  N   . TYR A 1 68  ? 10.880  17.384  17.396  1.00 60.65  ? 68  TYR A N   1 
ATOM   299  C  CA  . TYR A 1 68  ? 10.399  16.877  18.669  1.00 59.94  ? 68  TYR A CA  1 
ATOM   300  C  C   . TYR A 1 68  ? 9.341   17.743  19.349  1.00 59.10  ? 68  TYR A C   1 
ATOM   301  O  O   . TYR A 1 68  ? 8.781   17.345  20.364  1.00 58.74  ? 68  TYR A O   1 
ATOM   302  C  CB  . TYR A 1 68  ? 11.565  16.632  19.629  1.00 60.38  ? 68  TYR A CB  1 
ATOM   303  C  CG  . TYR A 1 68  ? 12.535  15.533  19.220  1.00 61.60  ? 68  TYR A CG  1 
ATOM   304  C  CD1 . TYR A 1 68  ? 12.092  14.235  18.885  1.00 62.00  ? 68  TYR A CD1 1 
ATOM   305  C  CD2 . TYR A 1 68  ? 13.909  15.779  19.197  1.00 62.53  ? 68  TYR A CD2 1 
ATOM   306  C  CE1 . TYR A 1 68  ? 13.003  13.224  18.530  1.00 61.97  ? 68  TYR A CE1 1 
ATOM   307  C  CE2 . TYR A 1 68  ? 14.823  14.774  18.833  1.00 63.65  ? 68  TYR A CE2 1 
ATOM   308  C  CZ  . TYR A 1 68  ? 14.368  13.503  18.509  1.00 62.24  ? 68  TYR A CZ  1 
ATOM   309  O  OH  . TYR A 1 68  ? 15.302  12.543  18.162  1.00 63.15  ? 68  TYR A OH  1 
ATOM   310  N  N   . ALA A 1 69  ? 9.069   18.926  18.815  1.00 58.51  ? 69  ALA A N   1 
ATOM   311  C  CA  . ALA A 1 69  ? 7.918   19.687  19.294  1.00 57.85  ? 69  ALA A CA  1 
ATOM   312  C  C   . ALA A 1 69  ? 6.640   19.059  18.713  1.00 57.68  ? 69  ALA A C   1 
ATOM   313  O  O   . ALA A 1 69  ? 5.682   18.813  19.444  1.00 58.02  ? 69  ALA A O   1 
ATOM   314  C  CB  . ALA A 1 69  ? 8.031   21.144  18.940  1.00 57.17  ? 69  ALA A CB  1 
ATOM   315  N  N   . TYR A 1 70  ? 6.636   18.762  17.413  1.00 57.01  ? 70  TYR A N   1 
ATOM   316  C  CA  . TYR A 1 70  ? 5.480   18.128  16.796  1.00 56.56  ? 70  TYR A CA  1 
ATOM   317  C  C   . TYR A 1 70  ? 5.327   16.693  17.261  1.00 56.51  ? 70  TYR A C   1 
ATOM   318  O  O   . TYR A 1 70  ? 4.227   16.229  17.540  1.00 56.63  ? 70  TYR A O   1 
ATOM   319  C  CB  . TYR A 1 70  ? 5.584   18.157  15.264  1.00 56.54  ? 70  TYR A CB  1 
ATOM   320  C  CG  . TYR A 1 70  ? 5.441   19.539  14.666  1.00 56.16  ? 70  TYR A CG  1 
ATOM   321  C  CD1 . TYR A 1 70  ? 6.554   20.396  14.568  1.00 56.07  ? 70  TYR A CD1 1 
ATOM   322  C  CD2 . TYR A 1 70  ? 4.203   19.997  14.205  1.00 53.68  ? 70  TYR A CD2 1 
ATOM   323  C  CE1 . TYR A 1 70  ? 6.431   21.687  14.041  1.00 55.88  ? 70  TYR A CE1 1 
ATOM   324  C  CE2 . TYR A 1 70  ? 4.068   21.270  13.672  1.00 55.23  ? 70  TYR A CE2 1 
ATOM   325  C  CZ  . TYR A 1 70  ? 5.188   22.117  13.594  1.00 56.31  ? 70  TYR A CZ  1 
ATOM   326  O  OH  . TYR A 1 70  ? 5.075   23.386  13.074  1.00 55.50  ? 70  TYR A OH  1 
ATOM   327  N  N   . PHE A 1 71  ? 6.437   15.981  17.342  1.00 56.49  ? 71  PHE A N   1 
ATOM   328  C  CA  . PHE A 1 71  ? 6.373   14.556  17.588  1.00 56.69  ? 71  PHE A CA  1 
ATOM   329  C  C   . PHE A 1 71  ? 7.199   14.182  18.797  1.00 57.15  ? 71  PHE A C   1 
ATOM   330  O  O   . PHE A 1 71  ? 8.318   14.659  18.969  1.00 57.84  ? 71  PHE A O   1 
ATOM   331  C  CB  . PHE A 1 71  ? 6.844   13.797  16.359  1.00 56.46  ? 71  PHE A CB  1 
ATOM   332  C  CG  . PHE A 1 71  ? 6.167   14.239  15.076  1.00 55.78  ? 71  PHE A CG  1 
ATOM   333  C  CD1 . PHE A 1 71  ? 6.791   15.142  14.219  1.00 55.67  ? 71  PHE A CD1 1 
ATOM   334  C  CD2 . PHE A 1 71  ? 4.910   13.747  14.730  1.00 54.02  ? 71  PHE A CD2 1 
ATOM   335  C  CE1 . PHE A 1 71  ? 6.176   15.548  13.025  1.00 56.18  ? 71  PHE A CE1 1 
ATOM   336  C  CE2 . PHE A 1 71  ? 4.282   14.144  13.553  1.00 54.11  ? 71  PHE A CE2 1 
ATOM   337  C  CZ  . PHE A 1 71  ? 4.919   15.044  12.688  1.00 56.09  ? 71  PHE A CZ  1 
ATOM   338  N  N   . ARG A 1 72  ? 6.626   13.334  19.643  1.00 56.88  ? 72  ARG A N   1 
ATOM   339  C  CA  . ARG A 1 72  ? 7.262   12.895  20.872  1.00 55.90  ? 72  ARG A CA  1 
ATOM   340  C  C   . ARG A 1 72  ? 8.614   12.169  20.636  1.00 55.62  ? 72  ARG A C   1 
ATOM   341  O  O   . ARG A 1 72  ? 9.572   12.367  21.375  1.00 55.55  ? 72  ARG A O   1 
ATOM   342  C  CB  . ARG A 1 72  ? 6.250   12.004  21.582  1.00 55.67  ? 72  ARG A CB  1 
ATOM   343  C  CG  . ARG A 1 72  ? 6.654   11.407  22.872  1.00 55.50  ? 72  ARG A CG  1 
ATOM   344  C  CD  . ARG A 1 72  ? 5.537   10.449  23.224  1.00 56.87  ? 72  ARG A CD  1 
ATOM   345  N  NE  . ARG A 1 72  ? 5.756   9.812   24.511  1.00 57.05  ? 72  ARG A NE  1 
ATOM   346  C  CZ  . ARG A 1 72  ? 5.346   10.305  25.674  1.00 57.32  ? 72  ARG A CZ  1 
ATOM   347  N  NH1 . ARG A 1 72  ? 4.681   11.452  25.727  1.00 58.25  ? 72  ARG A NH1 1 
ATOM   348  N  NH2 . ARG A 1 72  ? 5.603   9.646   26.796  1.00 57.98  ? 72  ARG A NH2 1 
ATOM   349  N  N   . SER A 1 73  ? 8.686   11.342  19.591  1.00 55.22  ? 73  SER A N   1 
ATOM   350  C  CA  . SER A 1 73  ? 9.778   10.376  19.421  1.00 54.31  ? 73  SER A CA  1 
ATOM   351  C  C   . SER A 1 73  ? 9.939   9.948   17.972  1.00 53.85  ? 73  SER A C   1 
ATOM   352  O  O   . SER A 1 73  ? 9.022   10.079  17.164  1.00 53.63  ? 73  SER A O   1 
ATOM   353  C  CB  . SER A 1 73  ? 9.499   9.134   20.272  1.00 54.41  ? 73  SER A CB  1 
ATOM   354  O  OG  . SER A 1 73  ? 8.413   8.375   19.748  1.00 54.49  ? 73  SER A OG  1 
ATOM   355  N  N   . LYS A 1 74  ? 11.097  9.409   17.636  1.00 53.47  ? 74  LYS A N   1 
ATOM   356  C  CA  . LYS A 1 74  ? 11.262  8.814   16.320  1.00 53.38  ? 74  LYS A CA  1 
ATOM   357  C  C   . LYS A 1 74  ? 10.092  7.872   16.010  1.00 53.38  ? 74  LYS A C   1 
ATOM   358  O  O   . LYS A 1 74  ? 9.592   7.831   14.888  1.00 53.71  ? 74  LYS A O   1 
ATOM   359  C  CB  . LYS A 1 74  ? 12.592  8.058   16.254  1.00 53.27  ? 74  LYS A CB  1 
ATOM   360  C  CG  . LYS A 1 74  ? 13.207  7.921   14.859  1.00 53.10  ? 74  LYS A CG  1 
ATOM   361  C  CD  . LYS A 1 74  ? 14.592  7.242   14.885  1.00 53.72  ? 74  LYS A CD  1 
ATOM   362  C  CE  . LYS A 1 74  ? 14.528  5.791   15.352  1.00 53.29  ? 74  LYS A CE  1 
ATOM   363  N  NZ  . LYS A 1 74  ? 15.867  5.217   15.585  1.00 53.64  ? 74  LYS A NZ  1 
ATOM   364  N  N   . GLU A 1 75  ? 9.642   7.127   17.014  1.00 53.53  ? 75  GLU A N   1 
ATOM   365  C  CA  . GLU A 1 75  ? 8.617   6.096   16.805  1.00 53.82  ? 75  GLU A CA  1 
ATOM   366  C  C   . GLU A 1 75  ? 7.211   6.713   16.654  1.00 52.61  ? 75  GLU A C   1 
ATOM   367  O  O   . GLU A 1 75  ? 6.414   6.277   15.818  1.00 52.39  ? 75  GLU A O   1 
ATOM   368  C  CB  . GLU A 1 75  ? 8.677   5.008   17.907  1.00 54.57  ? 75  GLU A CB  1 
ATOM   369  C  CG  . GLU A 1 75  ? 10.119  4.502   18.269  1.00 58.19  ? 75  GLU A CG  1 
ATOM   370  C  CD  . GLU A 1 75  ? 10.853  5.398   19.319  1.00 63.14  ? 75  GLU A CD  1 
ATOM   371  O  OE1 . GLU A 1 75  ? 10.296  5.612   20.432  1.00 64.80  ? 75  GLU A OE1 1 
ATOM   372  O  OE2 . GLU A 1 75  ? 11.988  5.877   19.038  1.00 64.63  ? 75  GLU A OE2 1 
ATOM   373  N  N   . ALA A 1 76  ? 6.942   7.748   17.445  1.00 51.16  ? 76  ALA A N   1 
ATOM   374  C  CA  . ALA A 1 76  ? 5.738   8.557   17.291  1.00 50.17  ? 76  ALA A CA  1 
ATOM   375  C  C   . ALA A 1 76  ? 5.643   9.174   15.901  1.00 49.62  ? 76  ALA A C   1 
ATOM   376  O  O   . ALA A 1 76  ? 4.575   9.200   15.302  1.00 49.66  ? 76  ALA A O   1 
ATOM   377  C  CB  . ALA A 1 76  ? 5.676   9.633   18.368  1.00 49.70  ? 76  ALA A CB  1 
ATOM   378  N  N   . LEU A 1 77  ? 6.771   9.652   15.393  1.00 49.41  ? 77  LEU A N   1 
ATOM   379  C  CA  . LEU A 1 77  ? 6.838   10.227  14.074  1.00 49.16  ? 77  LEU A CA  1 
ATOM   380  C  C   . LEU A 1 77  ? 6.488   9.181   13.035  1.00 50.70  ? 77  LEU A C   1 
ATOM   381  O  O   . LEU A 1 77  ? 5.619   9.423   12.194  1.00 50.85  ? 77  LEU A O   1 
ATOM   382  C  CB  . LEU A 1 77  ? 8.228   10.804  13.822  1.00 49.07  ? 77  LEU A CB  1 
ATOM   383  C  CG  . LEU A 1 77  ? 8.584   11.421  12.457  1.00 47.76  ? 77  LEU A CG  1 
ATOM   384  C  CD1 . LEU A 1 77  ? 7.585   12.457  11.981  1.00 46.79  ? 77  LEU A CD1 1 
ATOM   385  C  CD2 . LEU A 1 77  ? 9.966   12.018  12.476  1.00 47.76  ? 77  LEU A CD2 1 
ATOM   386  N  N   . TYR A 1 78  ? 7.146   8.017   13.091  1.00 51.99  ? 78  TYR A N   1 
ATOM   387  C  CA  . TYR A 1 78  ? 6.744   6.909   12.225  1.00 53.48  ? 78  TYR A CA  1 
ATOM   388  C  C   . TYR A 1 78  ? 5.222   6.709   12.267  1.00 53.83  ? 78  TYR A C   1 
ATOM   389  O  O   . TYR A 1 78  ? 4.563   6.788   11.221  1.00 54.21  ? 78  TYR A O   1 
ATOM   390  C  CB  . TYR A 1 78  ? 7.473   5.589   12.527  1.00 54.05  ? 78  TYR A CB  1 
ATOM   391  C  CG  . TYR A 1 78  ? 7.046   4.462   11.570  1.00 55.79  ? 78  TYR A CG  1 
ATOM   392  C  CD1 . TYR A 1 78  ? 6.052   3.525   11.933  1.00 55.57  ? 78  TYR A CD1 1 
ATOM   393  C  CD2 . TYR A 1 78  ? 7.621   4.344   10.289  1.00 57.11  ? 78  TYR A CD2 1 
ATOM   394  C  CE1 . TYR A 1 78  ? 5.654   2.510   11.058  1.00 55.25  ? 78  TYR A CE1 1 
ATOM   395  C  CE2 . TYR A 1 78  ? 7.233   3.322   9.400   1.00 55.66  ? 78  TYR A CE2 1 
ATOM   396  C  CZ  . TYR A 1 78  ? 6.248   2.416   9.788   1.00 56.54  ? 78  TYR A CZ  1 
ATOM   397  O  OH  . TYR A 1 78  ? 5.857   1.418   8.891   1.00 57.92  ? 78  TYR A OH  1 
ATOM   398  N  N   . ALA A 1 79  ? 4.672   6.487   13.465  1.00 53.85  ? 79  ALA A N   1 
ATOM   399  C  CA  . ALA A 1 79  ? 3.254   6.145   13.611  1.00 54.08  ? 79  ALA A CA  1 
ATOM   400  C  C   . ALA A 1 79  ? 2.405   7.110   12.809  1.00 54.23  ? 79  ALA A C   1 
ATOM   401  O  O   . ALA A 1 79  ? 1.556   6.692   12.013  1.00 53.63  ? 79  ALA A O   1 
ATOM   402  C  CB  . ALA A 1 79  ? 2.829   6.131   15.091  1.00 53.76  ? 79  ALA A CB  1 
ATOM   403  N  N   . HIS A 1 80  ? 2.694   8.402   13.003  1.00 55.00  ? 80  HIS A N   1 
ATOM   404  C  CA  . HIS A 1 80  ? 2.003   9.499   12.325  1.00 55.34  ? 80  HIS A CA  1 
ATOM   405  C  C   . HIS A 1 80  ? 2.058   9.349   10.807  1.00 55.83  ? 80  HIS A C   1 
ATOM   406  O  O   . HIS A 1 80  ? 1.024   9.413   10.116  1.00 55.80  ? 80  HIS A O   1 
ATOM   407  C  CB  . HIS A 1 80  ? 2.607   10.828  12.734  1.00 54.75  ? 80  HIS A CB  1 
ATOM   408  C  CG  . HIS A 1 80  ? 1.849   12.016  12.233  1.00 55.42  ? 80  HIS A CG  1 
ATOM   409  N  ND1 . HIS A 1 80  ? 0.644   12.413  12.773  1.00 56.39  ? 80  HIS A ND1 1 
ATOM   410  C  CD2 . HIS A 1 80  ? 2.131   12.907  11.251  1.00 56.15  ? 80  HIS A CD2 1 
ATOM   411  C  CE1 . HIS A 1 80  ? 0.211   13.490  12.137  1.00 56.36  ? 80  HIS A CE1 1 
ATOM   412  N  NE2 . HIS A 1 80  ? 1.096   13.814  11.211  1.00 55.98  ? 80  HIS A NE2 1 
ATOM   413  N  N   . VAL A 1 81  ? 3.264   9.121   10.308  1.00 56.21  ? 81  VAL A N   1 
ATOM   414  C  CA  . VAL A 1 81  ? 3.481   8.965   8.898   1.00 57.12  ? 81  VAL A CA  1 
ATOM   415  C  C   . VAL A 1 81  ? 2.700   7.778   8.331   1.00 58.25  ? 81  VAL A C   1 
ATOM   416  O  O   . VAL A 1 81  ? 2.039   7.914   7.296   1.00 58.20  ? 81  VAL A O   1 
ATOM   417  C  CB  . VAL A 1 81  ? 4.956   8.827   8.611   1.00 56.95  ? 81  VAL A CB  1 
ATOM   418  C  CG1 . VAL A 1 81  ? 5.172   8.606   7.140   1.00 56.93  ? 81  VAL A CG1 1 
ATOM   419  C  CG2 . VAL A 1 81  ? 5.700   10.079  9.098   1.00 56.39  ? 81  VAL A CG2 1 
ATOM   420  N  N   . ALA A 1 82  ? 2.760   6.641   9.027   1.00 59.59  ? 82  ALA A N   1 
ATOM   421  C  CA  . ALA A 1 82  ? 2.048   5.429   8.633   1.00 60.92  ? 82  ALA A CA  1 
ATOM   422  C  C   . ALA A 1 82  ? 0.553   5.702   8.543   1.00 62.38  ? 82  ALA A C   1 
ATOM   423  O  O   . ALA A 1 82  ? -0.034  5.499   7.474   1.00 62.81  ? 82  ALA A O   1 
ATOM   424  C  CB  . ALA A 1 82  ? 2.330   4.301   9.597   1.00 60.67  ? 82  ALA A CB  1 
ATOM   425  N  N   . GLU A 1 83  ? -0.053  6.166   9.645   1.00 63.64  ? 83  GLU A N   1 
ATOM   426  C  CA  . GLU A 1 83  ? -1.458  6.613   9.649   1.00 65.59  ? 83  GLU A CA  1 
ATOM   427  C  C   . GLU A 1 83  ? -1.782  7.428   8.400   1.00 65.21  ? 83  GLU A C   1 
ATOM   428  O  O   . GLU A 1 83  ? -2.610  7.034   7.574   1.00 65.00  ? 83  GLU A O   1 
ATOM   429  C  CB  . GLU A 1 83  ? -1.752  7.476   10.876  1.00 65.22  ? 83  GLU A CB  1 
ATOM   430  C  CG  . GLU A 1 83  ? -1.890  6.709   12.188  1.00 68.12  ? 83  GLU A CG  1 
ATOM   431  C  CD  . GLU A 1 83  ? -1.728  7.601   13.448  1.00 68.97  ? 83  GLU A CD  1 
ATOM   432  O  OE1 . GLU A 1 83  ? -2.553  8.539   13.648  1.00 72.80  ? 83  GLU A OE1 1 
ATOM   433  O  OE2 . GLU A 1 83  ? -0.775  7.357   14.250  1.00 73.58  ? 83  GLU A OE2 1 
ATOM   434  N  N   . ARG A 1 84  ? -1.097  8.562   8.277   1.00 65.74  ? 84  ARG A N   1 
ATOM   435  C  CA  . ARG A 1 84  ? -1.247  9.476   7.156   1.00 66.05  ? 84  ARG A CA  1 
ATOM   436  C  C   . ARG A 1 84  ? -1.210  8.685   5.841   1.00 65.85  ? 84  ARG A C   1 
ATOM   437  O  O   . ARG A 1 84  ? -2.038  8.914   4.961   1.00 65.98  ? 84  ARG A O   1 
ATOM   438  C  CB  . ARG A 1 84  ? -0.154  10.571  7.207   1.00 66.54  ? 84  ARG A CB  1 
ATOM   439  C  CG  . ARG A 1 84  ? -0.617  12.004  6.872   1.00 67.47  ? 84  ARG A CG  1 
ATOM   440  C  CD  . ARG A 1 84  ? -1.085  12.829  8.121   1.00 70.15  ? 84  ARG A CD  1 
ATOM   441  N  NE  . ARG A 1 84  ? -1.473  14.227  7.813   1.00 70.55  ? 84  ARG A NE  1 
ATOM   442  C  CZ  . ARG A 1 84  ? -1.856  15.146  8.714   1.00 72.94  ? 84  ARG A CZ  1 
ATOM   443  N  NH1 . ARG A 1 84  ? -1.920  14.864  10.012  1.00 73.47  ? 84  ARG A NH1 1 
ATOM   444  N  NH2 . ARG A 1 84  ? -2.192  16.371  8.324   1.00 73.30  ? 84  ARG A NH2 1 
ATOM   445  N  N   . GLU A 1 85  ? -0.285  7.730   5.730   1.00 65.65  ? 85  GLU A N   1 
ATOM   446  C  CA  . GLU A 1 85  ? -0.142  6.904   4.515   1.00 65.78  ? 85  GLU A CA  1 
ATOM   447  C  C   . GLU A 1 85  ? -1.322  5.980   4.277   1.00 65.34  ? 85  GLU A C   1 
ATOM   448  O  O   . GLU A 1 85  ? -1.872  5.923   3.167   1.00 64.95  ? 85  GLU A O   1 
ATOM   449  C  CB  . GLU A 1 85  ? 1.126   6.058   4.590   1.00 66.06  ? 85  GLU A CB  1 
ATOM   450  C  CG  . GLU A 1 85  ? 2.394   6.817   4.240   1.00 69.64  ? 85  GLU A CG  1 
ATOM   451  C  CD  . GLU A 1 85  ? 2.307   7.477   2.873   1.00 73.99  ? 85  GLU A CD  1 
ATOM   452  O  OE1 . GLU A 1 85  ? 2.383   6.736   1.865   1.00 76.81  ? 85  GLU A OE1 1 
ATOM   453  O  OE2 . GLU A 1 85  ? 2.151   8.727   2.803   1.00 75.61  ? 85  GLU A OE2 1 
ATOM   454  N  N   . THR A 1 86  ? -1.676  5.251   5.333   1.00 64.96  ? 86  THR A N   1 
ATOM   455  C  CA  . THR A 1 86  ? -2.814  4.356   5.346   1.00 65.09  ? 86  THR A CA  1 
ATOM   456  C  C   . THR A 1 86  ? -4.091  5.062   4.913   1.00 65.13  ? 86  THR A C   1 
ATOM   457  O  O   . THR A 1 86  ? -4.817  4.543   4.061   1.00 65.29  ? 86  THR A O   1 
ATOM   458  C  CB  . THR A 1 86  ? -3.036  3.773   6.747   1.00 65.28  ? 86  THR A CB  1 
ATOM   459  O  OG1 . THR A 1 86  ? -1.780  3.363   7.290   1.00 66.12  ? 86  THR A OG1 1 
ATOM   460  C  CG2 . THR A 1 86  ? -3.949  2.576   6.686   1.00 64.54  ? 86  THR A CG2 1 
ATOM   461  N  N   . THR A 1 87  ? -4.354  6.237   5.492   1.00 64.63  ? 87  THR A N   1 
ATOM   462  C  CA  . THR A 1 87  ? -5.562  7.001   5.191   1.00 64.47  ? 87  THR A CA  1 
ATOM   463  C  C   . THR A 1 87  ? -5.564  7.443   3.738   1.00 64.44  ? 87  THR A C   1 
ATOM   464  O  O   . THR A 1 87  ? -6.568  7.333   3.060   1.00 63.87  ? 87  THR A O   1 
ATOM   465  C  CB  . THR A 1 87  ? -5.673  8.243   6.090   1.00 64.68  ? 87  THR A CB  1 
ATOM   466  O  OG1 . THR A 1 87  ? -4.869  8.048   7.254   1.00 64.98  ? 87  THR A OG1 1 
ATOM   467  C  CG2 . THR A 1 87  ? -7.119  8.505   6.509   1.00 63.53  ? 87  THR A CG2 1 
ATOM   468  N  N   . ALA A 1 88  ? -4.423  7.937   3.271   1.00 65.17  ? 88  ALA A N   1 
ATOM   469  C  CA  . ALA A 1 88  ? -4.230  8.278   1.858   1.00 66.07  ? 88  ALA A CA  1 
ATOM   470  C  C   . ALA A 1 88  ? -4.657  7.126   0.953   1.00 66.70  ? 88  ALA A C   1 
ATOM   471  O  O   . ALA A 1 88  ? -5.327  7.325   -0.072  1.00 66.59  ? 88  ALA A O   1 
ATOM   472  C  CB  . ALA A 1 88  ? -2.779  8.610   1.604   1.00 65.88  ? 88  ALA A CB  1 
ATOM   473  N  N   . LEU A 1 89  ? -4.245  5.929   1.360   1.00 67.38  ? 89  LEU A N   1 
ATOM   474  C  CA  . LEU A 1 89  ? -4.490  4.705   0.639   1.00 68.25  ? 89  LEU A CA  1 
ATOM   475  C  C   . LEU A 1 89  ? -5.970  4.358   0.662   1.00 68.80  ? 89  LEU A C   1 
ATOM   476  O  O   . LEU A 1 89  ? -6.600  4.265   -0.391  1.00 69.20  ? 89  LEU A O   1 
ATOM   477  C  CB  . LEU A 1 89  ? -3.671  3.576   1.271   1.00 68.42  ? 89  LEU A CB  1 
ATOM   478  C  CG  . LEU A 1 89  ? -3.908  2.111   0.837   1.00 69.66  ? 89  LEU A CG  1 
ATOM   479  C  CD1 . LEU A 1 89  ? -3.344  1.816   -0.575  1.00 69.05  ? 89  LEU A CD1 1 
ATOM   480  C  CD2 . LEU A 1 89  ? -3.394  1.076   1.896   1.00 68.61  ? 89  LEU A CD2 1 
ATOM   481  N  N   . ILE A 1 90  ? -6.508  4.170   1.869   1.00 68.91  ? 90  ILE A N   1 
ATOM   482  C  CA  . ILE A 1 90  ? -7.904  3.816   2.089   1.00 68.74  ? 90  ILE A CA  1 
ATOM   483  C  C   . ILE A 1 90  ? -8.840  4.660   1.230   1.00 69.65  ? 90  ILE A C   1 
ATOM   484  O  O   . ILE A 1 90  ? -9.791  4.143   0.647   1.00 69.79  ? 90  ILE A O   1 
ATOM   485  C  CB  . ILE A 1 90  ? -8.238  3.923   3.587   1.00 68.21  ? 90  ILE A CB  1 
ATOM   486  C  CG1 . ILE A 1 90  ? -7.701  2.694   4.300   1.00 67.71  ? 90  ILE A CG1 1 
ATOM   487  C  CG2 . ILE A 1 90  ? -9.722  4.014   3.831   1.00 67.63  ? 90  ILE A CG2 1 
ATOM   488  C  CD1 . ILE A 1 90  ? -7.471  2.885   5.761   1.00 67.85  ? 90  ILE A CD1 1 
ATOM   489  N  N   . GLU A 1 91  ? -8.539  5.952   1.141   1.00 70.81  ? 91  GLU A N   1 
ATOM   490  C  CA  . GLU A 1 91  ? -9.316  6.903   0.338   1.00 72.07  ? 91  GLU A CA  1 
ATOM   491  C  C   . GLU A 1 91  ? -9.128  6.721   -1.163  1.00 72.32  ? 91  GLU A C   1 
ATOM   492  O  O   . GLU A 1 91  ? -10.081 6.830   -1.926  1.00 72.71  ? 91  GLU A O   1 
ATOM   493  C  CB  . GLU A 1 91  ? -8.991  8.333   0.743   1.00 72.09  ? 91  GLU A CB  1 
ATOM   494  C  CG  . GLU A 1 91  ? -9.436  8.617   2.158   1.00 73.90  ? 91  GLU A CG  1 
ATOM   495  C  CD  . GLU A 1 91  ? -9.205  10.049  2.584   1.00 76.26  ? 91  GLU A CD  1 
ATOM   496  O  OE1 . GLU A 1 91  ? -9.130  10.947  1.711   1.00 77.60  ? 91  GLU A OE1 1 
ATOM   497  O  OE2 . GLU A 1 91  ? -9.107  10.277  3.807   1.00 77.00  ? 91  GLU A OE2 1 
ATOM   498  N  N   . ALA A 1 92  ? -7.902  6.434   -1.578  1.00 72.57  ? 92  ALA A N   1 
ATOM   499  C  CA  . ALA A 1 92  ? -7.618  6.106   -2.969  1.00 72.56  ? 92  ALA A CA  1 
ATOM   500  C  C   . ALA A 1 92  ? -8.211  4.741   -3.381  1.00 72.41  ? 92  ALA A C   1 
ATOM   501  O  O   . ALA A 1 92  ? -8.151  4.363   -4.557  1.00 72.66  ? 92  ALA A O   1 
ATOM   502  C  CB  . ALA A 1 92  ? -6.100  6.128   -3.205  1.00 72.49  ? 92  ALA A CB  1 
ATOM   503  N  N   . THR A 1 93  ? -8.801  4.023   -2.424  1.00 71.92  ? 93  THR A N   1 
ATOM   504  C  CA  . THR A 1 93  ? -9.029  2.576   -2.568  1.00 71.21  ? 93  THR A CA  1 
ATOM   505  C  C   . THR A 1 93  ? -10.446 2.132   -2.243  1.00 71.01  ? 93  THR A C   1 
ATOM   506  O  O   . THR A 1 93  ? -10.659 1.000   -1.813  1.00 71.08  ? 93  THR A O   1 
ATOM   507  C  CB  . THR A 1 93  ? -7.940  1.777   -1.773  1.00 71.31  ? 93  THR A CB  1 
ATOM   508  O  OG1 . THR A 1 93  ? -6.878  1.448   -2.670  1.00 71.56  ? 93  THR A OG1 1 
ATOM   509  C  CG2 . THR A 1 93  ? -8.454  0.486   -1.091  1.00 70.25  ? 93  THR A CG2 1 
ATOM   510  N  N   . GLN A 1 94  ? -11.413 3.025   -2.456  1.00 70.30  ? 94  GLN A N   1 
ATOM   511  C  CA  . GLN A 1 94  ? -12.819 2.639   -2.434  1.00 69.61  ? 94  GLN A CA  1 
ATOM   512  C  C   . GLN A 1 94  ? -12.958 1.248   -3.098  1.00 68.44  ? 94  GLN A C   1 
ATOM   513  O  O   . GLN A 1 94  ? -12.587 1.058   -4.264  1.00 67.58  ? 94  GLN A O   1 
ATOM   514  C  CB  . GLN A 1 94  ? -13.653 3.733   -3.135  1.00 70.46  ? 94  GLN A CB  1 
ATOM   515  C  CG  . GLN A 1 94  ? -15.043 3.334   -3.711  1.00 72.65  ? 94  GLN A CG  1 
ATOM   516  C  CD  . GLN A 1 94  ? -16.151 3.216   -2.649  1.00 76.27  ? 94  GLN A CD  1 
ATOM   517  O  OE1 . GLN A 1 94  ? -16.887 2.210   -2.601  1.00 78.46  ? 94  GLN A OE1 1 
ATOM   518  N  NE2 . GLN A 1 94  ? -16.277 4.240   -1.803  1.00 75.61  ? 94  GLN A NE2 1 
ATOM   519  N  N   . LEU A 1 95  ? -13.438 0.269   -2.334  1.00 67.13  ? 95  LEU A N   1 
ATOM   520  C  CA  . LEU A 1 95  ? -13.635 -1.061  -2.889  1.00 66.33  ? 95  LEU A CA  1 
ATOM   521  C  C   . LEU A 1 95  ? -14.932 -1.184  -3.669  1.00 65.80  ? 95  LEU A C   1 
ATOM   522  O  O   . LEU A 1 95  ? -16.009 -0.888  -3.155  1.00 66.15  ? 95  LEU A O   1 
ATOM   523  C  CB  . LEU A 1 95  ? -13.581 -2.146  -1.812  1.00 66.25  ? 95  LEU A CB  1 
ATOM   524  C  CG  . LEU A 1 95  ? -14.229 -3.508  -2.172  1.00 66.57  ? 95  LEU A CG  1 
ATOM   525  C  CD1 . LEU A 1 95  ? -13.565 -4.238  -3.351  1.00 65.55  ? 95  LEU A CD1 1 
ATOM   526  C  CD2 . LEU A 1 95  ? -14.282 -4.429  -0.964  1.00 66.72  ? 95  LEU A CD2 1 
ATOM   527  N  N   . ASP A 1 96  ? -14.814 -1.633  -4.915  1.00 65.02  ? 96  ASP A N   1 
ATOM   528  C  CA  . ASP A 1 96  ? -15.973 -1.968  -5.714  1.00 64.02  ? 96  ASP A CA  1 
ATOM   529  C  C   . ASP A 1 96  ? -16.098 -3.484  -5.856  1.00 63.10  ? 96  ASP A C   1 
ATOM   530  O  O   . ASP A 1 96  ? -15.320 -4.097  -6.597  1.00 62.99  ? 96  ASP A O   1 
ATOM   531  C  CB  . ASP A 1 96  ? -15.898 -1.319  -7.087  1.00 64.11  ? 96  ASP A CB  1 
ATOM   532  C  CG  . ASP A 1 96  ? -17.247 -1.324  -7.802  1.00 65.42  ? 96  ASP A CG  1 
ATOM   533  O  OD1 . ASP A 1 96  ? -18.023 -2.312  -7.681  1.00 65.07  ? 96  ASP A OD1 1 
ATOM   534  O  OD2 . ASP A 1 96  ? -17.539 -0.322  -8.489  1.00 67.18  ? 96  ASP A OD2 1 
ATOM   535  N  N   . PRO A 1 97  ? -17.076 -4.096  -5.143  1.00 61.92  ? 97  PRO A N   1 
ATOM   536  C  CA  . PRO A 1 97  ? -17.243 -5.545  -5.138  1.00 60.95  ? 97  PRO A CA  1 
ATOM   537  C  C   . PRO A 1 97  ? -17.680 -6.082  -6.494  1.00 60.27  ? 97  PRO A C   1 
ATOM   538  O  O   . PRO A 1 97  ? -17.480 -7.263  -6.786  1.00 60.19  ? 97  PRO A O   1 
ATOM   539  C  CB  . PRO A 1 97  ? -18.332 -5.761  -4.097  1.00 60.46  ? 97  PRO A CB  1 
ATOM   540  C  CG  . PRO A 1 97  ? -18.327 -4.535  -3.285  1.00 61.05  ? 97  PRO A CG  1 
ATOM   541  C  CD  . PRO A 1 97  ? -18.058 -3.457  -4.257  1.00 61.80  ? 97  PRO A CD  1 
ATOM   542  N  N   . ALA A 1 98  ? -18.236 -5.199  -7.317  1.00 59.46  ? 98  ALA A N   1 
ATOM   543  C  CA  . ALA A 1 98  ? -18.731 -5.540  -8.640  1.00 58.58  ? 98  ALA A CA  1 
ATOM   544  C  C   . ALA A 1 98  ? -17.666 -5.336  -9.712  1.00 58.12  ? 98  ALA A C   1 
ATOM   545  O  O   . ALA A 1 98  ? -17.898 -5.645  -10.884 1.00 58.38  ? 98  ALA A O   1 
ATOM   546  C  CB  . ALA A 1 98  ? -19.973 -4.726  -8.959  1.00 58.75  ? 98  ALA A CB  1 
ATOM   547  N  N   . ASP A 1 99  ? -16.508 -4.816  -9.314  1.00 57.00  ? 99  ASP A N   1 
ATOM   548  C  CA  . ASP A 1 99  ? -15.351 -4.773  -10.183 1.00 56.22  ? 99  ASP A CA  1 
ATOM   549  C  C   . ASP A 1 99  ? -14.090 -5.013  -9.373  1.00 55.63  ? 99  ASP A C   1 
ATOM   550  O  O   . ASP A 1 99  ? -13.351 -4.094  -9.013  1.00 56.15  ? 99  ASP A O   1 
ATOM   551  C  CB  . ASP A 1 99  ? -15.274 -3.448  -10.943 1.00 56.60  ? 99  ASP A CB  1 
ATOM   552  C  CG  . ASP A 1 99  ? -14.119 -3.409  -11.967 1.00 57.22  ? 99  ASP A CG  1 
ATOM   553  O  OD1 . ASP A 1 99  ? -13.412 -4.415  -12.186 1.00 57.91  ? 99  ASP A OD1 1 
ATOM   554  O  OD2 . ASP A 1 99  ? -13.908 -2.346  -12.561 1.00 59.09  ? 99  ASP A OD2 1 
ATOM   555  N  N   . LEU A 1 100 ? -13.847 -6.267  -9.077  1.00 54.74  ? 100 LEU A N   1 
ATOM   556  C  CA  . LEU A 1 100 ? -12.681 -6.619  -8.330  1.00 53.79  ? 100 LEU A CA  1 
ATOM   557  C  C   . LEU A 1 100 ? -11.376 -6.440  -9.131  1.00 54.52  ? 100 LEU A C   1 
ATOM   558  O  O   . LEU A 1 100 ? -10.397 -5.938  -8.569  1.00 54.79  ? 100 LEU A O   1 
ATOM   559  C  CB  . LEU A 1 100 ? -12.836 -8.024  -7.796  1.00 52.97  ? 100 LEU A CB  1 
ATOM   560  C  CG  . LEU A 1 100 ? -13.972 -8.129  -6.789  1.00 51.76  ? 100 LEU A CG  1 
ATOM   561  C  CD1 . LEU A 1 100 ? -14.302 -9.582  -6.589  1.00 51.97  ? 100 LEU A CD1 1 
ATOM   562  C  CD2 . LEU A 1 100 ? -13.631 -7.462  -5.468  1.00 49.94  ? 100 LEU A CD2 1 
ATOM   563  N  N   . PRO A 1 101 ? -11.346 -6.835  -10.439 1.00 54.52  ? 101 PRO A N   1 
ATOM   564  C  CA  . PRO A 1 101 ? -10.096 -6.583  -11.203 1.00 54.35  ? 101 PRO A CA  1 
ATOM   565  C  C   . PRO A 1 101 ? -9.763  -5.092  -11.377 1.00 54.63  ? 101 PRO A C   1 
ATOM   566  O  O   . PRO A 1 101 ? -8.588  -4.719  -11.407 1.00 54.68  ? 101 PRO A O   1 
ATOM   567  C  CB  . PRO A 1 101 ? -10.351 -7.270  -12.562 1.00 54.32  ? 101 PRO A CB  1 
ATOM   568  C  CG  . PRO A 1 101 ? -11.826 -7.476  -12.659 1.00 53.21  ? 101 PRO A CG  1 
ATOM   569  C  CD  . PRO A 1 101 ? -12.372 -7.525  -11.259 1.00 54.23  ? 101 PRO A CD  1 
ATOM   570  N  N   . GLY A 1 102 ? -10.797 -4.258  -11.486 1.00 54.87  ? 102 GLY A N   1 
ATOM   571  C  CA  . GLY A 1 102 ? -10.632 -2.823  -11.532 1.00 55.30  ? 102 GLY A CA  1 
ATOM   572  C  C   . GLY A 1 102 ? -10.097 -2.375  -10.188 1.00 56.12  ? 102 GLY A C   1 
ATOM   573  O  O   . GLY A 1 102 ? -9.250  -1.490  -10.117 1.00 56.70  ? 102 GLY A O   1 
ATOM   574  N  N   . TYR A 1 103 ? -10.584 -2.994  -9.120  1.00 56.41  ? 103 TYR A N   1 
ATOM   575  C  CA  . TYR A 1 103 ? -10.072 -2.728  -7.781  1.00 57.06  ? 103 TYR A CA  1 
ATOM   576  C  C   . TYR A 1 103 ? -8.563  -2.993  -7.715  1.00 57.35  ? 103 TYR A C   1 
ATOM   577  O  O   . TYR A 1 103 ? -7.794  -2.207  -7.141  1.00 58.13  ? 103 TYR A O   1 
ATOM   578  C  CB  . TYR A 1 103 ? -10.831 -3.584  -6.749  1.00 57.05  ? 103 TYR A CB  1 
ATOM   579  C  CG  . TYR A 1 103 ? -10.307 -3.487  -5.335  1.00 56.95  ? 103 TYR A CG  1 
ATOM   580  C  CD1 . TYR A 1 103 ? -10.005 -4.643  -4.599  1.00 57.00  ? 103 TYR A CD1 1 
ATOM   581  C  CD2 . TYR A 1 103 ? -10.095 -2.240  -4.722  1.00 57.63  ? 103 TYR A CD2 1 
ATOM   582  C  CE1 . TYR A 1 103 ? -9.507  -4.570  -3.271  1.00 56.24  ? 103 TYR A CE1 1 
ATOM   583  C  CE2 . TYR A 1 103 ? -9.604  -2.150  -3.391  1.00 57.22  ? 103 TYR A CE2 1 
ATOM   584  C  CZ  . TYR A 1 103 ? -9.314  -3.316  -2.681  1.00 57.07  ? 103 TYR A CZ  1 
ATOM   585  O  OH  . TYR A 1 103 ? -8.818  -3.226  -1.402  1.00 57.78  ? 103 TYR A OH  1 
ATOM   586  N  N   . ALA A 1 104 ? -8.143  -4.103  -8.316  1.00 57.29  ? 104 ALA A N   1 
ATOM   587  C  CA  . ALA A 1 104 ? -6.748  -4.518  -8.273  1.00 56.72  ? 104 ALA A CA  1 
ATOM   588  C  C   . ALA A 1 104 ? -5.894  -3.533  -9.039  1.00 56.59  ? 104 ALA A C   1 
ATOM   589  O  O   . ALA A 1 104 ? -4.790  -3.233  -8.605  1.00 57.01  ? 104 ALA A O   1 
ATOM   590  C  CB  . ALA A 1 104 ? -6.589  -5.915  -8.834  1.00 56.53  ? 104 ALA A CB  1 
ATOM   591  N  N   . GLY A 1 105 ? -6.407  -3.035  -10.168 1.00 55.88  ? 105 GLY A N   1 
ATOM   592  C  CA  . GLY A 1 105 ? -5.700  -2.051  -10.967 1.00 55.32  ? 105 GLY A CA  1 
ATOM   593  C  C   . GLY A 1 105 ? -5.504  -0.812  -10.129 1.00 55.42  ? 105 GLY A C   1 
ATOM   594  O  O   . GLY A 1 105 ? -4.436  -0.210  -10.138 1.00 55.77  ? 105 GLY A O   1 
ATOM   595  N  N   . ILE A 1 106 ? -6.533  -0.453  -9.374  1.00 55.39  ? 106 ILE A N   1 
ATOM   596  C  CA  . ILE A 1 106 ? -6.475  0.691   -8.470  1.00 55.98  ? 106 ILE A CA  1 
ATOM   597  C  C   . ILE A 1 106 ? -5.271  0.573   -7.496  1.00 56.40  ? 106 ILE A C   1 
ATOM   598  O  O   . ILE A 1 106 ? -4.417  1.468   -7.450  1.00 56.32  ? 106 ILE A O   1 
ATOM   599  C  CB  . ILE A 1 106 ? -7.896  0.971   -7.826  1.00 56.07  ? 106 ILE A CB  1 
ATOM   600  C  CG1 . ILE A 1 106 ? -8.578  2.138   -8.537  1.00 56.53  ? 106 ILE A CG1 1 
ATOM   601  C  CG2 . ILE A 1 106 ? -7.859  1.282   -6.347  1.00 56.51  ? 106 ILE A CG2 1 
ATOM   602  C  CD1 . ILE A 1 106 ? -9.457  1.746   -9.758  1.00 58.40  ? 106 ILE A CD1 1 
ATOM   603  N  N   . LEU A 1 107 ? -5.169  -0.553  -6.780  1.00 56.74  ? 107 LEU A N   1 
ATOM   604  C  CA  . LEU A 1 107 ? -4.029  -0.799  -5.869  1.00 56.75  ? 107 LEU A CA  1 
ATOM   605  C  C   . LEU A 1 107 ? -2.711  -0.857  -6.620  1.00 56.53  ? 107 LEU A C   1 
ATOM   606  O  O   . LEU A 1 107 ? -1.679  -0.396  -6.127  1.00 56.38  ? 107 LEU A O   1 
ATOM   607  C  CB  . LEU A 1 107 ? -4.220  -2.091  -5.069  1.00 56.52  ? 107 LEU A CB  1 
ATOM   608  C  CG  . LEU A 1 107 ? -5.454  -2.125  -4.169  1.00 58.18  ? 107 LEU A CG  1 
ATOM   609  C  CD1 . LEU A 1 107 ? -5.929  -3.534  -3.786  1.00 55.48  ? 107 LEU A CD1 1 
ATOM   610  C  CD2 . LEU A 1 107 ? -5.153  -1.294  -2.919  1.00 60.50  ? 107 LEU A CD2 1 
ATOM   611  N  N   . PHE A 1 108 ? -2.741  -1.432  -7.815  1.00 56.15  ? 108 PHE A N   1 
ATOM   612  C  CA  . PHE A 1 108 ? -1.531  -1.544  -8.571  1.00 56.64  ? 108 PHE A CA  1 
ATOM   613  C  C   . PHE A 1 108 ? -0.986  -0.153  -8.839  1.00 57.76  ? 108 PHE A C   1 
ATOM   614  O  O   . PHE A 1 108 ? 0.201   0.120   -8.624  1.00 57.72  ? 108 PHE A O   1 
ATOM   615  C  CB  . PHE A 1 108 ? -1.781  -2.252  -9.879  1.00 56.10  ? 108 PHE A CB  1 
ATOM   616  C  CG  . PHE A 1 108 ? -0.574  -2.297  -10.762 1.00 56.70  ? 108 PHE A CG  1 
ATOM   617  C  CD1 . PHE A 1 108 ? 0.407   -3.273  -10.572 1.00 56.93  ? 108 PHE A CD1 1 
ATOM   618  C  CD2 . PHE A 1 108 ? -0.390  -1.343  -11.770 1.00 55.28  ? 108 PHE A CD2 1 
ATOM   619  C  CE1 . PHE A 1 108 ? 1.546   -3.294  -11.391 1.00 56.74  ? 108 PHE A CE1 1 
ATOM   620  C  CE2 . PHE A 1 108 ? 0.735   -1.362  -12.586 1.00 53.32  ? 108 PHE A CE2 1 
ATOM   621  C  CZ  . PHE A 1 108 ? 1.697   -2.329  -12.411 1.00 55.07  ? 108 PHE A CZ  1 
ATOM   622  N  N   . ASP A 1 109 ? -1.885  0.719   -9.302  1.00 58.73  ? 109 ASP A N   1 
ATOM   623  C  CA  . ASP A 1 109 ? -1.577  2.088   -9.648  1.00 59.10  ? 109 ASP A CA  1 
ATOM   624  C  C   . ASP A 1 109 ? -0.969  2.824   -8.490  1.00 59.81  ? 109 ASP A C   1 
ATOM   625  O  O   . ASP A 1 109 ? 0.043   3.499   -8.643  1.00 59.96  ? 109 ASP A O   1 
ATOM   626  C  CB  . ASP A 1 109 ? -2.861  2.784   -10.056 1.00 58.99  ? 109 ASP A CB  1 
ATOM   627  C  CG  . ASP A 1 109 ? -3.395  2.290   -11.383 1.00 59.46  ? 109 ASP A CG  1 
ATOM   628  O  OD1 . ASP A 1 109 ? -2.623  1.681   -12.172 1.00 58.50  ? 109 ASP A OD1 1 
ATOM   629  O  OD2 . ASP A 1 109 ? -4.601  2.515   -11.634 1.00 59.01  ? 109 ASP A OD2 1 
ATOM   630  N  N   . HIS A 1 110 ? -1.600  2.685   -7.334  1.00 60.79  ? 110 HIS A N   1 
ATOM   631  C  CA  . HIS A 1 110 ? -1.183  3.366   -6.147  1.00 62.26  ? 110 HIS A CA  1 
ATOM   632  C  C   . HIS A 1 110 ? 0.261   3.060   -5.775  1.00 63.10  ? 110 HIS A C   1 
ATOM   633  O  O   . HIS A 1 110 ? 1.039   3.961   -5.502  1.00 63.53  ? 110 HIS A O   1 
ATOM   634  C  CB  . HIS A 1 110 ? -2.094  2.994   -5.002  1.00 62.61  ? 110 HIS A CB  1 
ATOM   635  C  CG  . HIS A 1 110 ? -1.737  3.671   -3.715  1.00 65.46  ? 110 HIS A CG  1 
ATOM   636  N  ND1 . HIS A 1 110 ? -2.444  4.746   -3.218  1.00 66.91  ? 110 HIS A ND1 1 
ATOM   637  C  CD2 . HIS A 1 110 ? -0.739  3.434   -2.826  1.00 66.95  ? 110 HIS A CD2 1 
ATOM   638  C  CE1 . HIS A 1 110 ? -1.901  5.134   -2.076  1.00 67.30  ? 110 HIS A CE1 1 
ATOM   639  N  NE2 . HIS A 1 110 ? -0.866  4.355   -1.815  1.00 66.97  ? 110 HIS A NE2 1 
ATOM   640  N  N   . PHE A 1 111 ? 0.626   1.792   -5.761  1.00 63.97  ? 111 PHE A N   1 
ATOM   641  C  CA  . PHE A 1 111 ? 1.974   1.442   -5.400  1.00 64.92  ? 111 PHE A CA  1 
ATOM   642  C  C   . PHE A 1 111 ? 2.927   1.596   -6.550  1.00 65.55  ? 111 PHE A C   1 
ATOM   643  O  O   . PHE A 1 111 ? 4.129   1.718   -6.332  1.00 66.66  ? 111 PHE A O   1 
ATOM   644  C  CB  . PHE A 1 111 ? 2.037   0.034   -4.837  1.00 65.20  ? 111 PHE A CB  1 
ATOM   645  C  CG  . PHE A 1 111 ? 1.370   -0.095  -3.503  1.00 67.04  ? 111 PHE A CG  1 
ATOM   646  C  CD1 . PHE A 1 111 ? 0.189   -0.829  -3.365  1.00 69.35  ? 111 PHE A CD1 1 
ATOM   647  C  CD2 . PHE A 1 111 ? 1.907   0.544   -2.371  1.00 68.04  ? 111 PHE A CD2 1 
ATOM   648  C  CE1 . PHE A 1 111 ? -0.437  -0.935  -2.108  1.00 69.40  ? 111 PHE A CE1 1 
ATOM   649  C  CE2 . PHE A 1 111 ? 1.292   0.441   -1.114  1.00 66.65  ? 111 PHE A CE2 1 
ATOM   650  C  CZ  . PHE A 1 111 ? 0.126   -0.298  -0.982  1.00 67.02  ? 111 PHE A CZ  1 
ATOM   651  N  N   . ALA A 1 112 ? 2.423   1.587   -7.778  1.00 65.91  ? 112 ALA A N   1 
ATOM   652  C  CA  . ALA A 1 112 ? 3.271   1.939   -8.909  1.00 66.03  ? 112 ALA A CA  1 
ATOM   653  C  C   . ALA A 1 112 ? 3.713   3.383   -8.688  1.00 66.49  ? 112 ALA A C   1 
ATOM   654  O  O   . ALA A 1 112 ? 4.892   3.706   -8.798  1.00 66.18  ? 112 ALA A O   1 
ATOM   655  C  CB  . ALA A 1 112 ? 2.526   1.778   -10.230 1.00 65.88  ? 112 ALA A CB  1 
ATOM   656  N  N   . ALA A 1 113 ? 2.755   4.234   -8.327  1.00 67.44  ? 113 ALA A N   1 
ATOM   657  C  CA  . ALA A 1 113 ? 3.021   5.640   -8.047  1.00 68.32  ? 113 ALA A CA  1 
ATOM   658  C  C   . ALA A 1 113 ? 3.968   5.820   -6.841  1.00 69.08  ? 113 ALA A C   1 
ATOM   659  O  O   . ALA A 1 113 ? 5.001   6.499   -6.950  1.00 69.18  ? 113 ALA A O   1 
ATOM   660  C  CB  . ALA A 1 113 ? 1.704   6.401   -7.838  1.00 67.90  ? 113 ALA A CB  1 
ATOM   661  N  N   . ARG A 1 114 ? 3.624   5.186   -5.714  1.00 69.67  ? 114 ARG A N   1 
ATOM   662  C  CA  . ARG A 1 114 ? 4.320   5.397   -4.436  1.00 70.16  ? 114 ARG A CA  1 
ATOM   663  C  C   . ARG A 1 114 ? 5.073   4.133   -3.983  1.00 69.75  ? 114 ARG A C   1 
ATOM   664  O  O   . ARG A 1 114 ? 4.642   3.432   -3.057  1.00 69.23  ? 114 ARG A O   1 
ATOM   665  C  CB  . ARG A 1 114 ? 3.344   5.882   -3.350  1.00 70.50  ? 114 ARG A CB  1 
ATOM   666  C  CG  . ARG A 1 114 ? 2.127   6.680   -3.847  1.00 72.93  ? 114 ARG A CG  1 
ATOM   667  C  CD  . ARG A 1 114 ? 2.086   8.124   -3.351  1.00 78.28  ? 114 ARG A CD  1 
ATOM   668  N  NE  . ARG A 1 114 ? 2.274   9.118   -4.425  1.00 83.16  ? 114 ARG A NE  1 
ATOM   669  C  CZ  . ARG A 1 114 ? 1.325   9.554   -5.273  1.00 84.63  ? 114 ARG A CZ  1 
ATOM   670  N  NH1 . ARG A 1 114 ? 0.073   9.082   -5.212  1.00 84.03  ? 114 ARG A NH1 1 
ATOM   671  N  NH2 . ARG A 1 114 ? 1.635   10.467  -6.201  1.00 84.44  ? 114 ARG A NH2 1 
ATOM   672  N  N   . PRO A 1 115 ? 6.223   3.854   -4.635  1.00 69.90  ? 115 PRO A N   1 
ATOM   673  C  CA  . PRO A 1 115 ? 7.008   2.659   -4.353  1.00 70.08  ? 115 PRO A CA  1 
ATOM   674  C  C   . PRO A 1 115 ? 7.380   2.600   -2.883  1.00 70.50  ? 115 PRO A C   1 
ATOM   675  O  O   . PRO A 1 115 ? 7.424   1.525   -2.280  1.00 70.77  ? 115 PRO A O   1 
ATOM   676  C  CB  . PRO A 1 115 ? 8.277   2.859   -5.193  1.00 69.66  ? 115 PRO A CB  1 
ATOM   677  C  CG  . PRO A 1 115 ? 7.899   3.806   -6.249  1.00 69.62  ? 115 PRO A CG  1 
ATOM   678  C  CD  . PRO A 1 115 ? 6.869   4.699   -5.662  1.00 69.82  ? 115 PRO A CD  1 
ATOM   679  N  N   . ASP A 1 116 ? 7.622   3.768   -2.310  1.00 70.91  ? 116 ASP A N   1 
ATOM   680  C  CA  . ASP A 1 116 ? 8.120   3.870   -0.955  1.00 71.37  ? 116 ASP A CA  1 
ATOM   681  C  C   . ASP A 1 116 ? 7.037   3.807   0.146   1.00 71.06  ? 116 ASP A C   1 
ATOM   682  O  O   . ASP A 1 116 ? 7.367   3.704   1.329   1.00 70.98  ? 116 ASP A O   1 
ATOM   683  C  CB  . ASP A 1 116 ? 8.988   5.119   -0.840  1.00 71.65  ? 116 ASP A CB  1 
ATOM   684  C  CG  . ASP A 1 116 ? 8.216   6.396   -1.126  1.00 73.58  ? 116 ASP A CG  1 
ATOM   685  O  OD1 . ASP A 1 116 ? 7.079   6.339   -1.677  1.00 72.82  ? 116 ASP A OD1 1 
ATOM   686  O  OD2 . ASP A 1 116 ? 8.765   7.475   -0.778  1.00 77.31  ? 116 ASP A OD2 1 
ATOM   687  N  N   . HIS A 1 117 ? 5.760   3.852   -0.230  1.00 70.99  ? 117 HIS A N   1 
ATOM   688  C  CA  . HIS A 1 117 ? 4.693   3.571   0.731   1.00 71.17  ? 117 HIS A CA  1 
ATOM   689  C  C   . HIS A 1 117 ? 4.846   2.112   1.065   1.00 69.83  ? 117 HIS A C   1 
ATOM   690  O  O   . HIS A 1 117 ? 4.753   1.702   2.236   1.00 69.71  ? 117 HIS A O   1 
ATOM   691  C  CB  . HIS A 1 117 ? 3.298   3.829   0.136   1.00 72.40  ? 117 HIS A CB  1 
ATOM   692  C  CG  . HIS A 1 117 ? 2.149   3.406   1.024   1.00 77.25  ? 117 HIS A CG  1 
ATOM   693  N  ND1 . HIS A 1 117 ? 0.935   4.072   1.039   1.00 81.32  ? 117 HIS A ND1 1 
ATOM   694  C  CD2 . HIS A 1 117 ? 2.023   2.386   1.917   1.00 81.05  ? 117 HIS A CD2 1 
ATOM   695  C  CE1 . HIS A 1 117 ? 0.115   3.483   1.899   1.00 82.49  ? 117 HIS A CE1 1 
ATOM   696  N  NE2 . HIS A 1 117 ? 0.754   2.459   2.449   1.00 83.08  ? 117 HIS A NE2 1 
ATOM   697  N  N   . TYR A 1 118 ? 5.098   1.336   0.021   1.00 68.34  ? 118 TYR A N   1 
ATOM   698  C  CA  . TYR A 1 118 ? 5.263   -0.086  0.178   1.00 67.36  ? 118 TYR A CA  1 
ATOM   699  C  C   . TYR A 1 118 ? 6.445   -0.442  1.103   1.00 66.33  ? 118 TYR A C   1 
ATOM   700  O  O   . TYR A 1 118 ? 6.284   -1.248  2.026   1.00 65.80  ? 118 TYR A O   1 
ATOM   701  C  CB  . TYR A 1 118 ? 5.397   -0.766  -1.180  1.00 67.39  ? 118 TYR A CB  1 
ATOM   702  C  CG  . TYR A 1 118 ? 5.576   -2.252  -1.031  1.00 67.92  ? 118 TYR A CG  1 
ATOM   703  C  CD1 . TYR A 1 118 ? 4.476   -3.086  -0.836  1.00 67.19  ? 118 TYR A CD1 1 
ATOM   704  C  CD2 . TYR A 1 118 ? 6.854   -2.828  -1.029  1.00 69.21  ? 118 TYR A CD2 1 
ATOM   705  C  CE1 . TYR A 1 118 ? 4.629   -4.454  -0.682  1.00 65.92  ? 118 TYR A CE1 1 
ATOM   706  C  CE2 . TYR A 1 118 ? 7.019   -4.203  -0.860  1.00 69.04  ? 118 TYR A CE2 1 
ATOM   707  C  CZ  . TYR A 1 118 ? 5.895   -5.005  -0.694  1.00 67.64  ? 118 TYR A CZ  1 
ATOM   708  O  OH  . TYR A 1 118 ? 6.044   -6.365  -0.545  1.00 68.74  ? 118 TYR A OH  1 
ATOM   709  N  N   . ARG A 1 119 ? 7.609   0.163   0.850   1.00 65.41  ? 119 ARG A N   1 
ATOM   710  C  CA  . ARG A 1 119 ? 8.801   -0.015  1.691   1.00 64.79  ? 119 ARG A CA  1 
ATOM   711  C  C   . ARG A 1 119 ? 8.476   0.345   3.114   1.00 64.48  ? 119 ARG A C   1 
ATOM   712  O  O   . ARG A 1 119 ? 8.795   -0.383  4.049   1.00 64.66  ? 119 ARG A O   1 
ATOM   713  C  CB  . ARG A 1 119 ? 9.912   0.929   1.278   1.00 64.78  ? 119 ARG A CB  1 
ATOM   714  C  CG  . ARG A 1 119 ? 10.552  0.670   -0.031  1.00 64.24  ? 119 ARG A CG  1 
ATOM   715  C  CD  . ARG A 1 119 ? 11.996  1.049   0.114   1.00 64.34  ? 119 ARG A CD  1 
ATOM   716  N  NE  . ARG A 1 119 ? 12.835  -0.143  0.128   1.00 65.90  ? 119 ARG A NE  1 
ATOM   717  C  CZ  . ARG A 1 119 ? 13.994  -0.287  0.776   1.00 67.07  ? 119 ARG A CZ  1 
ATOM   718  N  NH1 . ARG A 1 119 ? 14.503  0.679   1.535   1.00 67.19  ? 119 ARG A NH1 1 
ATOM   719  N  NH2 . ARG A 1 119 ? 14.649  -1.433  0.665   1.00 68.55  ? 119 ARG A NH2 1 
ATOM   720  N  N   . LEU A 1 120 ? 7.842   1.494   3.261   1.00 64.00  ? 120 LEU A N   1 
ATOM   721  C  CA  . LEU A 1 120 ? 7.536   2.026   4.568   1.00 63.88  ? 120 LEU A CA  1 
ATOM   722  C  C   . LEU A 1 120 ? 6.569   1.162   5.392   1.00 63.70  ? 120 LEU A C   1 
ATOM   723  O  O   . LEU A 1 120 ? 6.799   0.992   6.597   1.00 63.53  ? 120 LEU A O   1 
ATOM   724  C  CB  . LEU A 1 120 ? 7.100   3.490   4.466   1.00 63.85  ? 120 LEU A CB  1 
ATOM   725  C  CG  . LEU A 1 120 ? 6.611   4.203   5.709   1.00 63.44  ? 120 LEU A CG  1 
ATOM   726  C  CD1 . LEU A 1 120 ? 6.804   5.667   5.533   1.00 63.80  ? 120 LEU A CD1 1 
ATOM   727  C  CD2 . LEU A 1 120 ? 5.140   3.904   5.873   1.00 64.63  ? 120 LEU A CD2 1 
ATOM   728  N  N   . ILE A 1 121 ? 5.522   0.596   4.796   1.00 63.20  ? 121 ILE A N   1 
ATOM   729  C  CA  . ILE A 1 121 ? 4.737   -0.307  5.641   1.00 63.81  ? 121 ILE A CA  1 
ATOM   730  C  C   . ILE A 1 121 ? 5.405   -1.643  5.909   1.00 63.97  ? 121 ILE A C   1 
ATOM   731  O  O   . ILE A 1 121 ? 5.243   -2.212  6.999   1.00 64.00  ? 121 ILE A O   1 
ATOM   732  C  CB  . ILE A 1 121 ? 3.248   -0.503  5.251   1.00 63.89  ? 121 ILE A CB  1 
ATOM   733  C  CG1 . ILE A 1 121 ? 3.113   -1.065  3.832   1.00 63.41  ? 121 ILE A CG1 1 
ATOM   734  C  CG2 . ILE A 1 121 ? 2.411   0.790   5.622   1.00 63.62  ? 121 ILE A CG2 1 
ATOM   735  C  CD1 . ILE A 1 121 ? 1.687   -1.053  3.288   1.00 64.05  ? 121 ILE A CD1 1 
ATOM   736  N  N   . THR A 1 122 ? 6.171   -2.127  4.934   1.00 64.14  ? 122 THR A N   1 
ATOM   737  C  CA  . THR A 1 122 ? 6.911   -3.387  5.104   1.00 64.08  ? 122 THR A CA  1 
ATOM   738  C  C   . THR A 1 122 ? 7.917   -3.292  6.259   1.00 64.05  ? 122 THR A C   1 
ATOM   739  O  O   . THR A 1 122 ? 8.012   -4.200  7.068   1.00 64.00  ? 122 THR A O   1 
ATOM   740  C  CB  . THR A 1 122 ? 7.648   -3.800  3.817   1.00 64.21  ? 122 THR A CB  1 
ATOM   741  O  OG1 . THR A 1 122 ? 6.759   -3.685  2.701   1.00 64.34  ? 122 THR A OG1 1 
ATOM   742  C  CG2 . THR A 1 122 ? 8.160   -5.228  3.922   1.00 63.20  ? 122 THR A CG2 1 
ATOM   743  N  N   . TRP A 1 123 ? 8.660   -2.195  6.339   1.00 64.04  ? 123 TRP A N   1 
ATOM   744  C  CA  . TRP A 1 123 ? 9.521   -1.975  7.486   1.00 64.60  ? 123 TRP A CA  1 
ATOM   745  C  C   . TRP A 1 123 ? 8.742   -2.125  8.779   1.00 65.19  ? 123 TRP A C   1 
ATOM   746  O  O   . TRP A 1 123 ? 9.216   -2.744  9.724   1.00 65.62  ? 123 TRP A O   1 
ATOM   747  C  CB  . TRP A 1 123 ? 10.074  -0.582  7.452   1.00 64.46  ? 123 TRP A CB  1 
ATOM   748  C  CG  . TRP A 1 123 ? 11.172  -0.366  6.522   1.00 64.89  ? 123 TRP A CG  1 
ATOM   749  C  CD1 . TRP A 1 123 ? 11.123  0.344   5.361   1.00 65.40  ? 123 TRP A CD1 1 
ATOM   750  C  CD2 . TRP A 1 123 ? 12.534  -0.806  6.670   1.00 65.50  ? 123 TRP A CD2 1 
ATOM   751  N  NE1 . TRP A 1 123 ? 12.372  0.376   4.769   1.00 66.28  ? 123 TRP A NE1 1 
ATOM   752  C  CE2 . TRP A 1 123 ? 13.256  -0.316  5.554   1.00 65.74  ? 123 TRP A CE2 1 
ATOM   753  C  CE3 . TRP A 1 123 ? 13.217  -1.557  7.638   1.00 65.11  ? 123 TRP A CE3 1 
ATOM   754  C  CZ2 . TRP A 1 123 ? 14.622  -0.558  5.378   1.00 65.07  ? 123 TRP A CZ2 1 
ATOM   755  C  CZ3 . TRP A 1 123 ? 14.574  -1.796  7.462   1.00 64.17  ? 123 TRP A CZ3 1 
ATOM   756  C  CH2 . TRP A 1 123 ? 15.259  -1.300  6.336   1.00 64.53  ? 123 TRP A CH2 1 
ATOM   757  N  N   . GLY A 1 124 ? 7.544   -1.548  8.811   1.00 65.67  ? 124 GLY A N   1 
ATOM   758  C  CA  . GLY A 1 124 ? 6.700   -1.578  9.991   1.00 65.94  ? 124 GLY A CA  1 
ATOM   759  C  C   . GLY A 1 124 ? 6.192   -2.957  10.345  1.00 66.34  ? 124 GLY A C   1 
ATOM   760  O  O   . GLY A 1 124 ? 6.049   -3.272  11.523  1.00 66.48  ? 124 GLY A O   1 
ATOM   761  N  N   . ARG A 1 125 ? 5.899   -3.785  9.350   1.00 66.68  ? 125 ARG A N   1 
ATOM   762  C  CA  . ARG A 1 125 ? 5.417   -5.135  9.660   1.00 67.83  ? 125 ARG A CA  1 
ATOM   763  C  C   . ARG A 1 125 ? 6.485   -5.920  10.406  1.00 68.18  ? 125 ARG A C   1 
ATOM   764  O  O   . ARG A 1 125 ? 6.223   -6.497  11.461  1.00 68.47  ? 125 ARG A O   1 
ATOM   765  C  CB  . ARG A 1 125 ? 4.987   -5.877  8.405   1.00 68.04  ? 125 ARG A CB  1 
ATOM   766  C  CG  . ARG A 1 125 ? 4.096   -5.040  7.531   1.00 69.66  ? 125 ARG A CG  1 
ATOM   767  C  CD  . ARG A 1 125 ? 3.288   -5.871  6.609   1.00 72.86  ? 125 ARG A CD  1 
ATOM   768  N  NE  . ARG A 1 125 ? 2.912   -5.081  5.441   1.00 77.17  ? 125 ARG A NE  1 
ATOM   769  C  CZ  . ARG A 1 125 ? 1.977   -5.422  4.556   1.00 77.66  ? 125 ARG A CZ  1 
ATOM   770  N  NH1 . ARG A 1 125 ? 1.284   -6.547  4.697   1.00 78.14  ? 125 ARG A NH1 1 
ATOM   771  N  NH2 . ARG A 1 125 ? 1.725   -4.616  3.530   1.00 77.93  ? 125 ARG A NH2 1 
ATOM   772  N  N   . LEU A 1 126 ? 7.699   -5.873  9.865   1.00 68.55  ? 126 LEU A N   1 
ATOM   773  C  CA  . LEU A 1 126 ? 8.874   -6.516  10.443  1.00 68.85  ? 126 LEU A CA  1 
ATOM   774  C  C   . LEU A 1 126 ? 9.398   -5.892  11.733  1.00 69.19  ? 126 LEU A C   1 
ATOM   775  O  O   . LEU A 1 126 ? 9.777   -6.604  12.659  1.00 68.95  ? 126 LEU A O   1 
ATOM   776  C  CB  . LEU A 1 126 ? 10.009  -6.535  9.423   1.00 68.79  ? 126 LEU A CB  1 
ATOM   777  C  CG  . LEU A 1 126 ? 9.807   -7.364  8.152   1.00 69.11  ? 126 LEU A CG  1 
ATOM   778  C  CD1 . LEU A 1 126 ? 10.772  -6.862  7.103   1.00 69.11  ? 126 LEU A CD1 1 
ATOM   779  C  CD2 . LEU A 1 126 ? 9.984   -8.871  8.378   1.00 68.72  ? 126 LEU A CD2 1 
ATOM   780  N  N   . GLU A 1 127 ? 9.456   -4.569  11.790  1.00 69.87  ? 127 GLU A N   1 
ATOM   781  C  CA  . GLU A 1 127 ? 10.039  -3.918  12.962  1.00 70.44  ? 127 GLU A CA  1 
ATOM   782  C  C   . GLU A 1 127 ? 9.105   -3.934  14.205  1.00 71.55  ? 127 GLU A C   1 
ATOM   783  O  O   . GLU A 1 127 ? 9.584   -4.078  15.323  1.00 72.27  ? 127 GLU A O   1 
ATOM   784  C  CB  . GLU A 1 127 ? 10.542  -2.508  12.635  1.00 69.73  ? 127 GLU A CB  1 
ATOM   785  C  CG  . GLU A 1 127 ? 11.636  -2.463  11.608  1.00 68.27  ? 127 GLU A CG  1 
ATOM   786  C  CD  . GLU A 1 127 ? 12.520  -1.240  11.736  1.00 68.34  ? 127 GLU A CD  1 
ATOM   787  O  OE1 . GLU A 1 127 ? 12.948  -0.954  12.873  1.00 69.63  ? 127 GLU A OE1 1 
ATOM   788  O  OE2 . GLU A 1 127 ? 12.810  -0.570  10.716  1.00 66.72  ? 127 GLU A OE2 1 
ATOM   789  N  N   . LEU A 1 128 ? 7.792   -3.823  14.014  1.00 72.39  ? 128 LEU A N   1 
ATOM   790  C  CA  . LEU A 1 128 ? 6.845   -3.818  15.136  1.00 73.13  ? 128 LEU A CA  1 
ATOM   791  C  C   . LEU A 1 128 ? 6.187   -5.191  15.355  1.00 73.71  ? 128 LEU A C   1 
ATOM   792  O  O   . LEU A 1 128 ? 6.471   -5.856  16.368  1.00 73.82  ? 128 LEU A O   1 
ATOM   793  C  CB  . LEU A 1 128 ? 5.810   -2.704  14.957  1.00 72.95  ? 128 LEU A CB  1 
ATOM   794  C  CG  . LEU A 1 128 ? 6.493   -1.365  14.620  1.00 73.66  ? 128 LEU A CG  1 
ATOM   795  C  CD1 . LEU A 1 128 ? 5.615   -0.513  13.701  1.00 73.47  ? 128 LEU A CD1 1 
ATOM   796  C  CD2 . LEU A 1 128 ? 6.972   -0.571  15.868  1.00 72.59  ? 128 LEU A CD2 1 
ATOM   797  N  N   . ALA A 1 129 ? 5.333   -5.613  14.411  1.00 74.16  ? 129 ALA A N   1 
ATOM   798  C  CA  . ALA A 1 129 ? 4.633   -6.924  14.465  1.00 74.63  ? 129 ALA A CA  1 
ATOM   799  C  C   . ALA A 1 129 ? 4.160   -7.419  15.861  1.00 74.73  ? 129 ALA A C   1 
ATOM   800  O  O   . ALA A 1 129 ? 3.424   -6.734  16.593  1.00 74.31  ? 129 ALA A O   1 
ATOM   801  N  N   . PRO A 1 138 ? -8.637  0.689   13.622  1.00 77.88  ? 138 PRO A N   1 
ATOM   802  C  CA  . PRO A 1 138 ? -8.354  1.713   12.614  1.00 77.77  ? 138 PRO A CA  1 
ATOM   803  C  C   . PRO A 1 138 ? -8.275  1.150   11.176  1.00 77.77  ? 138 PRO A C   1 
ATOM   804  O  O   . PRO A 1 138 ? -9.185  1.395   10.357  1.00 77.51  ? 138 PRO A O   1 
ATOM   805  C  CB  . PRO A 1 138 ? -7.014  2.290   13.084  1.00 77.78  ? 138 PRO A CB  1 
ATOM   806  C  CG  . PRO A 1 138 ? -7.098  2.166   14.642  1.00 78.22  ? 138 PRO A CG  1 
ATOM   807  C  CD  . PRO A 1 138 ? -8.154  1.095   14.958  1.00 77.97  ? 138 PRO A CD  1 
ATOM   808  N  N   . LEU A 1 139 ? -7.210  0.411   10.854  1.00 77.47  ? 139 LEU A N   1 
ATOM   809  C  CA  . LEU A 1 139 ? -7.149  -0.244  9.540   1.00 76.90  ? 139 LEU A CA  1 
ATOM   810  C  C   . LEU A 1 139 ? -8.112  -1.432  9.545   1.00 76.41  ? 139 LEU A C   1 
ATOM   811  O  O   . LEU A 1 139 ? -8.939  -1.584  8.636   1.00 76.41  ? 139 LEU A O   1 
ATOM   812  C  CB  . LEU A 1 139 ? -5.726  -0.684  9.198   1.00 76.89  ? 139 LEU A CB  1 
ATOM   813  C  CG  . LEU A 1 139 ? -5.499  -1.402  7.854   1.00 77.15  ? 139 LEU A CG  1 
ATOM   814  C  CD1 . LEU A 1 139 ? -5.961  -0.591  6.646   1.00 75.81  ? 139 LEU A CD1 1 
ATOM   815  C  CD2 . LEU A 1 139 ? -4.033  -1.801  7.689   1.00 77.08  ? 139 LEU A CD2 1 
ATOM   816  N  N   . GLN A 1 140 ? -7.985  -2.248  10.596  1.00 75.56  ? 140 GLN A N   1 
ATOM   817  C  CA  . GLN A 1 140 ? -8.944  -3.294  10.966  1.00 74.41  ? 140 GLN A CA  1 
ATOM   818  C  C   . GLN A 1 140 ? -10.403 -2.923  10.679  1.00 73.33  ? 140 GLN A C   1 
ATOM   819  O  O   . GLN A 1 140 ? -11.198 -3.753  10.204  1.00 72.96  ? 140 GLN A O   1 
ATOM   820  C  CB  . GLN A 1 140 ? -8.778  -3.631  12.457  1.00 74.47  ? 140 GLN A CB  1 
ATOM   821  C  CG  . GLN A 1 140 ? -7.480  -4.357  12.793  1.00 74.60  ? 140 GLN A CG  1 
ATOM   822  C  CD  . GLN A 1 140 ? -7.348  -5.704  12.077  1.00 75.72  ? 140 GLN A CD  1 
ATOM   823  O  OE1 . GLN A 1 140 ? -8.284  -6.512  12.055  1.00 75.54  ? 140 GLN A OE1 1 
ATOM   824  N  NE2 . GLN A 1 140 ? -6.182  -5.948  11.488  1.00 75.54  ? 140 GLN A NE2 1 
ATOM   825  N  N   . ALA A 1 141 ? -10.735 -1.671  10.975  1.00 72.01  ? 141 ALA A N   1 
ATOM   826  C  CA  . ALA A 1 141 ? -12.050 -1.141  10.705  1.00 70.95  ? 141 ALA A CA  1 
ATOM   827  C  C   . ALA A 1 141 ? -12.350 -1.239  9.224   1.00 69.95  ? 141 ALA A C   1 
ATOM   828  O  O   . ALA A 1 141 ? -13.265 -1.947  8.837   1.00 70.24  ? 141 ALA A O   1 
ATOM   829  C  CB  . ALA A 1 141 ? -12.183 0.300   11.200  1.00 71.23  ? 141 ALA A CB  1 
ATOM   830  N  N   . THR A 1 142 ? -11.581 -0.572  8.380   1.00 68.55  ? 142 THR A N   1 
ATOM   831  C  CA  . THR A 1 142 ? -11.952 -0.604  6.968   1.00 67.61  ? 142 THR A CA  1 
ATOM   832  C  C   . THR A 1 142 ? -12.004 -2.049  6.416   1.00 66.43  ? 142 THR A C   1 
ATOM   833  O  O   . THR A 1 142 ? -12.892 -2.371  5.627   1.00 66.42  ? 142 THR A O   1 
ATOM   834  C  CB  . THR A 1 142 ? -11.148 0.418   6.074   1.00 68.10  ? 142 THR A CB  1 
ATOM   835  O  OG1 . THR A 1 142 ? -10.062 -0.229  5.392   1.00 67.58  ? 142 THR A OG1 1 
ATOM   836  C  CG2 . THR A 1 142 ? -10.651 1.633   6.915   1.00 68.03  ? 142 THR A CG2 1 
ATOM   837  N  N   . ILE A 1 143 ? -11.095 -2.911  6.875   1.00 64.83  ? 143 ILE A N   1 
ATOM   838  C  CA  . ILE A 1 143 ? -11.115 -4.347  6.557   1.00 63.59  ? 143 ILE A CA  1 
ATOM   839  C  C   . ILE A 1 143 ? -12.440 -5.013  6.964   1.00 63.11  ? 143 ILE A C   1 
ATOM   840  O  O   . ILE A 1 143 ? -13.118 -5.610  6.133   1.00 62.72  ? 143 ILE A O   1 
ATOM   841  C  CB  . ILE A 1 143 ? -9.936  -5.101  7.230   1.00 63.74  ? 143 ILE A CB  1 
ATOM   842  C  CG1 . ILE A 1 143 ? -8.602  -4.697  6.608   1.00 63.11  ? 143 ILE A CG1 1 
ATOM   843  C  CG2 . ILE A 1 143 ? -10.128 -6.634  7.177   1.00 63.25  ? 143 ILE A CG2 1 
ATOM   844  C  CD1 . ILE A 1 143 ? -7.458  -4.835  7.565   1.00 64.05  ? 143 ILE A CD1 1 
ATOM   845  N  N   . ALA A 1 144 ? -12.811 -4.910  8.241   1.00 62.26  ? 144 ALA A N   1 
ATOM   846  C  CA  . ALA A 1 144 ? -14.108 -5.414  8.677   1.00 61.19  ? 144 ALA A CA  1 
ATOM   847  C  C   . ALA A 1 144 ? -15.218 -4.888  7.773   1.00 60.60  ? 144 ALA A C   1 
ATOM   848  O  O   . ALA A 1 144 ? -16.169 -5.620  7.457   1.00 60.84  ? 144 ALA A O   1 
ATOM   849  C  CB  . ALA A 1 144 ? -14.377 -5.064  10.111  1.00 60.80  ? 144 ALA A CB  1 
ATOM   850  N  N   . GLY A 1 145 ? -15.076 -3.641  7.328   1.00 59.86  ? 145 GLY A N   1 
ATOM   851  C  CA  . GLY A 1 145 ? -16.052 -3.025  6.427   1.00 59.51  ? 145 GLY A CA  1 
ATOM   852  C  C   . GLY A 1 145 ? -16.073 -3.670  5.044   1.00 59.39  ? 145 GLY A C   1 
ATOM   853  O  O   . GLY A 1 145 ? -17.138 -3.994  4.503   1.00 59.03  ? 145 GLY A O   1 
ATOM   854  N  N   . LYS A 1 146 ? -14.890 -3.856  4.469   1.00 59.02  ? 146 LYS A N   1 
ATOM   855  C  CA  . LYS A 1 146 ? -14.777 -4.461  3.142   1.00 58.91  ? 146 LYS A CA  1 
ATOM   856  C  C   . LYS A 1 146 ? -15.234 -5.918  3.105   1.00 58.71  ? 146 LYS A C   1 
ATOM   857  O  O   . LYS A 1 146 ? -15.781 -6.372  2.111   1.00 58.61  ? 146 LYS A O   1 
ATOM   858  C  CB  . LYS A 1 146 ? -13.352 -4.339  2.615   1.00 58.43  ? 146 LYS A CB  1 
ATOM   859  C  CG  . LYS A 1 146 ? -12.941 -2.921  2.342   1.00 59.29  ? 146 LYS A CG  1 
ATOM   860  C  CD  . LYS A 1 146 ? -11.560 -2.878  1.772   1.00 59.69  ? 146 LYS A CD  1 
ATOM   861  C  CE  . LYS A 1 146 ? -11.007 -1.502  1.821   1.00 60.57  ? 146 LYS A CE  1 
ATOM   862  N  NZ  . LYS A 1 146 ? -9.750  -1.492  1.011   1.00 63.63  ? 146 LYS A NZ  1 
ATOM   863  N  N   . LEU A 1 147 ? -15.001 -6.651  4.188   1.00 58.80  ? 147 LEU A N   1 
ATOM   864  C  CA  . LEU A 1 147 ? -15.479 -8.017  4.274   1.00 58.94  ? 147 LEU A CA  1 
ATOM   865  C  C   . LEU A 1 147 ? -16.994 -8.000  4.299   1.00 59.06  ? 147 LEU A C   1 
ATOM   866  O  O   . LEU A 1 147 ? -17.637 -8.861  3.712   1.00 59.17  ? 147 LEU A O   1 
ATOM   867  C  CB  . LEU A 1 147 ? -14.923 -8.726  5.507   1.00 58.98  ? 147 LEU A CB  1 
ATOM   868  C  CG  . LEU A 1 147 ? -13.407 -8.945  5.522   1.00 59.21  ? 147 LEU A CG  1 
ATOM   869  C  CD1 . LEU A 1 147 ? -12.938 -9.378  6.906   1.00 58.06  ? 147 LEU A CD1 1 
ATOM   870  C  CD2 . LEU A 1 147 ? -12.969 -9.941  4.445   1.00 58.80  ? 147 LEU A CD2 1 
ATOM   871  N  N   . ASP A 1 148 ? -17.578 -7.008  4.954   1.00 59.05  ? 148 ASP A N   1 
ATOM   872  C  CA  . ASP A 1 148 ? -19.013 -6.874  4.867   1.00 59.25  ? 148 ASP A CA  1 
ATOM   873  C  C   . ASP A 1 148 ? -19.490 -6.539  3.456   1.00 58.93  ? 148 ASP A C   1 
ATOM   874  O  O   . ASP A 1 148 ? -20.468 -7.097  2.991   1.00 58.64  ? 148 ASP A O   1 
ATOM   875  C  CB  . ASP A 1 148 ? -19.538 -5.913  5.919   1.00 59.63  ? 148 ASP A CB  1 
ATOM   876  C  CG  . ASP A 1 148 ? -20.116 -6.651  7.102   1.00 61.38  ? 148 ASP A CG  1 
ATOM   877  O  OD1 . ASP A 1 148 ? -19.342 -7.336  7.811   1.00 62.75  ? 148 ASP A OD1 1 
ATOM   878  O  OD2 . ASP A 1 148 ? -21.354 -6.590  7.296   1.00 64.49  ? 148 ASP A OD2 1 
ATOM   879  N  N   . LYS A 1 149 ? -18.761 -5.668  2.771   1.00 59.32  ? 149 LYS A N   1 
ATOM   880  C  CA  . LYS A 1 149 ? -19.066 -5.271  1.398   1.00 59.76  ? 149 LYS A CA  1 
ATOM   881  C  C   . LYS A 1 149 ? -19.031 -6.513  0.492   1.00 59.73  ? 149 LYS A C   1 
ATOM   882  O  O   . LYS A 1 149 ? -19.901 -6.712  -0.355  1.00 60.51  ? 149 LYS A O   1 
ATOM   883  C  CB  . LYS A 1 149 ? -18.047 -4.212  0.945   1.00 60.04  ? 149 LYS A CB  1 
ATOM   884  C  CG  . LYS A 1 149 ? -18.606 -2.953  0.243   1.00 61.53  ? 149 LYS A CG  1 
ATOM   885  C  CD  . LYS A 1 149 ? -17.984 -1.647  0.864   1.00 63.76  ? 149 LYS A CD  1 
ATOM   886  C  CE  . LYS A 1 149 ? -17.465 -0.582  -0.148  1.00 63.24  ? 149 LYS A CE  1 
ATOM   887  N  NZ  . LYS A 1 149 ? -18.435 -0.163  -1.203  1.00 63.39  ? 149 LYS A NZ  1 
ATOM   888  N  N   . LEU A 1 150 ? -18.049 -7.377  0.695   1.00 59.52  ? 150 LEU A N   1 
ATOM   889  C  CA  . LEU A 1 150 ? -17.996 -8.624  -0.059  1.00 59.29  ? 150 LEU A CA  1 
ATOM   890  C  C   . LEU A 1 150 ? -19.109 -9.598  0.338   1.00 59.51  ? 150 LEU A C   1 
ATOM   891  O  O   . LEU A 1 150 ? -19.701 -10.212 -0.538  1.00 59.80  ? 150 LEU A O   1 
ATOM   892  C  CB  . LEU A 1 150 ? -16.613 -9.268  0.045   1.00 59.10  ? 150 LEU A CB  1 
ATOM   893  C  CG  . LEU A 1 150 ? -15.454 -8.394  -0.480  1.00 59.07  ? 150 LEU A CG  1 
ATOM   894  C  CD1 . LEU A 1 150 ? -14.152 -8.664  0.265   1.00 58.51  ? 150 LEU A CD1 1 
ATOM   895  C  CD2 . LEU A 1 150 ? -15.255 -8.533  -1.988  1.00 57.24  ? 150 LEU A CD2 1 
ATOM   896  N  N   . ARG A 1 151 ? -19.403 -9.731  1.637   1.00 59.62  ? 151 ARG A N   1 
ATOM   897  C  CA  . ARG A 1 151 ? -20.516 -10.562 2.090   1.00 60.30  ? 151 ARG A CA  1 
ATOM   898  C  C   . ARG A 1 151 ? -21.754 -10.141 1.324   1.00 60.99  ? 151 ARG A C   1 
ATOM   899  O  O   . ARG A 1 151 ? -22.536 -10.977 0.882   1.00 60.93  ? 151 ARG A O   1 
ATOM   900  C  CB  . ARG A 1 151 ? -20.755 -10.422 3.598   1.00 60.21  ? 151 ARG A CB  1 
ATOM   901  C  CG  . ARG A 1 151 ? -20.144 -11.542 4.439   1.00 60.48  ? 151 ARG A CG  1 
ATOM   902  C  CD  . ARG A 1 151 ? -19.738 -11.096 5.851   1.00 60.31  ? 151 ARG A CD  1 
ATOM   903  N  NE  . ARG A 1 151 ? -18.373 -11.563 6.141   1.00 61.00  ? 151 ARG A NE  1 
ATOM   904  C  CZ  . ARG A 1 151 ? -17.534 -11.052 7.056   1.00 60.66  ? 151 ARG A CZ  1 
ATOM   905  N  NH1 . ARG A 1 151 ? -17.882 -10.028 7.838   1.00 59.61  ? 151 ARG A NH1 1 
ATOM   906  N  NH2 . ARG A 1 151 ? -16.315 -11.574 7.189   1.00 59.56  ? 151 ARG A NH2 1 
ATOM   907  N  N   . ASP A 1 152 ? -21.891 -8.831  1.133   1.00 61.95  ? 152 ASP A N   1 
ATOM   908  C  CA  . ASP A 1 152 ? -23.041 -8.254  0.436   1.00 62.85  ? 152 ASP A CA  1 
ATOM   909  C  C   . ASP A 1 152 ? -23.053 -8.596  -1.031  1.00 63.19  ? 152 ASP A C   1 
ATOM   910  O  O   . ASP A 1 152 ? -24.086 -8.973  -1.562  1.00 63.55  ? 152 ASP A O   1 
ATOM   911  C  CB  . ASP A 1 152 ? -23.058 -6.744  0.591   1.00 62.84  ? 152 ASP A CB  1 
ATOM   912  C  CG  . ASP A 1 152 ? -23.381 -6.316  1.998   1.00 64.23  ? 152 ASP A CG  1 
ATOM   913  O  OD1 . ASP A 1 152 ? -23.886 -7.171  2.776   1.00 65.00  ? 152 ASP A OD1 1 
ATOM   914  O  OD2 . ASP A 1 152 ? -23.131 -5.126  2.325   1.00 64.73  ? 152 ASP A OD2 1 
ATOM   915  N  N   . ALA A 1 153 ? -21.902 -8.444  -1.685  1.00 63.41  ? 153 ALA A N   1 
ATOM   916  C  CA  . ALA A 1 153 ? -21.759 -8.832  -3.083  1.00 63.36  ? 153 ALA A CA  1 
ATOM   917  C  C   . ALA A 1 153 ? -22.258 -10.258 -3.311  1.00 63.27  ? 153 ALA A C   1 
ATOM   918  O  O   . ALA A 1 153 ? -22.956 -10.522 -4.285  1.00 63.01  ? 153 ALA A O   1 
ATOM   919  C  CB  . ALA A 1 153 ? -20.314 -8.701  -3.505  1.00 63.48  ? 153 ALA A CB  1 
ATOM   920  N  N   . GLN A 1 154 ? -21.908 -11.157 -2.392  1.00 63.51  ? 154 GLN A N   1 
ATOM   921  C  CA  . GLN A 1 154 ? -22.248 -12.568 -2.506  1.00 63.74  ? 154 GLN A CA  1 
ATOM   922  C  C   . GLN A 1 154 ? -23.742 -12.760 -2.393  1.00 64.25  ? 154 GLN A C   1 
ATOM   923  O  O   . GLN A 1 154 ? -24.329 -13.442 -3.233  1.00 64.53  ? 154 GLN A O   1 
ATOM   924  C  CB  . GLN A 1 154 ? -21.510 -13.391 -1.459  1.00 63.42  ? 154 GLN A CB  1 
ATOM   925  C  CG  . GLN A 1 154 ? -20.026 -13.458 -1.760  1.00 64.06  ? 154 GLN A CG  1 
ATOM   926  C  CD  . GLN A 1 154 ? -19.237 -14.341 -0.813  1.00 64.57  ? 154 GLN A CD  1 
ATOM   927  O  OE1 . GLN A 1 154 ? -19.223 -14.116 0.396   1.00 64.44  ? 154 GLN A OE1 1 
ATOM   928  N  NE2 . GLN A 1 154 ? -18.543 -15.333 -1.367  1.00 64.88  ? 154 GLN A NE2 1 
ATOM   929  N  N   . ARG A 1 155 ? -24.345 -12.125 -1.382  1.00 64.36  ? 155 ARG A N   1 
ATOM   930  C  CA  . ARG A 1 155 ? -25.792 -12.149 -1.159  1.00 64.46  ? 155 ARG A CA  1 
ATOM   931  C  C   . ARG A 1 155 ? -26.622 -11.633 -2.352  1.00 64.35  ? 155 ARG A C   1 
ATOM   932  O  O   . ARG A 1 155 ? -27.706 -12.174 -2.638  1.00 64.72  ? 155 ARG A O   1 
ATOM   933  C  CB  . ARG A 1 155 ? -26.155 -11.391 0.130   1.00 64.34  ? 155 ARG A CB  1 
ATOM   934  C  CG  . ARG A 1 155 ? -27.681 -11.317 0.493   1.00 64.71  ? 155 ARG A CG  1 
ATOM   935  C  CD  . ARG A 1 155 ? -27.935 -10.736 1.911   1.00 65.88  ? 155 ARG A CD  1 
ATOM   936  N  NE  . ARG A 1 155 ? -26.777 -9.969  2.416   1.00 70.33  ? 155 ARG A NE  1 
ATOM   937  C  CZ  . ARG A 1 155 ? -25.888 -10.411 3.315   1.00 71.49  ? 155 ARG A CZ  1 
ATOM   938  N  NH1 . ARG A 1 155 ? -26.021 -11.620 3.861   1.00 73.33  ? 155 ARG A NH1 1 
ATOM   939  N  NH2 . ARG A 1 155 ? -24.861 -9.642  3.680   1.00 71.03  ? 155 ARG A NH2 1 
ATOM   940  N  N   . ILE A 1 156 ? -26.149 -10.598 -3.048  1.00 63.86  ? 156 ILE A N   1 
ATOM   941  C  CA  . ILE A 1 156 ? -26.915 -10.107 -4.193  1.00 63.47  ? 156 ILE A CA  1 
ATOM   942  C  C   . ILE A 1 156 ? -26.445 -10.755 -5.491  1.00 63.32  ? 156 ILE A C   1 
ATOM   943  O  O   . ILE A 1 156 ? -26.822 -10.340 -6.587  1.00 63.42  ? 156 ILE A O   1 
ATOM   944  C  CB  . ILE A 1 156 ? -27.072 -8.558  -4.244  1.00 63.39  ? 156 ILE A CB  1 
ATOM   945  C  CG1 . ILE A 1 156 ? -25.804 -7.849  -4.653  1.00 64.43  ? 156 ILE A CG1 1 
ATOM   946  C  CG2 . ILE A 1 156 ? -27.481 -7.996  -2.901  1.00 63.21  ? 156 ILE A CG2 1 
ATOM   947  C  CD1 . ILE A 1 156 ? -26.057 -6.365  -4.865  1.00 65.78  ? 156 ILE A CD1 1 
ATOM   948  N  N   . GLY A 1 157 ? -25.629 -11.795 -5.334  1.00 63.00  ? 157 GLY A N   1 
ATOM   949  C  CA  . GLY A 1 157 ? -25.319 -12.732 -6.407  1.00 62.89  ? 157 GLY A CA  1 
ATOM   950  C  C   . GLY A 1 157 ? -24.254 -12.260 -7.370  1.00 62.65  ? 157 GLY A C   1 
ATOM   951  O  O   . GLY A 1 157 ? -24.298 -12.573 -8.557  1.00 62.70  ? 157 GLY A O   1 
ATOM   952  N  N   . LEU A 1 158 ? -23.276 -11.536 -6.846  1.00 62.41  ? 158 LEU A N   1 
ATOM   953  C  CA  . LEU A 1 158 ? -22.336 -10.811 -7.676  1.00 62.20  ? 158 LEU A CA  1 
ATOM   954  C  C   . LEU A 1 158 ? -20.942 -11.377 -7.571  1.00 61.96  ? 158 LEU A C   1 
ATOM   955  O  O   . LEU A 1 158 ? -20.035 -10.937 -8.271  1.00 62.40  ? 158 LEU A O   1 
ATOM   956  C  CB  . LEU A 1 158 ? -22.307 -9.355  -7.226  1.00 62.46  ? 158 LEU A CB  1 
ATOM   957  C  CG  . LEU A 1 158 ? -22.603 -8.309  -8.296  1.00 63.35  ? 158 LEU A CG  1 
ATOM   958  C  CD1 . LEU A 1 158 ? -23.934 -8.591  -9.088  1.00 63.59  ? 158 LEU A CD1 1 
ATOM   959  C  CD2 . LEU A 1 158 ? -22.623 -6.959  -7.617  1.00 63.80  ? 158 LEU A CD2 1 
ATOM   960  N  N   . LEU A 1 159 ? -20.774 -12.341 -6.676  1.00 61.38  ? 159 LEU A N   1 
ATOM   961  C  CA  . LEU A 1 159 ? -19.481 -12.929 -6.366  1.00 60.64  ? 159 LEU A CA  1 
ATOM   962  C  C   . LEU A 1 159 ? -19.795 -14.331 -5.828  1.00 60.69  ? 159 LEU A C   1 
ATOM   963  O  O   . LEU A 1 159 ? -20.562 -14.488 -4.882  1.00 61.17  ? 159 LEU A O   1 
ATOM   964  C  CB  . LEU A 1 159 ? -18.756 -12.057 -5.335  1.00 60.07  ? 159 LEU A CB  1 
ATOM   965  C  CG  . LEU A 1 159 ? -17.575 -12.544 -4.503  1.00 59.47  ? 159 LEU A CG  1 
ATOM   966  C  CD1 . LEU A 1 159 ? -16.284 -12.439 -5.254  1.00 58.39  ? 159 LEU A CD1 1 
ATOM   967  C  CD2 . LEU A 1 159 ? -17.499 -11.699 -3.283  1.00 59.58  ? 159 LEU A CD2 1 
ATOM   968  N  N   . ASP A 1 160 ? -19.236 -15.346 -6.471  1.00 60.31  ? 160 ASP A N   1 
ATOM   969  C  CA  . ASP A 1 160 ? -19.480 -16.729 -6.118  1.00 60.08  ? 160 ASP A CA  1 
ATOM   970  C  C   . ASP A 1 160 ? -19.598 -16.931 -4.592  1.00 59.41  ? 160 ASP A C   1 
ATOM   971  O  O   . ASP A 1 160 ? -18.667 -16.596 -3.854  1.00 59.34  ? 160 ASP A O   1 
ATOM   972  C  CB  . ASP A 1 160 ? -18.328 -17.540 -6.682  1.00 60.71  ? 160 ASP A CB  1 
ATOM   973  C  CG  . ASP A 1 160 ? -18.626 -19.006 -6.768  1.00 62.60  ? 160 ASP A CG  1 
ATOM   974  O  OD1 . ASP A 1 160 ? -19.308 -19.551 -5.859  1.00 65.04  ? 160 ASP A OD1 1 
ATOM   975  O  OD2 . ASP A 1 160 ? -18.143 -19.615 -7.754  1.00 64.93  ? 160 ASP A OD2 1 
ATOM   976  N  N   . PRO A 1 161 ? -20.740 -17.484 -4.116  1.00 58.72  ? 161 PRO A N   1 
ATOM   977  C  CA  . PRO A 1 161 ? -20.973 -17.547 -2.663  1.00 58.13  ? 161 PRO A CA  1 
ATOM   978  C  C   . PRO A 1 161 ? -20.080 -18.568 -1.957  1.00 57.62  ? 161 PRO A C   1 
ATOM   979  O  O   . PRO A 1 161 ? -20.063 -18.626 -0.723  1.00 57.49  ? 161 PRO A O   1 
ATOM   980  C  CB  . PRO A 1 161 ? -22.454 -17.948 -2.558  1.00 57.88  ? 161 PRO A CB  1 
ATOM   981  C  CG  . PRO A 1 161 ? -22.717 -18.713 -3.791  1.00 57.61  ? 161 PRO A CG  1 
ATOM   982  C  CD  . PRO A 1 161 ? -21.863 -18.080 -4.870  1.00 58.60  ? 161 PRO A CD  1 
ATOM   983  N  N   . ALA A 1 162 ? -19.354 -19.357 -2.750  1.00 56.86  ? 162 ALA A N   1 
ATOM   984  C  CA  . ALA A 1 162 ? -18.445 -20.372 -2.245  1.00 56.12  ? 162 ALA A CA  1 
ATOM   985  C  C   . ALA A 1 162 ? -17.178 -19.787 -1.621  1.00 55.99  ? 162 ALA A C   1 
ATOM   986  O  O   . ALA A 1 162 ? -16.654 -20.378 -0.718  1.00 56.28  ? 162 ALA A O   1 
ATOM   987  C  CB  . ALA A 1 162 ? -18.101 -21.361 -3.346  1.00 55.80  ? 162 ALA A CB  1 
ATOM   988  N  N   . TRP A 1 163 ? -16.692 -18.635 -2.090  1.00 56.18  ? 163 TRP A N   1 
ATOM   989  C  CA  . TRP A 1 163 ? -15.468 -18.014 -1.540  1.00 56.35  ? 163 TRP A CA  1 
ATOM   990  C  C   . TRP A 1 163 ? -15.654 -17.491 -0.134  1.00 56.27  ? 163 TRP A C   1 
ATOM   991  O  O   . TRP A 1 163 ? -16.696 -16.948 0.202   1.00 56.42  ? 163 TRP A O   1 
ATOM   992  C  CB  . TRP A 1 163 ? -15.027 -16.803 -2.358  1.00 56.65  ? 163 TRP A CB  1 
ATOM   993  C  CG  . TRP A 1 163 ? -14.602 -17.089 -3.727  1.00 57.10  ? 163 TRP A CG  1 
ATOM   994  C  CD1 . TRP A 1 163 ? -15.326 -16.883 -4.857  1.00 57.78  ? 163 TRP A CD1 1 
ATOM   995  C  CD2 . TRP A 1 163 ? -13.345 -17.630 -4.143  1.00 57.71  ? 163 TRP A CD2 1 
ATOM   996  N  NE1 . TRP A 1 163 ? -14.604 -17.269 -5.966  1.00 57.92  ? 163 TRP A NE1 1 
ATOM   997  C  CE2 . TRP A 1 163 ? -13.380 -17.728 -5.560  1.00 58.22  ? 163 TRP A CE2 1 
ATOM   998  C  CE3 . TRP A 1 163 ? -12.192 -18.044 -3.462  1.00 56.93  ? 163 TRP A CE3 1 
ATOM   999  C  CZ2 . TRP A 1 163 ? -12.301 -18.221 -6.314  1.00 57.99  ? 163 TRP A CZ2 1 
ATOM   1000 C  CZ3 . TRP A 1 163 ? -11.120 -18.536 -4.208  1.00 57.49  ? 163 TRP A CZ3 1 
ATOM   1001 C  CH2 . TRP A 1 163 ? -11.185 -18.625 -5.625  1.00 57.74  ? 163 TRP A CH2 1 
ATOM   1002 N  N   . ASP A 1 164 ? -14.625 -17.599 0.686   1.00 56.11  ? 164 ASP A N   1 
ATOM   1003 C  CA  . ASP A 1 164 ? -14.650 -16.843 1.911   1.00 55.83  ? 164 ASP A CA  1 
ATOM   1004 C  C   . ASP A 1 164 ? -14.163 -15.429 1.618   1.00 55.38  ? 164 ASP A C   1 
ATOM   1005 O  O   . ASP A 1 164 ? -13.074 -15.229 1.093   1.00 54.41  ? 164 ASP A O   1 
ATOM   1006 C  CB  . ASP A 1 164 ? -13.793 -17.476 2.990   1.00 56.27  ? 164 ASP A CB  1 
ATOM   1007 C  CG  . ASP A 1 164 ? -14.193 -17.036 4.381   1.00 56.73  ? 164 ASP A CG  1 
ATOM   1008 O  OD1 . ASP A 1 164 ? -14.174 -15.816 4.687   1.00 56.36  ? 164 ASP A OD1 1 
ATOM   1009 O  OD2 . ASP A 1 164 ? -14.521 -17.944 5.167   1.00 59.81  ? 164 ASP A OD2 1 
ATOM   1010 N  N   . PRO A 1 165 ? -14.993 -14.437 1.962   1.00 55.20  ? 165 PRO A N   1 
ATOM   1011 C  CA  . PRO A 1 165 ? -14.621 -13.045 1.857   1.00 55.02  ? 165 PRO A CA  1 
ATOM   1012 C  C   . PRO A 1 165 ? -13.174 -12.832 2.299   1.00 54.85  ? 165 PRO A C   1 
ATOM   1013 O  O   . PRO A 1 165 ? -12.389 -12.211 1.580   1.00 54.51  ? 165 PRO A O   1 
ATOM   1014 C  CB  . PRO A 1 165 ? -15.582 -12.387 2.844   1.00 54.89  ? 165 PRO A CB  1 
ATOM   1015 C  CG  . PRO A 1 165 ? -16.800 -13.181 2.698   1.00 55.01  ? 165 PRO A CG  1 
ATOM   1016 C  CD  . PRO A 1 165 ? -16.363 -14.593 2.482   1.00 54.77  ? 165 PRO A CD  1 
ATOM   1017 N  N   . VAL A 1 166 ? -12.850 -13.360 3.480   1.00 54.57  ? 166 VAL A N   1 
ATOM   1018 C  CA  . VAL A 1 166 ? -11.514 -13.310 4.055   1.00 54.16  ? 166 VAL A CA  1 
ATOM   1019 C  C   . VAL A 1 166 ? -10.449 -13.675 3.011   1.00 54.04  ? 166 VAL A C   1 
ATOM   1020 O  O   . VAL A 1 166 ? -9.466  -12.954 2.844   1.00 53.79  ? 166 VAL A O   1 
ATOM   1021 C  CB  . VAL A 1 166 ? -11.433 -14.207 5.338   1.00 54.11  ? 166 VAL A CB  1 
ATOM   1022 C  CG1 . VAL A 1 166 ? -10.023 -14.358 5.839   1.00 53.49  ? 166 VAL A CG1 1 
ATOM   1023 C  CG2 . VAL A 1 166 ? -12.268 -13.605 6.442   1.00 54.04  ? 166 VAL A CG2 1 
ATOM   1024 N  N   . ASP A 1 167 ? -10.655 -14.776 2.300   1.00 53.86  ? 167 ASP A N   1 
ATOM   1025 C  CA  . ASP A 1 167 ? -9.703  -15.191 1.273   1.00 53.92  ? 167 ASP A CA  1 
ATOM   1026 C  C   . ASP A 1 167 ? -9.690  -14.218 0.073   1.00 53.52  ? 167 ASP A C   1 
ATOM   1027 O  O   . ASP A 1 167 ? -8.615  -13.894 -0.466  1.00 54.14  ? 167 ASP A O   1 
ATOM   1028 C  CB  . ASP A 1 167 ? -9.964  -16.641 0.823   1.00 54.06  ? 167 ASP A CB  1 
ATOM   1029 C  CG  . ASP A 1 167 ? -9.743  -17.670 1.955   1.00 56.52  ? 167 ASP A CG  1 
ATOM   1030 O  OD1 . ASP A 1 167 ? -8.622  -17.722 2.521   1.00 59.41  ? 167 ASP A OD1 1 
ATOM   1031 O  OD2 . ASP A 1 167 ? -10.684 -18.447 2.275   1.00 58.04  ? 167 ASP A OD2 1 
ATOM   1032 N  N   . VAL A 1 168 ? -10.869 -13.748 -0.332  1.00 52.43  ? 168 VAL A N   1 
ATOM   1033 C  CA  . VAL A 1 168 ? -11.016 -12.872 -1.494  1.00 50.94  ? 168 VAL A CA  1 
ATOM   1034 C  C   . VAL A 1 168 ? -10.230 -11.572 -1.287  1.00 50.42  ? 168 VAL A C   1 
ATOM   1035 O  O   . VAL A 1 168 ? -9.428  -11.164 -2.142  1.00 50.12  ? 168 VAL A O   1 
ATOM   1036 C  CB  . VAL A 1 168 ? -12.521 -12.570 -1.785  1.00 50.92  ? 168 VAL A CB  1 
ATOM   1037 C  CG1 . VAL A 1 168 ? -12.671 -11.652 -2.980  1.00 49.84  ? 168 VAL A CG1 1 
ATOM   1038 C  CG2 . VAL A 1 168 ? -13.296 -13.849 -1.992  1.00 49.51  ? 168 VAL A CG2 1 
ATOM   1039 N  N   . LEU A 1 169 ? -10.451 -10.948 -0.138  1.00 49.88  ? 169 LEU A N   1 
ATOM   1040 C  CA  . LEU A 1 169 ? -9.792  -9.695  0.202   1.00 50.29  ? 169 LEU A CA  1 
ATOM   1041 C  C   . LEU A 1 169 ? -8.266  -9.830  0.231   1.00 51.47  ? 169 LEU A C   1 
ATOM   1042 O  O   . LEU A 1 169 ? -7.560  -9.130  -0.497  1.00 51.95  ? 169 LEU A O   1 
ATOM   1043 C  CB  . LEU A 1 169 ? -10.312 -9.181  1.538   1.00 49.82  ? 169 LEU A CB  1 
ATOM   1044 C  CG  . LEU A 1 169 ? -9.763  -7.829  1.963   1.00 49.82  ? 169 LEU A CG  1 
ATOM   1045 C  CD1 . LEU A 1 169 ? -10.375 -6.754  1.092   1.00 49.98  ? 169 LEU A CD1 1 
ATOM   1046 C  CD2 . LEU A 1 169 ? -9.979  -7.541  3.459   1.00 49.56  ? 169 LEU A CD2 1 
ATOM   1047 N  N   . ALA A 1 170 ? -7.771  -10.755 1.061   1.00 52.43  ? 170 ALA A N   1 
ATOM   1048 C  CA  . ALA A 1 170 ? -6.342  -11.048 1.191   1.00 53.02  ? 170 ALA A CA  1 
ATOM   1049 C  C   . ALA A 1 170 ? -5.651  -11.284 -0.148  1.00 53.61  ? 170 ALA A C   1 
ATOM   1050 O  O   . ALA A 1 170 ? -4.664  -10.614 -0.470  1.00 53.29  ? 170 ALA A O   1 
ATOM   1051 C  CB  . ALA A 1 170 ? -6.153  -12.237 2.085   1.00 52.53  ? 170 ALA A CB  1 
ATOM   1052 N  N   . LEU A 1 171 ? -6.180  -12.241 -0.904  1.00 54.58  ? 171 LEU A N   1 
ATOM   1053 C  CA  . LEU A 1 171 ? -5.667  -12.575 -2.228  1.00 56.40  ? 171 LEU A CA  1 
ATOM   1054 C  C   . LEU A 1 171 ? -5.519  -11.362 -3.144  1.00 57.38  ? 171 LEU A C   1 
ATOM   1055 O  O   . LEU A 1 171 ? -4.429  -11.078 -3.663  1.00 57.63  ? 171 LEU A O   1 
ATOM   1056 C  CB  . LEU A 1 171 ? -6.563  -13.612 -2.917  1.00 56.56  ? 171 LEU A CB  1 
ATOM   1057 C  CG  . LEU A 1 171 ? -6.555  -15.003 -2.262  1.00 56.39  ? 171 LEU A CG  1 
ATOM   1058 C  CD1 . LEU A 1 171 ? -7.789  -15.813 -2.674  1.00 53.09  ? 171 LEU A CD1 1 
ATOM   1059 C  CD2 . LEU A 1 171 ? -5.228  -15.768 -2.506  1.00 54.73  ? 171 LEU A CD2 1 
ATOM   1060 N  N   . ILE A 1 172 ? -6.611  -10.640 -3.333  1.00 58.08  ? 172 ILE A N   1 
ATOM   1061 C  CA  . ILE A 1 172 ? -6.582  -9.527  -4.256  1.00 58.91  ? 172 ILE A CA  1 
ATOM   1062 C  C   . ILE A 1 172 ? -5.536  -8.438  -3.859  1.00 59.04  ? 172 ILE A C   1 
ATOM   1063 O  O   . ILE A 1 172 ? -4.770  -7.953  -4.706  1.00 59.26  ? 172 ILE A O   1 
ATOM   1064 C  CB  . ILE A 1 172 ? -7.992  -8.979  -4.472  1.00 59.20  ? 172 ILE A CB  1 
ATOM   1065 C  CG1 . ILE A 1 172 ? -8.858  -10.078 -5.100  1.00 59.45  ? 172 ILE A CG1 1 
ATOM   1066 C  CG2 . ILE A 1 172 ? -7.942  -7.740  -5.377  1.00 59.99  ? 172 ILE A CG2 1 
ATOM   1067 C  CD1 . ILE A 1 172 ? -10.317 -9.735  -5.200  1.00 59.84  ? 172 ILE A CD1 1 
ATOM   1068 N  N   . ASN A 1 173 ? -5.507  -8.076  -2.583  1.00 58.54  ? 173 ASN A N   1 
ATOM   1069 C  CA  . ASN A 1 173 ? -4.417  -7.305  -2.042  1.00 58.53  ? 173 ASN A CA  1 
ATOM   1070 C  C   . ASN A 1 173 ? -3.003  -7.827  -2.334  1.00 58.64  ? 173 ASN A C   1 
ATOM   1071 O  O   . ASN A 1 173 ? -2.108  -7.039  -2.658  1.00 58.08  ? 173 ASN A O   1 
ATOM   1072 C  CB  . ASN A 1 173 ? -4.606  -7.197  -0.559  1.00 58.77  ? 173 ASN A CB  1 
ATOM   1073 C  CG  . ASN A 1 173 ? -5.537  -6.113  -0.206  1.00 59.90  ? 173 ASN A CG  1 
ATOM   1074 O  OD1 . ASN A 1 173 ? -5.090  -5.011  0.109   1.00 63.43  ? 173 ASN A OD1 1 
ATOM   1075 N  ND2 . ASN A 1 173 ? -6.839  -6.370  -0.307  1.00 59.85  ? 173 ASN A ND2 1 
ATOM   1076 N  N   . GLN A 1 174 ? -2.801  -9.136  -2.193  1.00 59.11  ? 174 GLN A N   1 
ATOM   1077 C  CA  . GLN A 1 174 ? -1.504  -9.747  -2.492  1.00 60.11  ? 174 GLN A CA  1 
ATOM   1078 C  C   . GLN A 1 174 ? -1.119  -9.526  -3.926  1.00 61.40  ? 174 GLN A C   1 
ATOM   1079 O  O   . GLN A 1 174 ? -0.138  -8.852  -4.182  1.00 61.38  ? 174 GLN A O   1 
ATOM   1080 C  CB  . GLN A 1 174 ? -1.502  -11.245 -2.241  1.00 58.82  ? 174 GLN A CB  1 
ATOM   1081 C  CG  . GLN A 1 174 ? -0.873  -11.610 -0.982  1.00 58.27  ? 174 GLN A CG  1 
ATOM   1082 C  CD  . GLN A 1 174 ? 0.589   -11.214 -0.862  1.00 55.90  ? 174 GLN A CD  1 
ATOM   1083 O  OE1 . GLN A 1 174 ? 1.443   -11.712 -1.582  1.00 55.67  ? 174 GLN A OE1 1 
ATOM   1084 N  NE2 . GLN A 1 174 ? 0.882   -10.355 0.100   1.00 54.98  ? 174 GLN A NE2 1 
ATOM   1085 N  N   . ILE A 1 175 ? -1.912  -10.101 -4.840  1.00 63.39  ? 175 ILE A N   1 
ATOM   1086 C  CA  . ILE A 1 175 ? -1.662  -10.096 -6.291  1.00 65.71  ? 175 ILE A CA  1 
ATOM   1087 C  C   . ILE A 1 175 ? -1.284  -8.703  -6.795  1.00 66.47  ? 175 ILE A C   1 
ATOM   1088 O  O   . ILE A 1 175 ? -0.405  -8.564  -7.643  1.00 66.26  ? 175 ILE A O   1 
ATOM   1089 C  CB  . ILE A 1 175 ? -2.907  -10.576 -7.098  1.00 65.57  ? 175 ILE A CB  1 
ATOM   1090 C  CG1 . ILE A 1 175 ? -3.692  -11.620 -6.318  1.00 67.20  ? 175 ILE A CG1 1 
ATOM   1091 C  CG2 . ILE A 1 175 ? -2.525  -11.215 -8.420  1.00 65.61  ? 175 ILE A CG2 1 
ATOM   1092 C  CD1 . ILE A 1 175 ? -5.095  -11.908 -6.934  1.00 66.68  ? 175 ILE A CD1 1 
ATOM   1093 N  N   . ALA A 1 176 ? -1.964  -7.701  -6.237  1.00 67.71  ? 176 ALA A N   1 
ATOM   1094 C  CA  . ALA A 1 176 ? -1.796  -6.296  -6.574  1.00 69.16  ? 176 ALA A CA  1 
ATOM   1095 C  C   . ALA A 1 176 ? -0.424  -5.755  -6.225  1.00 70.78  ? 176 ALA A C   1 
ATOM   1096 O  O   . ALA A 1 176 ? 0.073   -4.860  -6.903  1.00 70.44  ? 176 ALA A O   1 
ATOM   1097 C  CB  . ALA A 1 176 ? -2.853  -5.478  -5.876  1.00 68.81  ? 176 ALA A CB  1 
HETATM 1098 N  N   . MSE A 1 177 ? 0.188   -6.271  -5.165  1.00 72.62  ? 177 MSE A N   1 
HETATM 1099 C  CA  . MSE A 1 177 ? 1.518   -5.810  -4.832  1.00 76.67  ? 177 MSE A CA  1 
HETATM 1100 C  C   . MSE A 1 177 ? 2.569   -6.778  -5.288  1.00 72.84  ? 177 MSE A C   1 
HETATM 1101 O  O   . MSE A 1 177 ? 3.671   -6.829  -4.763  1.00 72.52  ? 177 MSE A O   1 
HETATM 1102 C  CB  . MSE A 1 177 ? 1.621   -5.513  -3.371  1.00 76.25  ? 177 MSE A CB  1 
HETATM 1103 C  CG  . MSE A 1 177 ? 0.792   -4.317  -2.979  1.00 80.48  ? 177 MSE A CG  1 
HETATM 1104 SE SE  . MSE A 1 177 ? 0.294   -4.904  -1.198  1.00 92.30  ? 177 MSE A SE  1 
HETATM 1105 C  CE  . MSE A 1 177 ? -1.619  -3.912  -0.703  1.00 83.38  ? 177 MSE A CE  1 
ATOM   1106 N  N   . THR A 1 178 ? 2.189   -7.509  -6.322  1.00 71.03  ? 178 THR A N   1 
ATOM   1107 C  CA  . THR A 1 178 ? 2.997   -8.488  -7.026  1.00 68.86  ? 178 THR A CA  1 
ATOM   1108 C  C   . THR A 1 178 ? 4.405   -8.025  -7.433  1.00 67.54  ? 178 THR A C   1 
ATOM   1109 O  O   . THR A 1 178 ? 5.360   -8.776  -7.282  1.00 66.81  ? 178 THR A O   1 
ATOM   1110 C  CB  . THR A 1 178 ? 2.201   -8.995  -8.237  1.00 68.59  ? 178 THR A CB  1 
ATOM   1111 O  OG1 . THR A 1 178 ? 2.747   -10.211 -8.709  1.00 67.84  ? 178 THR A OG1 1 
ATOM   1112 C  CG2 . THR A 1 178 ? 2.231   -7.988  -9.336  1.00 69.48  ? 178 THR A CG2 1 
ATOM   1113 N  N   . TRP A 1 179 ? 4.524   -6.792  -7.918  1.00 66.39  ? 179 TRP A N   1 
ATOM   1114 C  CA  . TRP A 1 179 ? 5.789   -6.277  -8.463  1.00 65.96  ? 179 TRP A CA  1 
ATOM   1115 C  C   . TRP A 1 179 ? 6.648   -5.553  -7.434  1.00 66.24  ? 179 TRP A C   1 
ATOM   1116 O  O   . TRP A 1 179 ? 7.885   -5.554  -7.523  1.00 66.37  ? 179 TRP A O   1 
ATOM   1117 C  CB  . TRP A 1 179 ? 5.536   -5.424  -9.704  1.00 64.71  ? 179 TRP A CB  1 
ATOM   1118 C  CG  . TRP A 1 179 ? 5.059   -6.308  -10.793 1.00 64.30  ? 179 TRP A CG  1 
ATOM   1119 C  CD1 . TRP A 1 179 ? 3.777   -6.423  -11.269 1.00 63.62  ? 179 TRP A CD1 1 
ATOM   1120 C  CD2 . TRP A 1 179 ? 5.840   -7.288  -11.501 1.00 64.35  ? 179 TRP A CD2 1 
ATOM   1121 N  NE1 . TRP A 1 179 ? 3.716   -7.398  -12.256 1.00 63.98  ? 179 TRP A NE1 1 
ATOM   1122 C  CE2 . TRP A 1 179 ? 4.967   -7.943  -12.413 1.00 64.07  ? 179 TRP A CE2 1 
ATOM   1123 C  CE3 . TRP A 1 179 ? 7.195   -7.664  -11.467 1.00 62.45  ? 179 TRP A CE3 1 
ATOM   1124 C  CZ2 . TRP A 1 179 ? 5.408   -8.942  -13.270 1.00 62.62  ? 179 TRP A CZ2 1 
ATOM   1125 C  CZ3 . TRP A 1 179 ? 7.623   -8.645  -12.312 1.00 62.49  ? 179 TRP A CZ3 1 
ATOM   1126 C  CH2 . TRP A 1 179 ? 6.737   -9.277  -13.205 1.00 63.01  ? 179 TRP A CH2 1 
ATOM   1127 N  N   . ALA A 1 180 ? 5.965   -4.938  -6.476  1.00 66.21  ? 180 ALA A N   1 
ATOM   1128 C  CA  . ALA A 1 180 ? 6.536   -4.559  -5.206  1.00 66.27  ? 180 ALA A CA  1 
ATOM   1129 C  C   . ALA A 1 180 ? 7.067   -5.795  -4.483  1.00 66.47  ? 180 ALA A C   1 
ATOM   1130 O  O   . ALA A 1 180 ? 8.226   -5.831  -4.104  1.00 67.08  ? 180 ALA A O   1 
ATOM   1131 C  CB  . ALA A 1 180 ? 5.475   -3.858  -4.359  1.00 66.39  ? 180 ALA A CB  1 
ATOM   1132 N  N   . GLY A 1 181 ? 6.224   -6.811  -4.313  1.00 66.76  ? 181 GLY A N   1 
ATOM   1133 C  CA  . GLY A 1 181 ? 6.582   -8.018  -3.555  1.00 66.75  ? 181 GLY A CA  1 
ATOM   1134 C  C   . GLY A 1 181 ? 7.538   -9.028  -4.199  1.00 67.11  ? 181 GLY A C   1 
ATOM   1135 O  O   . GLY A 1 181 ? 8.039   -9.913  -3.505  1.00 67.61  ? 181 GLY A O   1 
ATOM   1136 N  N   . GLN A 1 182 ? 7.786   -8.929  -5.512  1.00 66.94  ? 182 GLN A N   1 
ATOM   1137 C  CA  . GLN A 1 182 ? 8.712   -9.850  -6.225  1.00 66.20  ? 182 GLN A CA  1 
ATOM   1138 C  C   . GLN A 1 182 ? 9.817   -9.080  -6.971  1.00 65.85  ? 182 GLN A C   1 
ATOM   1139 O  O   . GLN A 1 182 ? 9.819   -9.067  -8.205  1.00 65.85  ? 182 GLN A O   1 
ATOM   1140 C  CB  . GLN A 1 182 ? 7.955   -10.715 -7.256  1.00 66.37  ? 182 GLN A CB  1 
ATOM   1141 C  CG  . GLN A 1 182 ? 6.767   -11.527 -6.733  1.00 65.39  ? 182 GLN A CG  1 
ATOM   1142 C  CD  . GLN A 1 182 ? 7.181   -12.709 -5.857  1.00 65.31  ? 182 GLN A CD  1 
ATOM   1143 O  OE1 . GLN A 1 182 ? 6.421   -13.119 -4.988  1.00 65.10  ? 182 GLN A OE1 1 
ATOM   1144 N  NE2 . GLN A 1 182 ? 8.379   -13.259 -6.083  1.00 63.71  ? 182 GLN A NE2 1 
ATOM   1145 N  N   . PRO A 1 183 ? 10.755  -8.433  -6.238  1.00 65.43  ? 183 PRO A N   1 
ATOM   1146 C  CA  . PRO A 1 183 ? 11.755  -7.581  -6.916  1.00 64.97  ? 183 PRO A CA  1 
ATOM   1147 C  C   . PRO A 1 183 ? 12.764  -8.381  -7.727  1.00 64.36  ? 183 PRO A C   1 
ATOM   1148 O  O   . PRO A 1 183 ? 13.250  -7.895  -8.760  1.00 64.21  ? 183 PRO A O   1 
ATOM   1149 C  CB  . PRO A 1 183 ? 12.469  -6.865  -5.760  1.00 64.74  ? 183 PRO A CB  1 
ATOM   1150 C  CG  . PRO A 1 183 ? 12.271  -7.750  -4.593  1.00 65.11  ? 183 PRO A CG  1 
ATOM   1151 C  CD  . PRO A 1 183 ? 10.954  -8.452  -4.776  1.00 65.36  ? 183 PRO A CD  1 
ATOM   1152 N  N   . GLU A 1 184 ? 13.075  -9.590  -7.255  1.00 63.78  ? 184 GLU A N   1 
ATOM   1153 C  CA  . GLU A 1 184 ? 14.022  -10.460 -7.950  1.00 63.47  ? 184 GLU A CA  1 
ATOM   1154 C  C   . GLU A 1 184 ? 13.521  -10.800 -9.371  1.00 63.73  ? 184 GLU A C   1 
ATOM   1155 O  O   . GLU A 1 184 ? 14.203  -10.487 -10.333 1.00 63.71  ? 184 GLU A O   1 
ATOM   1156 C  CB  A GLU A 1 184 ? 14.341  -11.722 -7.125  0.50 63.44  ? 184 GLU A CB  1 
ATOM   1157 C  CB  B GLU A 1 184 ? 14.371  -11.707 -7.111  0.50 63.20  ? 184 GLU A CB  1 
ATOM   1158 C  CG  A GLU A 1 184 ? 13.217  -12.784 -7.012  0.50 62.91  ? 184 GLU A CG  1 
ATOM   1159 C  CG  B GLU A 1 184 ? 15.254  -11.437 -5.855  0.50 61.33  ? 184 GLU A CG  1 
ATOM   1160 C  CD  A GLU A 1 184 ? 11.905  -12.247 -6.447  0.50 61.40  ? 184 GLU A CD  1 
ATOM   1161 C  CD  B GLU A 1 184 ? 14.488  -11.432 -4.507  0.50 59.67  ? 184 GLU A CD  1 
ATOM   1162 O  OE1 A GLU A 1 184 ? 10.845  -12.527 -7.050  0.50 60.01  ? 184 GLU A OE1 1 
ATOM   1163 O  OE1 B GLU A 1 184 ? 13.241  -11.562 -4.484  0.50 59.67  ? 184 GLU A OE1 1 
ATOM   1164 O  OE2 A GLU A 1 184 ? 11.936  -11.545 -5.412  0.50 61.08  ? 184 GLU A OE2 1 
ATOM   1165 O  OE2 B GLU A 1 184 ? 15.142  -11.300 -3.453  0.50 57.05  ? 184 GLU A OE2 1 
ATOM   1166 N  N   . ILE A 1 185 ? 12.314  -11.365 -9.502  1.00 64.29  ? 185 ILE A N   1 
ATOM   1167 C  CA  . ILE A 1 185 ? 11.655  -11.549 -10.805 1.00 64.73  ? 185 ILE A CA  1 
ATOM   1168 C  C   . ILE A 1 185 ? 11.472  -10.197 -11.506 1.00 65.55  ? 185 ILE A C   1 
ATOM   1169 O  O   . ILE A 1 185 ? 11.704  -10.092 -12.716 1.00 65.60  ? 185 ILE A O   1 
ATOM   1170 C  CB  . ILE A 1 185 ? 10.269  -12.276 -10.686 1.00 64.62  ? 185 ILE A CB  1 
ATOM   1171 C  CG1 . ILE A 1 185 ? 10.404  -13.630 -9.975  1.00 65.02  ? 185 ILE A CG1 1 
ATOM   1172 C  CG2 . ILE A 1 185 ? 9.609   -12.482 -12.057 1.00 63.52  ? 185 ILE A CG2 1 
ATOM   1173 C  CD1 . ILE A 1 185 ? 9.080   -14.169 -9.362  1.00 65.27  ? 185 ILE A CD1 1 
ATOM   1174 N  N   . ALA A 1 186 ? 11.064  -9.163  -10.759 1.00 66.27  ? 186 ALA A N   1 
ATOM   1175 C  CA  . ALA A 1 186 ? 10.944  -7.819  -11.334 1.00 67.03  ? 186 ALA A CA  1 
ATOM   1176 C  C   . ALA A 1 186 ? 12.245  -7.433  -12.029 1.00 67.75  ? 186 ALA A C   1 
ATOM   1177 O  O   . ALA A 1 186 ? 12.217  -6.865  -13.115 1.00 68.01  ? 186 ALA A O   1 
ATOM   1178 C  CB  . ALA A 1 186 ? 10.548  -6.782  -10.285 1.00 66.75  ? 186 ALA A CB  1 
ATOM   1179 N  N   . ALA A 1 187 ? 13.387  -7.767  -11.423 1.00 68.82  ? 187 ALA A N   1 
ATOM   1180 C  CA  . ALA A 1 187 ? 14.687  -7.515  -12.073 1.00 69.82  ? 187 ALA A CA  1 
ATOM   1181 C  C   . ALA A 1 187 ? 14.807  -8.253  -13.424 1.00 70.41  ? 187 ALA A C   1 
ATOM   1182 O  O   . ALA A 1 187 ? 15.122  -7.632  -14.453 1.00 70.38  ? 187 ALA A O   1 
ATOM   1183 C  CB  . ALA A 1 187 ? 15.858  -7.846  -11.137 1.00 69.26  ? 187 ALA A CB  1 
ATOM   1184 N  N   . ALA A 1 188 ? 14.525  -9.564  -13.411 1.00 71.12  ? 188 ALA A N   1 
ATOM   1185 C  CA  . ALA A 1 188 ? 14.580  -10.412 -14.616 1.00 71.54  ? 188 ALA A CA  1 
ATOM   1186 C  C   . ALA A 1 188 ? 13.600  -9.926  -15.664 1.00 71.93  ? 188 ALA A C   1 
ATOM   1187 O  O   . ALA A 1 188 ? 13.854  -10.034 -16.857 1.00 72.23  ? 188 ALA A O   1 
ATOM   1188 C  CB  . ALA A 1 188 ? 14.302  -11.877 -14.270 1.00 71.35  ? 188 ALA A CB  1 
ATOM   1189 N  N   . ALA A 1 189 ? 12.484  -9.374  -15.193 1.00 72.44  ? 189 ALA A N   1 
ATOM   1190 C  CA  . ALA A 1 189 ? 11.423  -8.854  -16.045 1.00 72.57  ? 189 ALA A CA  1 
ATOM   1191 C  C   . ALA A 1 189 ? 11.990  -7.856  -17.030 1.00 72.63  ? 189 ALA A C   1 
ATOM   1192 O  O   . ALA A 1 189 ? 11.428  -7.677  -18.105 1.00 72.65  ? 189 ALA A O   1 
ATOM   1193 C  CB  . ALA A 1 189 ? 10.333  -8.208  -15.191 1.00 72.32  ? 189 ALA A CB  1 
ATOM   1194 N  N   . ALA A 1 190 ? 13.119  -7.250  -16.644 1.00 73.07  ? 190 ALA A N   1 
ATOM   1195 C  CA  . ALA A 1 190 ? 13.834  -6.213  -17.404 1.00 73.38  ? 190 ALA A CA  1 
ATOM   1196 C  C   . ALA A 1 190 ? 13.686  -6.386  -18.903 1.00 73.68  ? 190 ALA A C   1 
ATOM   1197 O  O   . ALA A 1 190 ? 12.900  -5.690  -19.541 1.00 73.93  ? 190 ALA A O   1 
ATOM   1198 C  CB  . ALA A 1 190 ? 15.314  -6.185  -17.015 1.00 73.36  ? 190 ALA A CB  1 
ATOM   1199 N  N   . ASP A 1 191 ? 14.434  -7.320  -19.468 1.00 73.93  ? 191 ASP A N   1 
ATOM   1200 C  CA  . ASP A 1 191 ? 14.305  -7.592  -20.897 1.00 74.40  ? 191 ASP A CA  1 
ATOM   1201 C  C   . ASP A 1 191 ? 14.034  -9.066  -21.120 1.00 73.53  ? 191 ASP A C   1 
ATOM   1202 O  O   . ASP A 1 191 ? 14.379  -9.615  -22.165 1.00 73.58  ? 191 ASP A O   1 
ATOM   1203 C  CB  . ASP A 1 191 ? 15.522  -7.080  -21.723 1.00 75.20  ? 191 ASP A CB  1 
ATOM   1204 C  CG  . ASP A 1 191 ? 16.881  -7.365  -21.048 1.00 76.81  ? 191 ASP A CG  1 
ATOM   1205 O  OD1 . ASP A 1 191 ? 16.897  -7.773  -19.850 1.00 78.30  ? 191 ASP A OD1 1 
ATOM   1206 O  OD2 . ASP A 1 191 ? 17.928  -7.166  -21.724 1.00 77.17  ? 191 ASP A OD2 1 
ATOM   1207 N  N   . GLN A 1 192 ? 13.427  -9.691  -20.112 1.00 72.46  ? 192 GLN A N   1 
ATOM   1208 C  CA  . GLN A 1 192 ? 12.813  -11.005 -20.264 1.00 71.45  ? 192 GLN A CA  1 
ATOM   1209 C  C   . GLN A 1 192 ? 11.313  -10.892 -20.618 1.00 70.52  ? 192 GLN A C   1 
ATOM   1210 O  O   . GLN A 1 192 ? 10.657  -11.905 -20.889 1.00 70.82  ? 192 GLN A O   1 
ATOM   1211 C  CB  . GLN A 1 192 ? 13.005  -11.847 -18.994 1.00 71.56  ? 192 GLN A CB  1 
ATOM   1212 C  CG  . GLN A 1 192 ? 14.272  -12.715 -18.984 1.00 72.55  ? 192 GLN A CG  1 
ATOM   1213 C  CD  . GLN A 1 192 ? 14.032  -14.197 -19.358 1.00 73.25  ? 192 GLN A CD  1 
ATOM   1214 O  OE1 . GLN A 1 192 ? 13.249  -14.529 -20.249 1.00 72.87  ? 192 GLN A OE1 1 
ATOM   1215 N  NE2 . GLN A 1 192 ? 14.734  -15.085 -18.674 1.00 74.87  ? 192 GLN A NE2 1 
ATOM   1216 N  N   . ALA A 1 193 ? 10.764  -9.675  -20.597 1.00 69.01  ? 193 ALA A N   1 
ATOM   1217 C  CA  . ALA A 1 193 ? 9.344   -9.473  -20.891 1.00 67.25  ? 193 ALA A CA  1 
ATOM   1218 C  C   . ALA A 1 193 ? 9.169   -9.161  -22.358 1.00 66.32  ? 193 ALA A C   1 
ATOM   1219 O  O   . ALA A 1 193 ? 9.946   -8.385  -22.909 1.00 66.39  ? 193 ALA A O   1 
ATOM   1220 C  CB  . ALA A 1 193 ? 8.777   -8.364  -20.050 1.00 66.85  ? 193 ALA A CB  1 
ATOM   1221 N  N   . VAL A 1 194 ? 8.159   -9.762  -22.990 1.00 65.11  ? 194 VAL A N   1 
ATOM   1222 C  CA  . VAL A 1 194 ? 7.827   -9.450  -24.383 1.00 63.96  ? 194 VAL A CA  1 
ATOM   1223 C  C   . VAL A 1 194 ? 7.486   -7.965  -24.527 1.00 63.61  ? 194 VAL A C   1 
ATOM   1224 O  O   . VAL A 1 194 ? 7.979   -7.316  -25.427 1.00 63.76  ? 194 VAL A O   1 
ATOM   1225 C  CB  . VAL A 1 194 ? 6.657   -10.284 -24.916 1.00 63.81  ? 194 VAL A CB  1 
ATOM   1226 C  CG1 . VAL A 1 194 ? 6.442   -10.014 -26.389 1.00 62.96  ? 194 VAL A CG1 1 
ATOM   1227 C  CG2 . VAL A 1 194 ? 6.906   -11.747 -24.689 1.00 64.19  ? 194 VAL A CG2 1 
ATOM   1228 N  N   . ASP A 1 195 ? 6.647   -7.438  -23.636 1.00 63.02  ? 195 ASP A N   1 
ATOM   1229 C  CA  . ASP A 1 195 ? 6.286   -6.024  -23.631 1.00 61.94  ? 195 ASP A CA  1 
ATOM   1230 C  C   . ASP A 1 195 ? 6.683   -5.442  -22.271 1.00 61.12  ? 195 ASP A C   1 
ATOM   1231 O  O   . ASP A 1 195 ? 5.965   -5.618  -21.286 1.00 60.96  ? 195 ASP A O   1 
ATOM   1232 C  CB  . ASP A 1 195 ? 4.781   -5.894  -23.891 1.00 62.12  ? 195 ASP A CB  1 
ATOM   1233 C  CG  . ASP A 1 195 ? 4.270   -4.452  -23.822 1.00 63.90  ? 195 ASP A CG  1 
ATOM   1234 O  OD1 . ASP A 1 195 ? 4.946   -3.554  -23.263 1.00 65.77  ? 195 ASP A OD1 1 
ATOM   1235 O  OD2 . ASP A 1 195 ? 3.152   -4.221  -24.334 1.00 65.96  ? 195 ASP A OD2 1 
ATOM   1236 N  N   . PRO A 1 196 ? 7.839   -4.754  -22.211 1.00 60.45  ? 196 PRO A N   1 
ATOM   1237 C  CA  . PRO A 1 196 ? 8.382   -4.213  -20.953 1.00 59.87  ? 196 PRO A CA  1 
ATOM   1238 C  C   . PRO A 1 196 ? 7.468   -3.175  -20.271 1.00 59.43  ? 196 PRO A C   1 
ATOM   1239 O  O   . PRO A 1 196 ? 7.485   -3.035  -19.025 1.00 59.28  ? 196 PRO A O   1 
ATOM   1240 C  CB  . PRO A 1 196 ? 9.710   -3.573  -21.376 1.00 59.63  ? 196 PRO A CB  1 
ATOM   1241 C  CG  . PRO A 1 196 ? 10.025  -4.151  -22.688 1.00 59.96  ? 196 PRO A CG  1 
ATOM   1242 C  CD  . PRO A 1 196 ? 8.713   -4.443  -23.354 1.00 60.47  ? 196 PRO A CD  1 
ATOM   1243 N  N   . SER A 1 197 ? 6.665   -2.481  -21.080 1.00 58.40  ? 197 SER A N   1 
ATOM   1244 C  CA  . SER A 1 197 ? 5.685   -1.521  -20.578 1.00 57.43  ? 197 SER A CA  1 
ATOM   1245 C  C   . SER A 1 197 ? 5.028   -1.946  -19.253 1.00 56.49  ? 197 SER A C   1 
ATOM   1246 O  O   . SER A 1 197 ? 4.379   -2.981  -19.171 1.00 56.29  ? 197 SER A O   1 
ATOM   1247 C  CB  . SER A 1 197 ? 4.630   -1.254  -21.654 1.00 57.61  ? 197 SER A CB  1 
ATOM   1248 O  OG  . SER A 1 197 ? 3.375   -0.973  -21.071 1.00 58.44  ? 197 SER A OG  1 
ATOM   1249 N  N   . VAL A 1 198 ? 5.227   -1.140  -18.220 1.00 55.40  ? 198 VAL A N   1 
ATOM   1250 C  CA  . VAL A 1 198 ? 4.531   -1.281  -16.944 1.00 54.98  ? 198 VAL A CA  1 
ATOM   1251 C  C   . VAL A 1 198 ? 3.030   -1.605  -17.053 1.00 54.85  ? 198 VAL A C   1 
ATOM   1252 O  O   . VAL A 1 198 ? 2.490   -2.415  -16.285 1.00 54.60  ? 198 VAL A O   1 
ATOM   1253 C  CB  . VAL A 1 198 ? 4.713   -0.011  -16.096 1.00 55.10  ? 198 VAL A CB  1 
ATOM   1254 C  CG1 . VAL A 1 198 ? 3.804   -0.010  -14.853 1.00 54.13  ? 198 VAL A CG1 1 
ATOM   1255 C  CG2 . VAL A 1 198 ? 6.199   0.143   -15.698 1.00 56.56  ? 198 VAL A CG2 1 
ATOM   1256 N  N   . THR A 1 199 ? 2.340   -1.017  -18.015 1.00 20.00  ? 199 THR A N   1 
ATOM   1257 C  CA  . THR A 1 199 ? 0.903   -1.239  -18.095 1.00 20.00  ? 199 THR A CA  1 
ATOM   1258 C  C   . THR A 1 199 ? 0.589   -2.613  -18.680 1.00 20.00  ? 199 THR A C   1 
ATOM   1259 O  O   . THR A 1 199 ? -0.570  -3.093  -18.544 1.00 53.54  ? 199 THR A O   1 
ATOM   1260 C  CB  . THR A 1 199 ? 0.232   -0.139  -18.940 1.00 20.00  ? 199 THR A CB  1 
ATOM   1261 O  OG1 . THR A 1 199 ? -1.155  -0.447  -19.116 1.00 20.00  ? 199 THR A OG1 1 
ATOM   1262 C  CG2 . THR A 1 199 ? 0.776   -0.151  -20.360 1.00 20.00  ? 199 THR A CG2 1 
ATOM   1263 N  N   . ALA A 1 200 ? 1.557   -3.236  -19.310 1.00 53.04  ? 200 ALA A N   1 
ATOM   1264 C  CA  . ALA A 1 200 ? 1.507   -4.674  -19.596 1.00 52.69  ? 200 ALA A CA  1 
ATOM   1265 C  C   . ALA A 1 200 ? 1.453   -5.533  -18.305 1.00 52.22  ? 200 ALA A C   1 
ATOM   1266 O  O   . ALA A 1 200 ? 0.681   -6.514  -18.251 1.00 52.20  ? 200 ALA A O   1 
ATOM   1267 C  CB  . ALA A 1 200 ? 2.683   -5.109  -20.522 1.00 52.41  ? 200 ALA A CB  1 
ATOM   1268 N  N   . ARG A 1 201 ? 2.258   -5.169  -17.290 1.00 51.23  ? 201 ARG A N   1 
ATOM   1269 C  CA  . ARG A 1 201 ? 2.190   -5.817  -15.966 1.00 50.95  ? 201 ARG A CA  1 
ATOM   1270 C  C   . ARG A 1 201 ? 0.781   -5.639  -15.417 1.00 50.74  ? 201 ARG A C   1 
ATOM   1271 O  O   . ARG A 1 201 ? 0.203   -6.560  -14.831 1.00 50.84  ? 201 ARG A O   1 
ATOM   1272 C  CB  . ARG A 1 201 ? 3.198   -5.237  -14.945 1.00 50.66  ? 201 ARG A CB  1 
ATOM   1273 C  CG  . ARG A 1 201 ? 4.677   -5.076  -15.396 1.00 50.91  ? 201 ARG A CG  1 
ATOM   1274 C  CD  . ARG A 1 201 ? 5.437   -6.396  -15.651 1.00 49.89  ? 201 ARG A CD  1 
ATOM   1275 N  NE  . ARG A 1 201 ? 4.792   -7.215  -16.687 1.00 53.09  ? 201 ARG A NE  1 
ATOM   1276 C  CZ  . ARG A 1 201 ? 5.040   -7.140  -18.001 1.00 53.14  ? 201 ARG A CZ  1 
ATOM   1277 N  NH1 . ARG A 1 201 ? 5.947   -6.274  -18.468 1.00 52.48  ? 201 ARG A NH1 1 
ATOM   1278 N  NH2 . ARG A 1 201 ? 4.377   -7.932  -18.852 1.00 51.23  ? 201 ARG A NH2 1 
ATOM   1279 N  N   . ARG A 1 202 ? 0.235   -4.444  -15.631 1.00 50.60  ? 202 ARG A N   1 
ATOM   1280 C  CA  . ARG A 1 202 ? -1.072  -4.079  -15.099 1.00 50.13  ? 202 ARG A CA  1 
ATOM   1281 C  C   . ARG A 1 202 ? -2.140  -4.936  -15.748 1.00 49.82  ? 202 ARG A C   1 
ATOM   1282 O  O   . ARG A 1 202 ? -3.009  -5.496  -15.039 1.00 50.04  ? 202 ARG A O   1 
ATOM   1283 C  CB  . ARG A 1 202 ? -1.371  -2.593  -15.335 1.00 50.30  ? 202 ARG A CB  1 
ATOM   1284 C  CG  . ARG A 1 202 ? -2.548  -2.060  -14.517 1.00 48.92  ? 202 ARG A CG  1 
ATOM   1285 C  CD  . ARG A 1 202 ? -2.878  -0.640  -14.910 1.00 44.62  ? 202 ARG A CD  1 
ATOM   1286 N  NE  . ARG A 1 202 ? -3.876  -0.017  -14.028 1.00 45.91  ? 202 ARG A NE  1 
ATOM   1287 C  CZ  . ARG A 1 202 ? -5.190  -0.268  -14.053 1.00 42.71  ? 202 ARG A CZ  1 
ATOM   1288 N  NH1 . ARG A 1 202 ? -5.667  -1.166  -14.896 1.00 41.75  ? 202 ARG A NH1 1 
ATOM   1289 N  NH2 . ARG A 1 202 ? -6.020  0.369   -13.231 1.00 39.04  ? 202 ARG A NH2 1 
ATOM   1290 N  N   . ALA A 1 203 ? -2.062  -5.057  -17.077 1.00 48.63  ? 203 ALA A N   1 
ATOM   1291 C  CA  . ALA A 1 203 ? -3.052  -5.846  -17.819 1.00 48.42  ? 203 ALA A CA  1 
ATOM   1292 C  C   . ALA A 1 203 ? -3.128  -7.297  -17.310 1.00 48.17  ? 203 ALA A C   1 
ATOM   1293 O  O   . ALA A 1 203 ? -4.212  -7.820  -17.040 1.00 47.48  ? 203 ALA A O   1 
ATOM   1294 C  CB  . ALA A 1 203 ? -2.770  -5.806  -19.280 1.00 48.02  ? 203 ALA A CB  1 
ATOM   1295 N  N   . ALA A 1 204 ? -1.952  -7.901  -17.138 1.00 48.09  ? 204 ALA A N   1 
ATOM   1296 C  CA  . ALA A 1 204 ? -1.828  -9.279  -16.732 1.00 47.67  ? 204 ALA A CA  1 
ATOM   1297 C  C   . ALA A 1 204 ? -2.538  -9.388  -15.408 1.00 47.80  ? 204 ALA A C   1 
ATOM   1298 O  O   . ALA A 1 204 ? -3.410  -10.224 -15.217 1.00 47.93  ? 204 ALA A O   1 
ATOM   1299 C  CB  . ALA A 1 204 ? -0.352  -9.663  -16.591 1.00 46.65  ? 204 ALA A CB  1 
ATOM   1300 N  N   . LEU A 1 205 ? -2.185  -8.497  -14.508 1.00 48.13  ? 205 LEU A N   1 
ATOM   1301 C  CA  . LEU A 1 205 ? -2.669  -8.580  -13.161 1.00 48.90  ? 205 LEU A CA  1 
ATOM   1302 C  C   . LEU A 1 205 ? -4.199  -8.456  -13.110 1.00 48.91  ? 205 LEU A C   1 
ATOM   1303 O  O   . LEU A 1 205 ? -4.878  -9.222  -12.417 1.00 48.26  ? 205 LEU A O   1 
ATOM   1304 C  CB  . LEU A 1 205 ? -2.006  -7.491  -12.352 1.00 49.15  ? 205 LEU A CB  1 
ATOM   1305 C  CG  . LEU A 1 205 ? -2.857  -6.931  -11.240 1.00 51.23  ? 205 LEU A CG  1 
ATOM   1306 C  CD1 . LEU A 1 205 ? -3.314  -7.996  -10.246 1.00 53.10  ? 205 LEU A CD1 1 
ATOM   1307 C  CD2 . LEU A 1 205 ? -1.988  -5.915  -10.555 1.00 56.93  ? 205 LEU A CD2 1 
ATOM   1308 N  N   . VAL A 1 206 ? -4.727  -7.491  -13.858 1.00 48.93  ? 206 VAL A N   1 
ATOM   1309 C  CA  . VAL A 1 206 ? -6.137  -7.272  -13.885 1.00 48.57  ? 206 VAL A CA  1 
ATOM   1310 C  C   . VAL A 1 206 ? -6.828  -8.474  -14.529 1.00 49.64  ? 206 VAL A C   1 
ATOM   1311 O  O   . VAL A 1 206 ? -7.914  -8.908  -14.080 1.00 50.81  ? 206 VAL A O   1 
ATOM   1312 C  CB  . VAL A 1 206 ? -6.459  -5.979  -14.593 1.00 48.21  ? 206 VAL A CB  1 
ATOM   1313 C  CG1 . VAL A 1 206 ? -7.934  -5.911  -14.920 1.00 47.11  ? 206 VAL A CG1 1 
ATOM   1314 C  CG2 . VAL A 1 206 ? -6.065  -4.819  -13.721 1.00 46.48  ? 206 VAL A CG2 1 
ATOM   1315 N  N   . THR A 1 207 ? -6.188  -9.036  -15.553 1.00 49.83  ? 207 THR A N   1 
ATOM   1316 C  CA  . THR A 1 207 ? -6.736  -10.170 -16.273 1.00 49.58  ? 207 THR A CA  1 
ATOM   1317 C  C   . THR A 1 207 ? -6.767  -11.354 -15.348 1.00 50.16  ? 207 THR A C   1 
ATOM   1318 O  O   . THR A 1 207 ? -7.745  -12.085 -15.314 1.00 50.59  ? 207 THR A O   1 
ATOM   1319 C  CB  . THR A 1 207 ? -5.899  -10.482 -17.508 1.00 49.63  ? 207 THR A CB  1 
ATOM   1320 O  OG1 . THR A 1 207 ? -5.947  -9.355  -18.396 1.00 49.78  ? 207 THR A OG1 1 
ATOM   1321 C  CG2 . THR A 1 207 ? -6.424  -11.708 -18.231 1.00 49.36  ? 207 THR A CG2 1 
ATOM   1322 N  N   . ALA A 1 208 ? -5.710  -11.523 -14.564 1.00 50.59  ? 208 ALA A N   1 
ATOM   1323 C  CA  . ALA A 1 208 ? -5.638  -12.615 -13.613 1.00 51.36  ? 208 ALA A CA  1 
ATOM   1324 C  C   . ALA A 1 208 ? -6.771  -12.546 -12.584 1.00 52.46  ? 208 ALA A C   1 
ATOM   1325 O  O   . ALA A 1 208 ? -7.341  -13.578 -12.184 1.00 52.69  ? 208 ALA A O   1 
ATOM   1326 C  CB  . ALA A 1 208 ? -4.283  -12.629 -12.926 1.00 50.34  ? 208 ALA A CB  1 
ATOM   1327 N  N   . VAL A 1 209 ? -7.094  -11.336 -12.149 1.00 54.14  ? 209 VAL A N   1 
ATOM   1328 C  CA  . VAL A 1 209 ? -8.098  -11.168 -11.113 1.00 56.14  ? 209 VAL A CA  1 
ATOM   1329 C  C   . VAL A 1 209 ? -9.449  -11.400 -11.747 1.00 58.40  ? 209 VAL A C   1 
ATOM   1330 O  O   . VAL A 1 209 ? -10.337 -12.009 -11.123 1.00 58.21  ? 209 VAL A O   1 
ATOM   1331 C  CB  . VAL A 1 209 ? -8.017  -9.793  -10.414 1.00 55.90  ? 209 VAL A CB  1 
ATOM   1332 C  CG1 . VAL A 1 209 ? -9.162  -9.606  -9.414  1.00 55.02  ? 209 VAL A CG1 1 
ATOM   1333 C  CG2 . VAL A 1 209 ? -6.697  -9.652  -9.696  1.00 54.98  ? 209 VAL A CG2 1 
ATOM   1334 N  N   . GLU A 1 210 ? -9.590  -10.940 -12.997 1.00 61.20  ? 210 GLU A N   1 
ATOM   1335 C  CA  . GLU A 1 210 ? -10.751 -11.297 -13.792 1.00 63.94  ? 210 GLU A CA  1 
ATOM   1336 C  C   . GLU A 1 210 ? -10.928 -12.820 -13.849 1.00 65.21  ? 210 GLU A C   1 
ATOM   1337 O  O   . GLU A 1 210 ? -12.049 -13.314 -13.689 1.00 65.68  ? 210 GLU A O   1 
ATOM   1338 C  CB  . GLU A 1 210 ? -10.690 -10.697 -15.190 1.00 64.29  ? 210 GLU A CB  1 
ATOM   1339 C  CG  . GLU A 1 210 ? -11.698 -11.313 -16.203 1.00 68.05  ? 210 GLU A CG  1 
ATOM   1340 C  CD  . GLU A 1 210 ? -13.197 -11.153 -15.809 1.00 74.73  ? 210 GLU A CD  1 
ATOM   1341 O  OE1 . GLU A 1 210 ? -13.569 -10.143 -15.142 1.00 78.35  ? 210 GLU A OE1 1 
ATOM   1342 O  OE2 . GLU A 1 210 ? -14.018 -12.037 -16.184 1.00 76.03  ? 210 GLU A OE2 1 
ATOM   1343 N  N   . HIS A 1 211 ? -9.846  -13.571 -14.041 1.00 66.63  ? 211 HIS A N   1 
ATOM   1344 C  CA  . HIS A 1 211 ? -9.980  -15.027 -14.072 1.00 68.42  ? 211 HIS A CA  1 
ATOM   1345 C  C   . HIS A 1 211 ? -10.432 -15.604 -12.751 1.00 70.18  ? 211 HIS A C   1 
ATOM   1346 O  O   . HIS A 1 211 ? -11.258 -16.489 -12.737 1.00 69.98  ? 211 HIS A O   1 
ATOM   1347 C  CB  . HIS A 1 211 ? -8.721  -15.713 -14.582 1.00 68.03  ? 211 HIS A CB  1 
ATOM   1348 C  CG  . HIS A 1 211 ? -8.562  -15.616 -16.062 1.00 68.06  ? 211 HIS A CG  1 
ATOM   1349 N  ND1 . HIS A 1 211 ? -7.835  -14.613 -16.672 1.00 68.94  ? 211 HIS A ND1 1 
ATOM   1350 C  CD2 . HIS A 1 211 ? -9.078  -16.365 -17.062 1.00 66.50  ? 211 HIS A CD2 1 
ATOM   1351 C  CE1 . HIS A 1 211 ? -7.887  -14.767 -17.981 1.00 66.01  ? 211 HIS A CE1 1 
ATOM   1352 N  NE2 . HIS A 1 211 ? -8.634  -15.822 -18.242 1.00 65.69  ? 211 HIS A NE2 1 
HETATM 1353 N  N   . MSE A 1 212 ? -9.932  -15.090 -11.639 1.00 72.93  ? 212 MSE A N   1 
HETATM 1354 C  CA  . MSE A 1 212 ? -10.384 -15.590 -10.347 1.00 76.78  ? 212 MSE A CA  1 
HETATM 1355 C  C   . MSE A 1 212 ? -11.849 -15.339 -10.042 1.00 76.59  ? 212 MSE A C   1 
HETATM 1356 O  O   . MSE A 1 212 ? -12.600 -16.276 -9.767  1.00 76.84  ? 212 MSE A O   1 
HETATM 1357 C  CB  . MSE A 1 212 ? -9.582  -14.979 -9.253  1.00 75.72  ? 212 MSE A CB  1 
HETATM 1358 C  CG  . MSE A 1 212 ? -8.396  -15.767 -8.939  1.00 78.66  ? 212 MSE A CG  1 
HETATM 1359 SE SE  . MSE A 1 212 ? -7.206  -14.487 -8.125  1.00 84.31  ? 212 MSE A SE  1 
HETATM 1360 C  CE  . MSE A 1 212 ? -8.002  -14.250 -6.337  1.00 83.13  ? 212 MSE A CE  1 
ATOM   1361 N  N   . PHE A 1 213 ? -12.241 -14.070 -10.071 1.00 77.56  ? 213 PHE A N   1 
ATOM   1362 C  CA  . PHE A 1 213 ? -13.621 -13.678 -9.798  1.00 78.27  ? 213 PHE A CA  1 
ATOM   1363 C  C   . PHE A 1 213 ? -14.205 -12.948 -11.008 1.00 79.60  ? 213 PHE A C   1 
ATOM   1364 O  O   . PHE A 1 213 ? -14.102 -11.717 -11.089 1.00 79.90  ? 213 PHE A O   1 
ATOM   1365 C  CB  . PHE A 1 213 ? -13.691 -12.777 -8.562  1.00 77.33  ? 213 PHE A CB  1 
ATOM   1366 C  CG  . PHE A 1 213 ? -12.692 -13.119 -7.495  1.00 75.94  ? 213 PHE A CG  1 
ATOM   1367 C  CD1 . PHE A 1 213 ? -11.461 -12.460 -7.435  1.00 74.74  ? 213 PHE A CD1 1 
ATOM   1368 C  CD2 . PHE A 1 213 ? -12.983 -14.075 -6.533  1.00 72.94  ? 213 PHE A CD2 1 
ATOM   1369 C  CE1 . PHE A 1 213 ? -10.541 -12.772 -6.435  1.00 72.70  ? 213 PHE A CE1 1 
ATOM   1370 C  CE2 . PHE A 1 213 ? -12.063 -14.385 -5.537  1.00 71.77  ? 213 PHE A CE2 1 
ATOM   1371 C  CZ  . PHE A 1 213 ? -10.850 -13.736 -5.487  1.00 72.30  ? 213 PHE A CZ  1 
ATOM   1372 N  N   . PRO A 1 214 ? -14.820 -13.695 -11.955 1.00 80.97  ? 214 PRO A N   1 
ATOM   1373 C  CA  . PRO A 1 214 ? -15.220 -13.088 -13.236 1.00 82.17  ? 214 PRO A CA  1 
ATOM   1374 C  C   . PRO A 1 214 ? -16.410 -12.121 -13.102 1.00 83.79  ? 214 PRO A C   1 
ATOM   1375 O  O   . PRO A 1 214 ? -17.489 -12.539 -12.640 1.00 84.07  ? 214 PRO A O   1 
ATOM   1376 C  CB  . PRO A 1 214 ? -15.574 -14.296 -14.113 1.00 81.85  ? 214 PRO A CB  1 
ATOM   1377 C  CG  . PRO A 1 214 ? -15.153 -15.515 -13.323 1.00 81.36  ? 214 PRO A CG  1 
ATOM   1378 C  CD  . PRO A 1 214 ? -15.177 -15.123 -11.896 1.00 80.81  ? 214 PRO A CD  1 
ATOM   1379 N  N   . ARG A 1 215 ? -16.203 -10.845 -13.485 1.00 85.15  ? 215 ARG A N   1 
ATOM   1380 C  CA  . ARG A 1 215 ? -17.246 -9.785  -13.416 1.00 86.36  ? 215 ARG A CA  1 
ATOM   1381 C  C   . ARG A 1 215 ? -18.610 -10.185 -14.038 1.00 86.67  ? 215 ARG A C   1 
ATOM   1382 O  O   . ARG A 1 215 ? -18.642 -10.931 -15.037 1.00 86.76  ? 215 ARG A O   1 
ATOM   1383 C  CB  . ARG A 1 215 ? -16.748 -8.485  -14.051 1.00 86.44  ? 215 ARG A CB  1 
ATOM   1384 C  CG  . ARG A 1 215 ? -15.646 -7.817  -13.286 1.00 87.86  ? 215 ARG A CG  1 
ATOM   1385 C  CD  . ARG A 1 215 ? -15.266 -6.510  -13.963 1.00 91.13  ? 215 ARG A CD  1 
ATOM   1386 N  NE  . ARG A 1 215 ? -16.121 -5.385  -13.561 1.00 93.72  ? 215 ARG A NE  1 
ATOM   1387 C  CZ  . ARG A 1 215 ? -16.971 -4.728  -14.358 1.00 94.41  ? 215 ARG A CZ  1 
ATOM   1388 N  NH1 . ARG A 1 215 ? -17.109 -5.072  -15.637 1.00 95.47  ? 215 ARG A NH1 1 
ATOM   1389 N  NH2 . ARG A 1 215 ? -17.689 -3.714  -13.875 1.00 92.97  ? 215 ARG A NH2 1 
ATOM   1390 N  N   . PRO A 1 216 ? -19.732 -9.686  -13.452 1.00 86.89  ? 216 PRO A N   1 
ATOM   1391 C  CA  . PRO A 1 216 ? -21.079 -10.063 -13.921 1.00 86.94  ? 216 PRO A CA  1 
ATOM   1392 C  C   . PRO A 1 216 ? -21.656 -9.077  -14.955 1.00 86.62  ? 216 PRO A C   1 
ATOM   1393 O  O   . PRO A 1 216 ? -22.829 -9.175  -15.319 1.00 86.08  ? 216 PRO A O   1 
ATOM   1394 C  CB  . PRO A 1 216 ? -21.902 -10.047 -12.626 1.00 86.95  ? 216 PRO A CB  1 
ATOM   1395 C  CG  . PRO A 1 216 ? -21.191 -8.967  -11.754 1.00 86.89  ? 216 PRO A CG  1 
ATOM   1396 C  CD  . PRO A 1 216 ? -19.800 -8.741  -12.315 1.00 86.71  ? 216 PRO A CD  1 
HETATM 1397 S  S   . SO4 B 2 .   ? 5.143   2.162   -19.669 1.00 107.62 ? 227 SO4 A S   1 
HETATM 1398 O  O1  . SO4 B 2 .   ? 4.617   3.471   -19.297 1.00 105.95 ? 227 SO4 A O1  1 
HETATM 1399 O  O2  . SO4 B 2 .   ? 5.718   2.154   -21.023 1.00 107.55 ? 227 SO4 A O2  1 
HETATM 1400 O  O3  . SO4 B 2 .   ? 6.155   1.751   -18.689 1.00 107.89 ? 227 SO4 A O3  1 
HETATM 1401 O  O4  . SO4 B 2 .   ? 4.045   1.207   -19.638 1.00 108.34 ? 227 SO4 A O4  1 
HETATM 1402 S  S   . SO4 C 2 .   ? -0.139  17.439  4.761   1.00 137.22 ? 228 SO4 A S   1 
HETATM 1403 O  O1  . SO4 C 2 .   ? -0.166  18.838  5.176   1.00 136.89 ? 228 SO4 A O1  1 
HETATM 1404 O  O2  . SO4 C 2 .   ? -1.290  16.728  5.330   1.00 137.20 ? 228 SO4 A O2  1 
HETATM 1405 O  O3  . SO4 C 2 .   ? -0.202  17.394  3.303   1.00 136.64 ? 228 SO4 A O3  1 
HETATM 1406 O  O4  . SO4 C 2 .   ? 1.096   16.807  5.244   1.00 137.49 ? 228 SO4 A O4  1 
HETATM 1407 S  S   . SO4 D 2 .   ? 7.595   26.277  12.328  1.00 136.48 ? 229 SO4 A S   1 
HETATM 1408 O  O1  . SO4 D 2 .   ? 8.999   26.230  11.897  1.00 136.39 ? 229 SO4 A O1  1 
HETATM 1409 O  O2  . SO4 D 2 .   ? 6.707   26.710  11.245  1.00 136.09 ? 229 SO4 A O2  1 
HETATM 1410 O  O3  . SO4 D 2 .   ? 7.173   24.955  12.782  1.00 136.76 ? 229 SO4 A O3  1 
HETATM 1411 O  O4  . SO4 D 2 .   ? 7.485   27.210  13.438  1.00 136.38 ? 229 SO4 A O4  1 
HETATM 1412 S  S   . SO4 E 2 .   ? 19.174  10.804  15.341  1.00 120.88 ? 230 SO4 A S   1 
HETATM 1413 O  O1  . SO4 E 2 .   ? 19.166  11.664  16.523  1.00 121.11 ? 230 SO4 A O1  1 
HETATM 1414 O  O2  . SO4 E 2 .   ? 18.985  11.641  14.168  1.00 120.30 ? 230 SO4 A O2  1 
HETATM 1415 O  O3  . SO4 E 2 .   ? 20.473  10.156  15.178  1.00 120.47 ? 230 SO4 A O3  1 
HETATM 1416 O  O4  . SO4 E 2 .   ? 18.105  9.800   15.475  1.00 120.24 ? 230 SO4 A O4  1 
HETATM 1417 O  O   . HOH F 3 .   ? 8.590   7.544   23.382  1.00 68.29  ? 231 HOH A O   1 
HETATM 1418 O  O   . HOH F 3 .   ? 7.172   6.599   21.436  1.00 62.98  ? 232 HOH A O   1 
HETATM 1419 O  O   . HOH F 3 .   ? -14.575 0.529   0.466   1.00 61.10  ? 233 HOH A O   1 
HETATM 1420 O  O   . HOH F 3 .   ? -15.195 -20.889 -6.502  1.00 59.83  ? 234 HOH A O   1 
HETATM 1421 O  O   . HOH F 3 .   ? 19.105  20.804  16.041  1.00 73.43  ? 235 HOH A O   1 
HETATM 1422 O  O   . HOH F 3 .   ? 23.492  5.729   9.642   1.00 84.21  ? 236 HOH A O   1 
HETATM 1423 O  O   . HOH F 3 .   ? 23.308  11.379  5.900   1.00 73.04  ? 237 HOH A O   1 
HETATM 1424 O  O   . HOH F 3 .   ? 5.002   22.429  1.565   1.00 76.88  ? 238 HOH A O   1 
HETATM 1425 O  O   . HOH F 3 .   ? 13.291  8.612   19.369  1.00 69.50  ? 239 HOH A O   1 
HETATM 1426 O  O   . HOH F 3 .   ? -18.883 0.421   -3.885  1.00 85.31  ? 240 HOH A O   1 
# 
